data_9R19
#
_entry.id   9R19
#
_cell.length_a   97.920
_cell.length_b   108.150
_cell.length_c   146.100
_cell.angle_alpha   90.00
_cell.angle_beta   98.89
_cell.angle_gamma   90.00
#
_symmetry.space_group_name_H-M   'P 1 21 1'
#
loop_
_entity.id
_entity.type
_entity.pdbx_description
1 polymer 'Processed angiotensin-converting enzyme 2'
2 polymer 'VHH B10'
3 polymer 'VHH B07'
4 non-polymer 2-acetamido-2-deoxy-beta-D-glucopyranose
5 non-polymer 'CHLORIDE ION'
6 water water
#
loop_
_entity_poly.entity_id
_entity_poly.type
_entity_poly.pdbx_seq_one_letter_code
_entity_poly.pdbx_strand_id
1 'polypeptide(L)'
;STIEEQAKTFLDKFNHEAEDLFYQSSLASWNYNTNITEENVQNMNNAGDKWSAFLKEQSTLAQMYPLQEIQNLTVKLQLQ
ALQQNGSSVLSEDKSKRLNTILNTMSTIYSTGKVCNPDNPQECLLLEPGLNEIMANSLDYNERLWAWESWRSEVGKQLRP
LYEEYVVLKNEMARANHYEDYGDYWRGDYEVNGVDGYDYSRGQLIEDVEHTFEEIKPLYEHLHAYVRAKLMNAYPSYISP
IGCLPAHLLGDMWGRFWTNLYSLTVPFGQKPNIDVTDAMVDQAWDAQRIFKEAEKFFVSVGLPNMTQGFWENSMLTDPGN
VQKAVCHPTAWDLGKGDFRILMCTKVTMDDFLTAHHEMGHIQYDMAYAAQPFLLRNGANEGFHEAVGEIMSLSAATPKHL
KSIGLLSPDFQEDNETEINFLLKQALTIVGTLPFTYMLEKWRWMVFKGEIPKDQWMKKWWEMKREIVGVVEPVPHDETYC
DPASLFHVSNDYSFIRYYTRTLYQFQFQEALCQAAKHEGPLHKCDISNSTEAGQKLFNMLRLGKSEPWTLALENVVGAKN
MNVRPLLNYFEPLFTWLKDQNKNSFVGWSTDWSPYADGSGLVPR
;
A,B,C
2 'polypeptide(L)'
;MAQVQLVESGGGLVQAGDSLRLSCAASGRTFSSYAMGWFRQALGKEREFVAVISGSGTSTYYTDSVKGRFTISRDNAKNT
VYLQMNSLKPEDTAVYYCARAKGFSTIYNQDEGRYDYWGQGTQVTVSSAAAEQKLISEEDLNGAAHHHHHHGS
;
D,E,F
3 'polypeptide(L)'
;MAEVQLQASGGGLVQAGGSLRLSCAASRSTFSTNTIGWYRQAPGKQRELVASISTSGNTYYPDSVKGRFAISRDNAENTV
YLQMNSLKPEDTAVYYCNTPSRRISNFWGQGTQVTVSSAAAEQKLISEEDLNGAAHHHHHHGS
;
G,H,I
#
loop_
_chem_comp.id
_chem_comp.type
_chem_comp.name
_chem_comp.formula
CL non-polymer 'CHLORIDE ION' 'Cl -1'
NAG D-saccharide, beta linking 2-acetamido-2-deoxy-beta-D-glucopyranose 'C8 H15 N O6'
#
# COMPACT_ATOMS: atom_id res chain seq x y z
N SER A 1 -70.07 15.82 -5.65
CA SER A 1 -70.79 17.09 -5.63
C SER A 1 -70.37 18.02 -4.47
N THR A 2 -70.59 17.64 -3.17
CA THR A 2 -70.14 18.47 -2.05
C THR A 2 -68.62 18.38 -1.85
N ILE A 3 -68.05 19.31 -1.09
CA ILE A 3 -66.62 19.31 -0.83
C ILE A 3 -66.20 18.09 0.00
N GLU A 4 -67.10 17.55 0.84
CA GLU A 4 -66.80 16.35 1.61
C GLU A 4 -66.78 15.14 0.71
N GLU A 5 -67.76 15.03 -0.18
CA GLU A 5 -67.85 13.95 -1.15
C GLU A 5 -66.63 13.98 -2.10
N GLN A 6 -66.09 15.18 -2.39
CA GLN A 6 -64.94 15.37 -3.26
C GLN A 6 -63.69 14.87 -2.55
N ALA A 7 -63.53 15.23 -1.26
CA ALA A 7 -62.42 14.81 -0.41
C ALA A 7 -62.43 13.30 -0.23
N LYS A 8 -63.61 12.70 -0.07
CA LYS A 8 -63.77 11.25 0.08
C LYS A 8 -63.25 10.54 -1.14
N THR A 9 -63.56 11.06 -2.34
CA THR A 9 -63.09 10.52 -3.61
C THR A 9 -61.56 10.59 -3.65
N PHE A 10 -60.99 11.75 -3.28
CA PHE A 10 -59.55 11.96 -3.26
C PHE A 10 -58.88 10.97 -2.32
N LEU A 11 -59.47 10.74 -1.14
CA LEU A 11 -58.88 9.81 -0.18
C LEU A 11 -59.00 8.34 -0.60
N ASP A 12 -59.99 8.01 -1.42
CA ASP A 12 -60.13 6.66 -1.95
C ASP A 12 -59.02 6.39 -2.95
N LYS A 13 -58.66 7.39 -3.77
CA LYS A 13 -57.57 7.27 -4.74
C LYS A 13 -56.28 7.14 -3.97
N PHE A 14 -56.08 7.97 -2.92
CA PHE A 14 -54.89 7.95 -2.10
C PHE A 14 -54.69 6.58 -1.45
N ASN A 15 -55.70 6.09 -0.74
CA ASN A 15 -55.62 4.80 -0.05
C ASN A 15 -55.33 3.64 -1.01
N HIS A 16 -55.80 3.77 -2.25
CA HIS A 16 -55.58 2.77 -3.28
C HIS A 16 -54.10 2.72 -3.73
N GLU A 17 -53.54 3.86 -4.10
CA GLU A 17 -52.18 3.95 -4.61
C GLU A 17 -51.11 3.82 -3.55
N ALA A 18 -51.44 4.10 -2.29
CA ALA A 18 -50.48 4.06 -1.19
C ALA A 18 -50.01 2.67 -0.84
N GLU A 19 -50.87 1.66 -1.01
CA GLU A 19 -50.57 0.26 -0.69
C GLU A 19 -49.24 -0.24 -1.31
N ASP A 20 -49.07 -0.11 -2.63
CA ASP A 20 -47.85 -0.57 -3.30
C ASP A 20 -46.62 0.29 -3.06
N LEU A 21 -46.77 1.62 -3.16
CA LEU A 21 -45.65 2.52 -2.92
C LEU A 21 -45.06 2.35 -1.53
N PHE A 22 -45.92 2.28 -0.49
CA PHE A 22 -45.46 2.13 0.86
C PHE A 22 -44.81 0.75 1.05
N TYR A 23 -45.48 -0.35 0.63
CA TYR A 23 -44.94 -1.72 0.77
C TYR A 23 -43.56 -1.87 0.09
N GLN A 24 -43.38 -1.34 -1.13
CA GLN A 24 -42.08 -1.40 -1.79
C GLN A 24 -41.00 -0.57 -1.06
N SER A 25 -41.38 0.56 -0.43
CA SER A 25 -40.45 1.39 0.33
C SER A 25 -40.03 0.69 1.59
N SER A 26 -40.97 0.00 2.26
CA SER A 26 -40.75 -0.73 3.50
C SER A 26 -39.94 -1.99 3.25
N LEU A 27 -40.26 -2.73 2.17
CA LEU A 27 -39.54 -3.95 1.86
C LEU A 27 -38.09 -3.66 1.55
N ALA A 28 -37.83 -2.57 0.81
CA ALA A 28 -36.46 -2.16 0.50
C ALA A 28 -35.73 -1.80 1.80
N SER A 29 -36.40 -1.09 2.71
CA SER A 29 -35.83 -0.70 4.00
C SER A 29 -35.52 -1.95 4.82
N TRP A 30 -36.42 -2.94 4.82
CA TRP A 30 -36.23 -4.21 5.49
C TRP A 30 -35.02 -4.95 4.91
N ASN A 31 -34.93 -5.04 3.57
CA ASN A 31 -33.84 -5.72 2.88
C ASN A 31 -32.47 -5.06 3.08
N TYR A 32 -32.46 -3.77 3.45
CA TYR A 32 -31.22 -3.08 3.73
C TYR A 32 -30.86 -3.30 5.21
N ASN A 33 -31.83 -3.08 6.12
CA ASN A 33 -31.61 -3.22 7.56
C ASN A 33 -31.25 -4.64 8.00
N THR A 34 -31.58 -5.66 7.20
CA THR A 34 -31.21 -7.05 7.51
C THR A 34 -29.95 -7.53 6.73
N ASN A 35 -29.61 -6.88 5.58
CA ASN A 35 -28.42 -7.21 4.78
C ASN A 35 -27.73 -5.92 4.32
N ILE A 36 -27.06 -5.23 5.24
CA ILE A 36 -26.38 -3.98 4.92
C ILE A 36 -25.32 -4.11 3.84
N THR A 37 -25.69 -3.68 2.61
CA THR A 37 -24.86 -3.64 1.40
C THR A 37 -25.12 -2.32 0.64
N GLU A 38 -24.21 -1.95 -0.29
CA GLU A 38 -24.39 -0.75 -1.09
C GLU A 38 -25.53 -0.92 -2.10
N GLU A 39 -25.72 -2.14 -2.62
CA GLU A 39 -26.82 -2.42 -3.53
C GLU A 39 -28.16 -2.24 -2.80
N ASN A 40 -28.25 -2.72 -1.55
CA ASN A 40 -29.47 -2.61 -0.76
C ASN A 40 -29.73 -1.21 -0.25
N VAL A 41 -28.68 -0.40 0.02
CA VAL A 41 -28.90 0.97 0.47
C VAL A 41 -29.46 1.83 -0.64
N GLN A 42 -29.03 1.58 -1.90
CA GLN A 42 -29.52 2.31 -3.04
C GLN A 42 -30.95 1.91 -3.37
N ASN A 43 -31.30 0.61 -3.24
CA ASN A 43 -32.66 0.11 -3.45
C ASN A 43 -33.61 0.77 -2.44
N MET A 44 -33.17 0.86 -1.17
CA MET A 44 -33.92 1.47 -0.08
C MET A 44 -34.19 2.94 -0.36
N ASN A 45 -33.18 3.66 -0.89
CA ASN A 45 -33.28 5.06 -1.23
C ASN A 45 -34.20 5.27 -2.43
N ASN A 46 -34.13 4.40 -3.46
CA ASN A 46 -34.97 4.53 -4.64
C ASN A 46 -36.44 4.43 -4.28
N ALA A 47 -36.82 3.35 -3.56
CA ALA A 47 -38.19 3.09 -3.13
C ALA A 47 -38.69 4.17 -2.17
N GLY A 48 -37.82 4.62 -1.27
CA GLY A 48 -38.15 5.66 -0.30
C GLY A 48 -38.38 6.99 -0.96
N ASP A 49 -37.64 7.30 -2.03
CA ASP A 49 -37.80 8.54 -2.78
C ASP A 49 -39.10 8.55 -3.58
N LYS A 50 -39.53 7.38 -4.06
CA LYS A 50 -40.79 7.24 -4.78
C LYS A 50 -41.94 7.51 -3.79
N TRP A 51 -41.84 6.98 -2.56
CA TRP A 51 -42.83 7.17 -1.52
C TRP A 51 -42.95 8.63 -1.11
N SER A 52 -41.81 9.31 -0.96
CA SER A 52 -41.77 10.72 -0.60
C SER A 52 -42.39 11.60 -1.69
N ALA A 53 -42.14 11.26 -2.96
CA ALA A 53 -42.71 12.00 -4.09
C ALA A 53 -44.22 11.87 -4.15
N PHE A 54 -44.73 10.67 -3.86
CA PHE A 54 -46.16 10.38 -3.82
C PHE A 54 -46.79 11.18 -2.70
N LEU A 55 -46.15 11.17 -1.53
CA LEU A 55 -46.62 11.92 -0.37
C LEU A 55 -46.61 13.44 -0.64
N LYS A 56 -45.59 13.96 -1.32
CA LYS A 56 -45.56 15.38 -1.65
C LYS A 56 -46.62 15.74 -2.72
N GLU A 57 -46.97 14.79 -3.61
CA GLU A 57 -47.99 15.03 -4.62
C GLU A 57 -49.36 15.08 -3.95
N GLN A 58 -49.70 14.03 -3.19
CA GLN A 58 -50.96 13.91 -2.48
C GLN A 58 -51.15 15.00 -1.44
N SER A 59 -50.05 15.53 -0.88
CA SER A 59 -50.10 16.62 0.10
C SER A 59 -50.65 17.88 -0.56
N THR A 60 -50.05 18.29 -1.67
CA THR A 60 -50.48 19.48 -2.40
C THR A 60 -51.90 19.32 -2.99
N LEU A 61 -52.29 18.08 -3.31
CA LEU A 61 -53.63 17.79 -3.81
C LEU A 61 -54.66 17.93 -2.69
N ALA A 62 -54.32 17.49 -1.47
CA ALA A 62 -55.20 17.56 -0.30
C ALA A 62 -55.50 18.99 0.14
N GLN A 63 -54.68 19.96 -0.28
CA GLN A 63 -54.83 21.37 0.11
C GLN A 63 -56.16 22.00 -0.33
N MET A 64 -56.70 21.58 -1.48
CA MET A 64 -57.96 22.18 -1.96
C MET A 64 -59.20 21.73 -1.19
N TYR A 65 -59.05 20.97 -0.10
CA TYR A 65 -60.18 20.53 0.69
C TYR A 65 -60.08 21.16 2.08
N PRO A 66 -60.75 22.31 2.28
CA PRO A 66 -60.69 22.98 3.60
C PRO A 66 -61.33 22.10 4.67
N LEU A 67 -60.53 21.63 5.64
CA LEU A 67 -61.01 20.72 6.69
C LEU A 67 -62.09 21.35 7.64
N GLN A 68 -62.41 22.63 7.43
CA GLN A 68 -63.47 23.33 8.16
C GLN A 68 -64.83 22.92 7.58
N GLU A 69 -64.92 22.73 6.25
CA GLU A 69 -66.14 22.29 5.59
C GLU A 69 -66.32 20.76 5.63
N ILE A 70 -65.64 20.07 6.57
CA ILE A 70 -65.67 18.62 6.73
C ILE A 70 -66.24 18.22 8.10
N GLN A 71 -67.36 17.48 8.09
CA GLN A 71 -68.06 16.99 9.29
C GLN A 71 -67.57 15.61 9.72
N ASN A 72 -67.37 14.69 8.75
CA ASN A 72 -66.91 13.32 9.01
C ASN A 72 -65.47 13.35 9.60
N LEU A 73 -65.34 12.98 10.89
CA LEU A 73 -64.06 12.99 11.61
C LEU A 73 -62.98 12.11 10.98
N THR A 74 -63.36 10.94 10.47
CA THR A 74 -62.41 10.00 9.86
C THR A 74 -61.76 10.62 8.64
N VAL A 75 -62.56 11.28 7.77
CA VAL A 75 -61.99 11.90 6.59
C VAL A 75 -61.24 13.19 6.95
N LYS A 76 -61.72 13.94 7.96
CA LYS A 76 -61.09 15.17 8.42
C LYS A 76 -59.70 14.89 8.94
N LEU A 77 -59.53 13.82 9.73
CA LEU A 77 -58.24 13.44 10.32
C LEU A 77 -57.24 12.97 9.28
N GLN A 78 -57.70 12.26 8.25
CA GLN A 78 -56.83 11.80 7.18
C GLN A 78 -56.38 12.98 6.34
N LEU A 79 -57.29 13.91 6.05
CA LEU A 79 -56.99 15.10 5.28
C LEU A 79 -56.04 15.99 6.07
N GLN A 80 -56.27 16.15 7.37
CA GLN A 80 -55.45 16.96 8.28
C GLN A 80 -54.00 16.47 8.27
N ALA A 81 -53.78 15.15 8.32
CA ALA A 81 -52.44 14.56 8.31
C ALA A 81 -51.75 14.69 6.95
N LEU A 82 -52.52 14.67 5.86
CA LEU A 82 -51.96 14.74 4.52
C LEU A 82 -51.60 16.14 4.13
N GLN A 83 -52.35 17.15 4.60
CA GLN A 83 -52.07 18.52 4.22
C GLN A 83 -50.96 19.19 5.03
N GLN A 84 -50.14 18.39 5.73
CA GLN A 84 -49.00 18.88 6.48
C GLN A 84 -47.86 18.99 5.49
N ASN A 85 -47.22 20.17 5.39
CA ASN A 85 -46.16 20.36 4.41
C ASN A 85 -44.81 19.78 4.86
N GLY A 86 -44.47 20.02 6.12
CA GLY A 86 -43.24 19.50 6.69
C GLY A 86 -41.99 20.02 6.03
N SER A 87 -41.11 19.11 5.61
CA SER A 87 -39.82 19.43 4.99
C SER A 87 -39.95 20.03 3.57
N SER A 88 -41.08 19.78 2.88
CA SER A 88 -41.32 20.28 1.51
C SER A 88 -41.44 21.81 1.42
N VAL A 89 -41.66 22.47 2.55
CA VAL A 89 -41.74 23.93 2.66
C VAL A 89 -40.36 24.62 2.39
N LEU A 90 -39.26 23.84 2.44
CA LEU A 90 -37.90 24.33 2.24
C LEU A 90 -37.54 24.38 0.77
N SER A 91 -36.60 25.27 0.42
CA SER A 91 -36.09 25.37 -0.93
C SER A 91 -35.36 24.06 -1.31
N GLU A 92 -35.22 23.77 -2.61
CA GLU A 92 -34.56 22.55 -3.05
C GLU A 92 -33.17 22.34 -2.44
N ASP A 93 -32.35 23.41 -2.40
CA ASP A 93 -31.01 23.36 -1.83
C ASP A 93 -31.02 23.08 -0.35
N LYS A 94 -31.99 23.65 0.37
CA LYS A 94 -32.09 23.45 1.80
C LYS A 94 -32.62 22.07 2.14
N SER A 95 -33.54 21.53 1.33
CA SER A 95 -34.03 20.16 1.55
C SER A 95 -32.90 19.16 1.29
N LYS A 96 -32.10 19.39 0.24
CA LYS A 96 -30.96 18.55 -0.08
C LYS A 96 -29.90 18.62 1.03
N ARG A 97 -29.54 19.84 1.49
CA ARG A 97 -28.57 20.05 2.56
C ARG A 97 -29.02 19.42 3.88
N LEU A 98 -30.28 19.59 4.25
CA LEU A 98 -30.79 19.03 5.49
C LEU A 98 -30.75 17.51 5.47
N ASN A 99 -31.12 16.89 4.34
CA ASN A 99 -31.06 15.42 4.24
C ASN A 99 -29.62 14.93 4.26
N THR A 100 -28.68 15.72 3.74
CA THR A 100 -27.26 15.40 3.77
C THR A 100 -26.78 15.36 5.22
N ILE A 101 -27.10 16.40 6.02
CA ILE A 101 -26.73 16.47 7.43
C ILE A 101 -27.34 15.30 8.19
N LEU A 102 -28.61 15.02 7.97
CA LEU A 102 -29.30 13.93 8.63
C LEU A 102 -28.65 12.58 8.35
N ASN A 103 -28.29 12.31 7.10
CA ASN A 103 -27.65 11.04 6.74
C ASN A 103 -26.23 10.98 7.28
N THR A 104 -25.50 12.09 7.26
CA THR A 104 -24.14 12.15 7.77
C THR A 104 -24.12 11.91 9.27
N MET A 105 -25.03 12.52 10.02
CA MET A 105 -25.11 12.30 11.47
C MET A 105 -25.48 10.86 11.76
N SER A 106 -26.39 10.28 10.98
CA SER A 106 -26.82 8.91 11.15
C SER A 106 -25.70 7.93 10.91
N THR A 107 -24.88 8.15 9.88
CA THR A 107 -23.78 7.23 9.58
C THR A 107 -22.59 7.46 10.49
N ILE A 108 -22.38 8.68 11.02
CA ILE A 108 -21.30 8.91 11.99
C ILE A 108 -21.62 8.09 13.26
N TYR A 109 -22.86 8.13 13.72
CA TYR A 109 -23.29 7.37 14.87
C TYR A 109 -23.17 5.87 14.65
N SER A 110 -23.64 5.35 13.52
CA SER A 110 -23.63 3.91 13.27
C SER A 110 -22.27 3.33 12.87
N THR A 111 -21.35 4.15 12.39
CA THR A 111 -20.02 3.67 11.98
C THR A 111 -18.86 4.26 12.80
N GLY A 112 -19.16 5.05 13.81
CA GLY A 112 -18.16 5.69 14.64
C GLY A 112 -17.50 4.66 15.51
N LYS A 113 -16.18 4.72 15.53
CA LYS A 113 -15.36 3.79 16.28
C LYS A 113 -14.28 4.48 17.10
N VAL A 114 -14.01 3.98 18.31
CA VAL A 114 -12.93 4.47 19.16
C VAL A 114 -11.75 3.51 18.97
N CYS A 115 -10.54 4.04 18.80
CA CYS A 115 -9.38 3.19 18.50
C CYS A 115 -8.23 3.32 19.47
N ASN A 116 -7.32 2.34 19.42
CA ASN A 116 -6.11 2.35 20.20
C ASN A 116 -5.17 3.32 19.49
N PRO A 117 -4.58 4.28 20.23
CA PRO A 117 -3.70 5.26 19.59
C PRO A 117 -2.45 4.66 18.93
N ASP A 118 -1.89 3.60 19.54
CA ASP A 118 -0.71 2.92 19.01
C ASP A 118 -1.02 1.76 18.06
N ASN A 119 -2.31 1.45 17.86
CA ASN A 119 -2.76 0.38 16.96
C ASN A 119 -4.11 0.82 16.42
N PRO A 120 -4.12 1.63 15.36
CA PRO A 120 -5.38 2.15 14.83
C PRO A 120 -6.33 1.09 14.24
N GLN A 121 -5.83 -0.10 13.92
CA GLN A 121 -6.67 -1.18 13.41
C GLN A 121 -7.50 -1.81 14.53
N GLU A 122 -7.04 -1.77 15.79
CA GLU A 122 -7.75 -2.30 16.95
C GLU A 122 -8.80 -1.27 17.40
N CYS A 123 -10.07 -1.46 16.99
CA CYS A 123 -11.12 -0.49 17.28
C CYS A 123 -12.38 -1.13 17.87
N LEU A 124 -13.25 -0.29 18.46
CA LEU A 124 -14.52 -0.73 19.01
C LEU A 124 -15.64 0.12 18.42
N LEU A 125 -16.79 -0.49 18.13
CA LEU A 125 -17.97 0.28 17.70
C LEU A 125 -18.84 0.49 18.94
N LEU A 126 -19.83 1.40 18.89
CA LEU A 126 -20.74 1.60 20.00
C LEU A 126 -21.48 0.29 20.33
N GLU A 127 -22.04 -0.35 19.30
CA GLU A 127 -22.69 -1.63 19.48
C GLU A 127 -21.92 -2.67 18.67
N PRO A 128 -21.41 -3.72 19.32
CA PRO A 128 -21.59 -4.08 20.73
C PRO A 128 -20.48 -3.63 21.69
N GLY A 129 -19.29 -3.40 21.16
CA GLY A 129 -18.07 -3.06 21.88
C GLY A 129 -18.20 -2.13 23.08
N LEU A 130 -18.44 -0.84 22.84
CA LEU A 130 -18.52 0.18 23.89
C LEU A 130 -19.74 0.01 24.79
N ASN A 131 -20.84 -0.53 24.24
CA ASN A 131 -22.06 -0.79 25.03
C ASN A 131 -21.87 -1.94 25.99
N GLU A 132 -21.03 -2.92 25.64
CA GLU A 132 -20.72 -4.06 26.49
C GLU A 132 -19.89 -3.59 27.69
N ILE A 133 -18.95 -2.63 27.47
CA ILE A 133 -18.12 -2.08 28.54
C ILE A 133 -19.04 -1.32 29.50
N MET A 134 -19.91 -0.47 28.96
CA MET A 134 -20.80 0.33 29.78
C MET A 134 -21.81 -0.52 30.54
N ALA A 135 -22.22 -1.66 29.97
CA ALA A 135 -23.19 -2.52 30.66
C ALA A 135 -22.60 -3.47 31.68
N ASN A 136 -21.35 -3.95 31.45
CA ASN A 136 -20.78 -4.96 32.35
C ASN A 136 -19.53 -4.59 33.13
N SER A 137 -18.80 -3.58 32.68
CA SER A 137 -17.55 -3.22 33.33
C SER A 137 -17.72 -2.75 34.76
N LEU A 138 -16.73 -3.12 35.59
CA LEU A 138 -16.66 -2.73 36.99
C LEU A 138 -15.45 -1.84 37.29
N ASP A 139 -14.61 -1.54 36.28
CA ASP A 139 -13.44 -0.70 36.48
C ASP A 139 -13.78 0.75 36.12
N TYR A 140 -13.55 1.68 37.07
CA TYR A 140 -13.82 3.10 36.91
C TYR A 140 -13.08 3.66 35.70
N ASN A 141 -11.78 3.36 35.57
CA ASN A 141 -10.94 3.86 34.48
C ASN A 141 -11.35 3.38 33.10
N GLU A 142 -11.74 2.11 32.96
CA GLU A 142 -12.19 1.56 31.68
C GLU A 142 -13.52 2.16 31.29
N ARG A 143 -14.45 2.28 32.24
CA ARG A 143 -15.75 2.88 32.00
C ARG A 143 -15.58 4.36 31.61
N LEU A 144 -14.67 5.07 32.27
CA LEU A 144 -14.38 6.47 31.97
C LEU A 144 -13.79 6.61 30.59
N TRP A 145 -12.88 5.69 30.21
CA TRP A 145 -12.29 5.73 28.88
C TRP A 145 -13.36 5.48 27.83
N ALA A 146 -14.23 4.49 28.03
CA ALA A 146 -15.26 4.17 27.04
C ALA A 146 -16.23 5.33 26.89
N TRP A 147 -16.62 5.95 28.01
CA TRP A 147 -17.54 7.08 28.01
C TRP A 147 -16.94 8.30 27.32
N GLU A 148 -15.72 8.69 27.68
CA GLU A 148 -15.08 9.87 27.15
C GLU A 148 -14.64 9.70 25.71
N SER A 149 -14.20 8.49 25.31
CA SER A 149 -13.82 8.20 23.93
C SER A 149 -15.03 8.26 23.02
N TRP A 150 -16.22 7.82 23.48
CA TRP A 150 -17.41 7.91 22.63
C TRP A 150 -17.74 9.37 22.34
N ARG A 151 -17.83 10.19 23.37
CA ARG A 151 -18.11 11.62 23.28
C ARG A 151 -17.01 12.42 22.63
N SER A 152 -15.78 11.93 22.64
CA SER A 152 -14.64 12.64 22.07
C SER A 152 -14.36 12.33 20.59
N GLU A 153 -14.44 11.06 20.19
CA GLU A 153 -14.19 10.68 18.81
C GLU A 153 -15.41 10.92 17.94
N VAL A 154 -16.59 10.58 18.42
CA VAL A 154 -17.82 10.70 17.64
C VAL A 154 -18.64 11.95 17.94
N GLY A 155 -18.80 12.31 19.20
CA GLY A 155 -19.59 13.47 19.59
C GLY A 155 -19.02 14.77 19.04
N LYS A 156 -17.70 14.91 19.09
CA LYS A 156 -17.03 16.08 18.54
C LYS A 156 -17.27 16.20 17.03
N GLN A 157 -17.46 15.07 16.30
CA GLN A 157 -17.76 15.04 14.87
C GLN A 157 -19.17 15.54 14.57
N LEU A 158 -20.13 15.22 15.42
CA LEU A 158 -21.52 15.61 15.22
C LEU A 158 -21.79 17.08 15.51
N ARG A 159 -21.00 17.69 16.40
CA ARG A 159 -21.19 19.09 16.82
C ARG A 159 -21.43 20.09 15.64
N PRO A 160 -20.58 20.18 14.59
CA PRO A 160 -20.86 21.14 13.50
C PRO A 160 -22.12 20.81 12.71
N LEU A 161 -22.44 19.52 12.59
CA LEU A 161 -23.61 19.08 11.88
C LEU A 161 -24.87 19.43 12.66
N TYR A 162 -24.84 19.25 13.98
CA TYR A 162 -25.99 19.55 14.82
C TYR A 162 -26.30 21.03 14.81
N GLU A 163 -25.28 21.88 14.78
CA GLU A 163 -25.44 23.32 14.72
C GLU A 163 -26.18 23.72 13.44
N GLU A 164 -25.86 23.04 12.32
CA GLU A 164 -26.48 23.29 11.01
C GLU A 164 -27.89 22.71 10.94
N TYR A 165 -28.08 21.53 11.56
CA TYR A 165 -29.35 20.82 11.66
C TYR A 165 -30.37 21.70 12.39
N VAL A 166 -30.00 22.33 13.54
CA VAL A 166 -30.96 23.14 14.28
C VAL A 166 -31.42 24.34 13.45
N VAL A 167 -30.50 24.96 12.69
CA VAL A 167 -30.82 26.11 11.84
C VAL A 167 -31.88 25.75 10.79
N LEU A 168 -31.60 24.71 9.96
CA LEU A 168 -32.50 24.27 8.89
C LEU A 168 -33.82 23.73 9.42
N LYS A 169 -33.77 22.99 10.51
CA LYS A 169 -34.97 22.44 11.12
C LYS A 169 -35.86 23.56 11.65
N ASN A 170 -35.25 24.62 12.19
CA ASN A 170 -36.01 25.77 12.67
C ASN A 170 -36.61 26.53 11.51
N GLU A 171 -35.88 26.65 10.38
CA GLU A 171 -36.40 27.32 9.19
C GLU A 171 -37.60 26.57 8.65
N MET A 172 -37.54 25.24 8.63
CA MET A 172 -38.63 24.38 8.19
C MET A 172 -39.84 24.60 9.10
N ALA A 173 -39.64 24.50 10.43
CA ALA A 173 -40.74 24.66 11.39
C ALA A 173 -41.39 26.04 11.39
N ARG A 174 -40.59 27.12 11.37
CA ARG A 174 -41.10 28.48 11.34
C ARG A 174 -41.84 28.78 10.02
N ALA A 175 -41.41 28.15 8.90
CA ALA A 175 -42.13 28.32 7.63
C ALA A 175 -43.48 27.58 7.64
N ASN A 176 -43.64 26.57 8.53
CA ASN A 176 -44.91 25.87 8.71
C ASN A 176 -45.81 26.48 9.82
N HIS A 177 -45.42 27.66 10.31
CA HIS A 177 -46.11 28.50 11.28
C HIS A 177 -46.06 27.94 12.71
N TYR A 178 -44.93 27.35 13.04
CA TYR A 178 -44.64 26.89 14.39
C TYR A 178 -43.63 27.87 15.01
N GLU A 179 -43.53 27.86 16.34
CA GLU A 179 -42.62 28.76 17.03
C GLU A 179 -41.18 28.42 16.67
N ASP A 180 -40.87 27.11 16.66
CA ASP A 180 -39.55 26.53 16.40
C ASP A 180 -39.70 24.99 16.17
N TYR A 181 -38.58 24.26 15.99
CA TYR A 181 -38.65 22.81 15.76
C TYR A 181 -39.18 22.04 16.96
N GLY A 182 -38.94 22.55 18.17
CA GLY A 182 -39.45 21.94 19.39
C GLY A 182 -40.96 22.05 19.41
N ASP A 183 -41.49 23.23 19.07
CA ASP A 183 -42.93 23.44 18.99
C ASP A 183 -43.56 22.50 17.96
N TYR A 184 -42.88 22.31 16.83
CA TYR A 184 -43.28 21.41 15.75
C TYR A 184 -43.44 19.99 16.29
N TRP A 185 -42.46 19.51 17.06
CA TRP A 185 -42.49 18.17 17.61
C TRP A 185 -43.62 18.00 18.62
N ARG A 186 -43.86 19.04 19.45
CA ARG A 186 -44.95 19.04 20.42
C ARG A 186 -46.34 19.03 19.78
N GLY A 187 -46.42 19.25 18.45
CA GLY A 187 -47.67 19.22 17.71
C GLY A 187 -48.33 17.87 17.64
N ASP A 188 -47.58 16.78 17.91
CA ASP A 188 -48.11 15.42 17.91
C ASP A 188 -49.24 15.24 18.95
N TYR A 189 -49.14 15.95 20.06
CA TYR A 189 -50.13 15.87 21.12
C TYR A 189 -51.33 16.77 20.93
N GLU A 190 -51.22 17.75 20.01
CA GLU A 190 -52.24 18.76 19.76
C GLU A 190 -53.53 18.21 19.21
N VAL A 191 -54.65 18.57 19.87
CA VAL A 191 -56.00 18.26 19.45
C VAL A 191 -56.76 19.61 19.37
N ASN A 192 -57.53 19.82 18.28
CA ASN A 192 -58.25 21.07 18.10
C ASN A 192 -59.68 20.89 17.59
N GLY A 193 -60.53 21.85 17.95
CA GLY A 193 -61.93 21.90 17.54
C GLY A 193 -62.80 20.79 18.07
N VAL A 194 -62.35 20.08 19.11
CA VAL A 194 -63.13 19.02 19.72
C VAL A 194 -63.41 19.46 21.15
N ASP A 195 -64.61 19.96 21.42
CA ASP A 195 -65.00 20.46 22.73
C ASP A 195 -64.78 19.44 23.84
N GLY A 196 -63.99 19.83 24.82
CA GLY A 196 -63.66 18.98 25.95
C GLY A 196 -62.46 18.11 25.74
N TYR A 197 -62.07 17.84 24.48
CA TYR A 197 -60.91 16.99 24.21
C TYR A 197 -59.70 17.72 23.63
N ASP A 198 -59.75 19.06 23.57
CA ASP A 198 -58.66 19.87 23.05
C ASP A 198 -57.40 19.77 23.90
N TYR A 199 -56.26 19.90 23.24
CA TYR A 199 -54.96 19.89 23.88
C TYR A 199 -54.04 20.81 23.07
N SER A 200 -53.40 21.78 23.74
CA SER A 200 -52.48 22.69 23.05
C SER A 200 -51.03 22.21 23.14
N ARG A 201 -50.14 22.72 22.26
CA ARG A 201 -48.74 22.33 22.28
C ARG A 201 -48.04 22.84 23.53
N GLY A 202 -48.44 24.02 24.02
CA GLY A 202 -47.92 24.62 25.25
C GLY A 202 -48.34 23.84 26.49
N GLN A 203 -49.53 23.23 26.43
CA GLN A 203 -50.05 22.41 27.52
C GLN A 203 -49.13 21.24 27.79
N LEU A 204 -48.45 20.70 26.76
CA LEU A 204 -47.53 19.59 26.95
C LEU A 204 -46.40 19.93 27.92
N ILE A 205 -45.82 21.14 27.80
CA ILE A 205 -44.74 21.55 28.69
C ILE A 205 -45.23 21.68 30.11
N GLU A 206 -46.39 22.34 30.28
CA GLU A 206 -46.98 22.53 31.60
C GLU A 206 -47.30 21.19 32.26
N ASP A 207 -47.88 20.24 31.51
CA ASP A 207 -48.23 18.93 32.03
C ASP A 207 -46.99 18.07 32.32
N VAL A 208 -45.98 18.08 31.45
CA VAL A 208 -44.76 17.30 31.68
C VAL A 208 -44.04 17.81 32.95
N GLU A 209 -43.97 19.13 33.11
CA GLU A 209 -43.31 19.75 34.25
C GLU A 209 -44.07 19.57 35.56
N HIS A 210 -45.41 19.69 35.54
CA HIS A 210 -46.23 19.51 36.73
C HIS A 210 -46.15 18.05 37.21
N THR A 211 -46.18 17.10 36.26
CA THR A 211 -46.07 15.67 36.50
C THR A 211 -44.70 15.33 37.08
N PHE A 212 -43.65 15.93 36.52
CA PHE A 212 -42.28 15.69 36.95
C PHE A 212 -42.04 16.10 38.40
N GLU A 213 -42.69 17.17 38.87
CA GLU A 213 -42.53 17.59 40.26
C GLU A 213 -43.02 16.52 41.24
N GLU A 214 -44.05 15.76 40.84
CA GLU A 214 -44.59 14.67 41.65
C GLU A 214 -43.69 13.41 41.63
N ILE A 215 -42.91 13.23 40.55
CA ILE A 215 -41.95 12.15 40.36
C ILE A 215 -40.71 12.43 41.25
N LYS A 216 -40.26 13.71 41.30
CA LYS A 216 -39.07 14.18 42.02
C LYS A 216 -38.78 13.48 43.36
N PRO A 217 -39.71 13.39 44.35
CA PRO A 217 -39.34 12.75 45.62
C PRO A 217 -38.98 11.26 45.48
N LEU A 218 -39.73 10.52 44.66
CA LEU A 218 -39.42 9.11 44.42
C LEU A 218 -38.06 8.95 43.76
N TYR A 219 -37.74 9.84 42.82
CA TYR A 219 -36.44 9.79 42.14
C TYR A 219 -35.30 10.12 43.07
N GLU A 220 -35.43 11.18 43.88
CA GLU A 220 -34.36 11.59 44.81
C GLU A 220 -34.02 10.50 45.80
N HIS A 221 -35.03 9.75 46.23
CA HIS A 221 -34.83 8.66 47.15
C HIS A 221 -34.16 7.51 46.42
N LEU A 222 -34.60 7.19 45.20
CA LEU A 222 -33.96 6.14 44.40
C LEU A 222 -32.48 6.50 44.11
N HIS A 223 -32.22 7.77 43.76
CA HIS A 223 -30.90 8.35 43.47
C HIS A 223 -30.01 8.23 44.69
N ALA A 224 -30.50 8.64 45.89
CA ALA A 224 -29.71 8.59 47.12
C ALA A 224 -29.33 7.17 47.50
N TYR A 225 -30.25 6.20 47.30
CA TYR A 225 -30.02 4.80 47.62
C TYR A 225 -28.98 4.22 46.68
N VAL A 226 -29.08 4.52 45.39
CA VAL A 226 -28.13 4.09 44.39
C VAL A 226 -26.76 4.67 44.70
N ARG A 227 -26.68 5.96 45.02
CA ARG A 227 -25.45 6.63 45.37
C ARG A 227 -24.71 5.95 46.53
N ALA A 228 -25.44 5.48 47.56
CA ALA A 228 -24.87 4.74 48.69
C ALA A 228 -24.32 3.40 48.20
N LYS A 229 -25.06 2.67 47.35
CA LYS A 229 -24.64 1.38 46.79
C LYS A 229 -23.43 1.55 45.86
N LEU A 230 -23.37 2.66 45.13
CA LEU A 230 -22.26 2.95 44.24
C LEU A 230 -21.01 3.32 44.99
N MET A 231 -21.12 3.91 46.19
CA MET A 231 -19.94 4.21 47.00
C MET A 231 -19.22 2.91 47.41
N ASN A 232 -19.97 1.79 47.58
CA ASN A 232 -19.39 0.49 47.92
C ASN A 232 -18.72 -0.11 46.70
N ALA A 233 -19.37 0.03 45.52
CA ALA A 233 -18.93 -0.46 44.21
C ALA A 233 -17.68 0.24 43.67
N TYR A 234 -17.57 1.57 43.87
CA TYR A 234 -16.45 2.36 43.39
C TYR A 234 -15.91 3.26 44.51
N PRO A 235 -15.20 2.67 45.47
CA PRO A 235 -14.68 3.46 46.60
C PRO A 235 -13.68 4.55 46.22
N SER A 236 -13.86 5.73 46.86
CA SER A 236 -13.13 7.00 46.68
C SER A 236 -13.62 7.84 45.52
N TYR A 237 -14.54 7.30 44.69
CA TYR A 237 -14.96 7.98 43.49
C TYR A 237 -16.31 8.68 43.57
N ILE A 238 -17.07 8.46 44.68
CA ILE A 238 -18.40 9.08 44.79
C ILE A 238 -18.56 9.88 46.06
N SER A 239 -19.15 11.09 45.95
CA SER A 239 -19.39 11.95 47.11
C SER A 239 -20.75 11.63 47.67
N PRO A 240 -20.89 11.57 48.99
CA PRO A 240 -22.23 11.29 49.58
C PRO A 240 -23.29 12.38 49.36
N ILE A 241 -22.87 13.58 48.93
CA ILE A 241 -23.76 14.72 48.66
C ILE A 241 -23.80 15.08 47.18
N GLY A 242 -22.84 14.64 46.38
CA GLY A 242 -22.76 15.04 44.99
C GLY A 242 -23.59 14.25 44.02
N CYS A 243 -23.47 14.64 42.76
CA CYS A 243 -24.14 13.99 41.63
C CYS A 243 -23.48 12.62 41.36
N LEU A 244 -24.10 11.79 40.53
CA LEU A 244 -23.54 10.49 40.19
C LEU A 244 -22.69 10.64 38.97
N PRO A 245 -21.42 10.22 39.01
CA PRO A 245 -20.57 10.32 37.80
C PRO A 245 -21.19 9.62 36.58
N ALA A 246 -21.39 10.39 35.51
CA ALA A 246 -22.04 9.98 34.26
C ALA A 246 -21.58 8.63 33.66
N HIS A 247 -20.32 8.23 33.89
CA HIS A 247 -19.81 6.99 33.31
C HIS A 247 -20.07 5.74 34.14
N LEU A 248 -20.79 5.86 35.27
CA LEU A 248 -21.01 4.71 36.15
C LEU A 248 -22.47 4.31 36.27
N LEU A 249 -23.32 4.67 35.31
CA LEU A 249 -24.76 4.45 35.43
C LEU A 249 -25.38 3.23 34.70
N GLY A 250 -24.59 2.28 34.22
CA GLY A 250 -25.14 1.09 33.59
C GLY A 250 -25.16 1.04 32.06
N ASP A 251 -25.29 2.19 31.41
CA ASP A 251 -25.23 2.24 29.95
C ASP A 251 -24.36 3.44 29.48
N MET A 252 -24.25 3.69 28.17
CA MET A 252 -23.38 4.76 27.66
C MET A 252 -23.79 6.19 28.08
N TRP A 253 -25.04 6.39 28.57
CA TRP A 253 -25.57 7.71 28.91
C TRP A 253 -26.24 7.81 30.27
N GLY A 254 -26.66 6.67 30.79
CA GLY A 254 -27.44 6.63 32.01
C GLY A 254 -28.92 6.81 31.71
N ARG A 255 -29.33 6.49 30.46
CA ARG A 255 -30.72 6.51 30.01
C ARG A 255 -31.54 5.58 30.88
N PHE A 256 -30.99 4.41 31.23
CA PHE A 256 -31.60 3.43 32.12
C PHE A 256 -30.55 3.00 33.13
N TRP A 257 -30.99 2.80 34.38
CA TRP A 257 -30.09 2.32 35.42
C TRP A 257 -30.21 0.80 35.62
N THR A 258 -30.81 0.08 34.65
CA THR A 258 -31.07 -1.34 34.70
C THR A 258 -29.88 -2.18 35.07
N ASN A 259 -28.70 -1.88 34.48
CA ASN A 259 -27.50 -2.66 34.75
C ASN A 259 -26.82 -2.33 36.10
N LEU A 260 -27.44 -1.45 36.91
CA LEU A 260 -26.95 -1.20 38.25
C LEU A 260 -27.59 -2.22 39.23
N TYR A 261 -28.55 -3.07 38.80
CA TYR A 261 -29.20 -4.01 39.68
C TYR A 261 -28.23 -4.93 40.44
N SER A 262 -27.19 -5.45 39.80
CA SER A 262 -26.21 -6.29 40.51
C SER A 262 -25.52 -5.53 41.63
N LEU A 263 -25.29 -4.24 41.43
CA LEU A 263 -24.61 -3.36 42.38
C LEU A 263 -25.54 -2.79 43.46
N THR A 264 -26.84 -2.70 43.17
CA THR A 264 -27.82 -2.09 44.05
C THR A 264 -28.93 -3.00 44.55
N VAL A 265 -28.91 -4.30 44.21
CA VAL A 265 -29.96 -5.24 44.66
C VAL A 265 -30.20 -5.18 46.16
N PRO A 266 -31.43 -4.88 46.59
CA PRO A 266 -31.72 -4.76 48.02
C PRO A 266 -31.39 -6.01 48.83
N PHE A 267 -31.80 -7.19 48.37
CA PHE A 267 -31.60 -8.45 49.07
C PHE A 267 -30.95 -9.48 48.17
N GLY A 268 -29.63 -9.41 48.08
CA GLY A 268 -28.83 -10.27 47.22
C GLY A 268 -28.97 -11.77 47.37
N GLN A 269 -29.21 -12.26 48.60
CA GLN A 269 -29.32 -13.69 48.84
C GLN A 269 -30.68 -14.29 48.47
N LYS A 270 -31.63 -13.48 47.99
CA LYS A 270 -32.96 -13.99 47.62
C LYS A 270 -32.91 -14.56 46.20
N PRO A 271 -33.73 -15.58 45.85
CA PRO A 271 -33.72 -16.10 44.46
C PRO A 271 -33.83 -14.97 43.43
N ASN A 272 -32.90 -14.93 42.46
CA ASN A 272 -32.85 -13.81 41.54
C ASN A 272 -34.10 -13.65 40.74
N ILE A 273 -34.64 -12.42 40.76
CA ILE A 273 -35.81 -12.08 39.93
C ILE A 273 -35.35 -11.60 38.49
N ASP A 274 -34.03 -11.71 38.20
CA ASP A 274 -33.39 -11.46 36.92
C ASP A 274 -33.07 -12.87 36.39
N VAL A 275 -34.08 -13.44 35.69
CA VAL A 275 -34.09 -14.80 35.16
C VAL A 275 -33.11 -15.05 34.02
N THR A 276 -32.23 -14.08 33.72
CA THR A 276 -31.22 -14.18 32.69
C THR A 276 -30.37 -15.47 32.82
N ASP A 277 -30.01 -15.88 34.06
CA ASP A 277 -29.25 -17.11 34.26
C ASP A 277 -30.12 -18.34 34.11
N ALA A 278 -31.38 -18.27 34.53
CA ALA A 278 -32.31 -19.39 34.42
C ALA A 278 -32.64 -19.69 32.95
N MET A 279 -32.61 -18.66 32.07
CA MET A 279 -32.84 -18.85 30.65
C MET A 279 -31.66 -19.63 30.09
N VAL A 280 -30.42 -19.19 30.43
CA VAL A 280 -29.17 -19.80 30.01
C VAL A 280 -29.05 -21.25 30.50
N ASP A 281 -29.46 -21.51 31.74
CA ASP A 281 -29.45 -22.85 32.33
C ASP A 281 -30.45 -23.78 31.64
N GLN A 282 -31.60 -23.22 31.21
CA GLN A 282 -32.62 -23.99 30.52
C GLN A 282 -32.43 -24.05 28.99
N ALA A 283 -31.29 -23.55 28.48
CA ALA A 283 -30.94 -23.52 27.06
C ALA A 283 -31.97 -22.81 26.17
N TRP A 284 -32.55 -21.71 26.66
CA TRP A 284 -33.52 -20.94 25.89
C TRP A 284 -32.86 -20.31 24.70
N ASP A 285 -33.56 -20.30 23.57
CA ASP A 285 -33.08 -19.66 22.35
C ASP A 285 -34.04 -18.49 21.97
N ALA A 286 -33.72 -17.72 20.93
CA ALA A 286 -34.58 -16.63 20.50
C ALA A 286 -35.94 -17.16 20.02
N GLN A 287 -36.00 -18.38 19.45
CA GLN A 287 -37.29 -18.92 19.02
C GLN A 287 -38.19 -19.19 20.21
N ARG A 288 -37.63 -19.75 21.30
CA ARG A 288 -38.38 -20.00 22.53
C ARG A 288 -38.84 -18.67 23.12
N ILE A 289 -37.97 -17.65 23.14
CA ILE A 289 -38.32 -16.31 23.63
C ILE A 289 -39.52 -15.75 22.87
N PHE A 290 -39.46 -15.82 21.53
CA PHE A 290 -40.50 -15.32 20.66
C PHE A 290 -41.76 -16.15 20.69
N LYS A 291 -41.64 -17.48 20.75
CA LYS A 291 -42.82 -18.34 20.84
C LYS A 291 -43.55 -18.14 22.18
N GLU A 292 -42.79 -17.88 23.25
CA GLU A 292 -43.30 -17.62 24.60
C GLU A 292 -44.05 -16.27 24.63
N ALA A 293 -43.49 -15.25 23.96
CA ALA A 293 -44.12 -13.94 23.86
C ALA A 293 -45.45 -14.09 23.09
N GLU A 294 -45.45 -14.87 22.02
CA GLU A 294 -46.63 -15.14 21.20
C GLU A 294 -47.73 -15.83 22.02
N LYS A 295 -47.35 -16.75 22.93
CA LYS A 295 -48.23 -17.49 23.83
C LYS A 295 -48.94 -16.54 24.84
N PHE A 296 -48.24 -15.43 25.22
CA PHE A 296 -48.77 -14.43 26.14
C PHE A 296 -49.96 -13.72 25.51
N PHE A 297 -49.82 -13.30 24.25
CA PHE A 297 -50.89 -12.58 23.57
C PHE A 297 -52.07 -13.45 23.29
N VAL A 298 -51.83 -14.70 22.91
CA VAL A 298 -52.91 -15.66 22.65
C VAL A 298 -53.74 -15.88 23.91
N SER A 299 -53.08 -15.88 25.08
CA SER A 299 -53.74 -16.07 26.37
C SER A 299 -54.73 -14.94 26.73
N VAL A 300 -54.48 -13.70 26.27
CA VAL A 300 -55.42 -12.62 26.54
C VAL A 300 -56.47 -12.42 25.44
N GLY A 301 -56.59 -13.35 24.50
CA GLY A 301 -57.58 -13.27 23.43
C GLY A 301 -57.08 -12.78 22.10
N LEU A 302 -55.87 -12.22 22.07
CA LEU A 302 -55.29 -11.71 20.83
C LEU A 302 -54.80 -12.86 19.93
N PRO A 303 -54.58 -12.63 18.63
CA PRO A 303 -54.17 -13.74 17.76
C PRO A 303 -52.70 -14.14 17.87
N ASN A 304 -52.37 -15.33 17.31
CA ASN A 304 -51.01 -15.84 17.15
C ASN A 304 -50.32 -14.91 16.11
N MET A 305 -48.99 -15.01 16.00
CA MET A 305 -48.27 -14.26 14.98
C MET A 305 -48.62 -14.87 13.61
N THR A 306 -48.63 -14.05 12.54
CA THR A 306 -48.96 -14.57 11.21
C THR A 306 -47.90 -15.57 10.73
N GLN A 307 -48.21 -16.37 9.69
CA GLN A 307 -47.22 -17.30 9.13
C GLN A 307 -46.00 -16.52 8.59
N GLY A 308 -46.28 -15.39 7.95
CA GLY A 308 -45.24 -14.50 7.43
C GLY A 308 -44.34 -13.91 8.51
N PHE A 309 -44.81 -13.85 9.76
CA PHE A 309 -43.99 -13.34 10.84
C PHE A 309 -42.91 -14.40 11.13
N TRP A 310 -43.33 -15.68 11.23
CA TRP A 310 -42.39 -16.76 11.49
C TRP A 310 -41.51 -17.10 10.27
N GLU A 311 -41.96 -16.76 9.05
CA GLU A 311 -41.19 -17.01 7.85
C GLU A 311 -40.18 -15.88 7.57
N ASN A 312 -40.61 -14.61 7.72
CA ASN A 312 -39.77 -13.49 7.29
C ASN A 312 -39.03 -12.71 8.36
N SER A 313 -39.35 -12.86 9.65
CA SER A 313 -38.64 -12.11 10.71
C SER A 313 -37.20 -12.56 10.88
N MET A 314 -36.36 -11.66 11.39
CA MET A 314 -34.98 -11.93 11.74
C MET A 314 -34.90 -11.78 13.25
N LEU A 315 -34.90 -12.91 13.96
CA LEU A 315 -34.92 -12.88 15.41
C LEU A 315 -33.54 -13.10 16.08
N THR A 316 -32.49 -13.30 15.29
CA THR A 316 -31.12 -13.46 15.77
C THR A 316 -30.14 -12.67 14.89
N ASP A 317 -28.94 -12.40 15.40
CA ASP A 317 -27.92 -11.69 14.63
C ASP A 317 -27.39 -12.62 13.50
N PRO A 318 -27.42 -12.17 12.23
CA PRO A 318 -26.77 -12.96 11.16
C PRO A 318 -25.22 -12.94 11.30
N GLY A 319 -24.71 -11.82 11.84
CA GLY A 319 -23.33 -11.52 12.23
C GLY A 319 -22.25 -11.68 11.20
N ASN A 320 -21.74 -12.90 11.04
CA ASN A 320 -20.69 -13.19 10.08
C ASN A 320 -21.18 -13.05 8.62
N VAL A 321 -20.45 -12.24 7.82
CA VAL A 321 -20.71 -11.93 6.41
C VAL A 321 -21.96 -11.03 6.24
N GLN A 322 -23.18 -11.54 6.54
CA GLN A 322 -24.39 -10.73 6.43
C GLN A 322 -24.50 -9.80 7.64
N LYS A 323 -24.40 -8.48 7.45
CA LYS A 323 -24.47 -7.55 8.58
C LYS A 323 -25.84 -6.92 8.67
N ALA A 324 -26.37 -6.75 9.89
CA ALA A 324 -27.69 -6.17 10.10
C ALA A 324 -27.71 -5.05 11.15
N VAL A 325 -28.76 -4.21 11.16
CA VAL A 325 -28.90 -3.16 12.19
C VAL A 325 -29.63 -3.86 13.32
N CYS A 326 -29.04 -3.92 14.52
CA CYS A 326 -29.62 -4.71 15.60
C CYS A 326 -30.56 -3.95 16.52
N HIS A 327 -31.04 -2.76 16.13
CA HIS A 327 -32.04 -2.05 16.94
C HIS A 327 -33.34 -2.84 16.87
N PRO A 328 -33.89 -3.28 18.03
CA PRO A 328 -35.14 -4.05 18.01
C PRO A 328 -36.25 -3.23 17.36
N THR A 329 -36.85 -3.77 16.31
CA THR A 329 -37.85 -3.04 15.55
C THR A 329 -39.04 -3.90 15.18
N ALA A 330 -40.23 -3.30 15.18
CA ALA A 330 -41.46 -3.97 14.77
C ALA A 330 -41.88 -3.35 13.42
N TRP A 331 -41.96 -4.18 12.38
CA TRP A 331 -42.26 -3.72 11.04
C TRP A 331 -43.66 -4.04 10.55
N ASP A 332 -44.38 -2.99 10.13
CA ASP A 332 -45.73 -3.10 9.56
C ASP A 332 -45.53 -2.65 8.12
N LEU A 333 -45.20 -3.59 7.23
CA LEU A 333 -44.94 -3.28 5.81
C LEU A 333 -46.20 -2.95 4.98
N GLY A 334 -47.37 -3.26 5.53
CA GLY A 334 -48.60 -3.17 4.76
C GLY A 334 -48.83 -4.51 4.06
N LYS A 335 -49.96 -4.63 3.35
CA LYS A 335 -50.29 -5.87 2.64
C LYS A 335 -50.29 -7.11 3.55
N GLY A 336 -50.57 -6.92 4.84
CA GLY A 336 -50.62 -8.00 5.80
C GLY A 336 -49.28 -8.60 6.19
N ASP A 337 -48.18 -7.91 5.83
CA ASP A 337 -46.83 -8.37 6.12
C ASP A 337 -46.28 -7.66 7.32
N PHE A 338 -46.07 -8.44 8.40
CA PHE A 338 -45.54 -8.01 9.68
C PHE A 338 -44.27 -8.79 10.00
N ARG A 339 -43.25 -8.09 10.48
CA ARG A 339 -41.99 -8.73 10.82
C ARG A 339 -41.33 -8.07 12.04
N ILE A 340 -40.45 -8.78 12.72
CA ILE A 340 -39.65 -8.20 13.80
C ILE A 340 -38.18 -8.38 13.44
N LEU A 341 -37.38 -7.32 13.54
CA LEU A 341 -35.95 -7.41 13.34
C LEU A 341 -35.29 -7.14 14.72
N MET A 342 -34.60 -8.15 15.26
CA MET A 342 -33.98 -8.02 16.57
C MET A 342 -32.92 -9.08 16.75
N CYS A 343 -31.69 -8.67 17.08
CA CYS A 343 -30.62 -9.64 17.29
C CYS A 343 -30.63 -10.08 18.74
N THR A 344 -31.64 -10.88 19.06
CA THR A 344 -31.94 -11.41 20.39
C THR A 344 -30.79 -12.17 21.02
N LYS A 345 -30.52 -11.83 22.28
CA LYS A 345 -29.55 -12.45 23.18
C LYS A 345 -30.37 -13.17 24.28
N VAL A 346 -29.85 -14.25 24.84
CA VAL A 346 -30.57 -14.99 25.90
C VAL A 346 -30.43 -14.26 27.24
N THR A 347 -31.20 -13.17 27.38
CA THR A 347 -31.22 -12.27 28.54
C THR A 347 -32.66 -11.95 28.90
N MET A 348 -32.89 -11.57 30.17
CA MET A 348 -34.21 -11.16 30.59
C MET A 348 -34.60 -9.83 29.93
N ASP A 349 -33.62 -8.92 29.72
CA ASP A 349 -33.85 -7.64 29.06
C ASP A 349 -34.40 -7.86 27.64
N ASP A 350 -33.86 -8.86 26.91
CA ASP A 350 -34.30 -9.19 25.56
C ASP A 350 -35.62 -9.95 25.59
N PHE A 351 -35.85 -10.78 26.61
CA PHE A 351 -37.11 -11.51 26.79
C PHE A 351 -38.25 -10.47 26.95
N LEU A 352 -38.00 -9.41 27.72
CA LEU A 352 -38.94 -8.33 27.91
C LEU A 352 -39.06 -7.47 26.66
N THR A 353 -37.99 -7.34 25.88
CA THR A 353 -38.04 -6.58 24.62
C THR A 353 -38.87 -7.32 23.58
N ALA A 354 -38.79 -8.67 23.55
CA ALA A 354 -39.57 -9.51 22.64
C ALA A 354 -41.06 -9.30 22.90
N HIS A 355 -41.45 -9.15 24.15
CA HIS A 355 -42.84 -8.88 24.51
C HIS A 355 -43.23 -7.46 24.13
N HIS A 356 -42.32 -6.50 24.35
CA HIS A 356 -42.55 -5.11 24.02
C HIS A 356 -42.79 -4.96 22.51
N GLU A 357 -41.90 -5.52 21.68
CA GLU A 357 -41.97 -5.41 20.23
C GLU A 357 -43.16 -6.19 19.63
N MET A 358 -43.50 -7.38 20.18
CA MET A 358 -44.70 -8.08 19.73
C MET A 358 -45.97 -7.33 20.10
N GLY A 359 -45.92 -6.50 21.16
CA GLY A 359 -47.02 -5.62 21.51
C GLY A 359 -47.23 -4.58 20.42
N HIS A 360 -46.12 -4.08 19.84
CA HIS A 360 -46.15 -3.15 18.72
C HIS A 360 -46.80 -3.82 17.52
N ILE A 361 -46.41 -5.07 17.23
CA ILE A 361 -46.97 -5.87 16.14
C ILE A 361 -48.46 -6.11 16.34
N GLN A 362 -48.86 -6.40 17.57
CA GLN A 362 -50.26 -6.62 17.88
C GLN A 362 -51.11 -5.35 17.63
N TYR A 363 -50.56 -4.15 17.95
CA TYR A 363 -51.23 -2.86 17.71
C TYR A 363 -51.39 -2.73 16.17
N ASP A 364 -50.31 -2.99 15.41
CA ASP A 364 -50.30 -2.95 13.93
C ASP A 364 -51.35 -3.88 13.32
N MET A 365 -51.42 -5.12 13.81
CA MET A 365 -52.39 -6.10 13.34
C MET A 365 -53.80 -5.63 13.62
N ALA A 366 -54.02 -5.03 14.80
CA ALA A 366 -55.34 -4.53 15.19
C ALA A 366 -55.87 -3.36 14.37
N TYR A 367 -55.07 -2.27 14.19
CA TYR A 367 -55.59 -1.12 13.44
C TYR A 367 -55.45 -1.26 11.95
N ALA A 368 -55.05 -2.44 11.44
CA ALA A 368 -54.90 -2.64 9.99
C ALA A 368 -56.19 -2.37 9.20
N ALA A 369 -57.34 -2.47 9.86
CA ALA A 369 -58.64 -2.19 9.24
C ALA A 369 -58.82 -0.71 8.96
N GLN A 370 -58.26 0.17 9.83
CA GLN A 370 -58.33 1.61 9.67
C GLN A 370 -57.83 2.06 8.29
N PRO A 371 -58.25 3.25 7.79
CA PRO A 371 -57.65 3.77 6.58
C PRO A 371 -56.14 4.02 6.78
N PHE A 372 -55.36 3.93 5.70
CA PHE A 372 -53.90 4.07 5.73
C PHE A 372 -53.37 5.14 6.73
N LEU A 373 -53.81 6.39 6.58
CA LEU A 373 -53.31 7.49 7.38
C LEU A 373 -53.64 7.36 8.86
N LEU A 374 -54.66 6.60 9.23
CA LEU A 374 -55.04 6.42 10.63
C LEU A 374 -54.48 5.11 11.25
N ARG A 375 -53.46 4.53 10.63
CA ARG A 375 -52.80 3.33 11.10
C ARG A 375 -51.54 3.64 11.91
N ASN A 376 -51.76 4.21 13.09
CA ASN A 376 -50.72 4.56 14.02
C ASN A 376 -51.33 4.67 15.41
N GLY A 377 -50.51 4.75 16.44
CA GLY A 377 -51.02 4.92 17.79
C GLY A 377 -51.62 6.29 17.96
N ALA A 378 -52.55 6.47 18.94
CA ALA A 378 -53.20 7.76 19.17
C ALA A 378 -52.21 8.96 19.27
N ASN A 379 -51.02 8.73 19.80
CA ASN A 379 -49.92 9.69 19.78
C ASN A 379 -48.58 8.93 19.89
N GLU A 380 -47.43 9.62 19.78
CA GLU A 380 -46.11 8.96 19.81
C GLU A 380 -45.88 8.08 21.05
N GLY A 381 -46.52 8.41 22.16
CA GLY A 381 -46.41 7.63 23.38
C GLY A 381 -47.27 6.39 23.42
N PHE A 382 -48.28 6.28 22.56
CA PHE A 382 -49.20 5.14 22.55
C PHE A 382 -48.55 3.79 22.21
N HIS A 383 -47.75 3.73 21.17
CA HIS A 383 -47.10 2.50 20.76
C HIS A 383 -46.09 2.05 21.80
N GLU A 384 -45.30 3.00 22.32
CA GLU A 384 -44.33 2.71 23.37
C GLU A 384 -44.99 2.30 24.70
N ALA A 385 -46.15 2.88 25.05
CA ALA A 385 -46.82 2.49 26.28
C ALA A 385 -47.39 1.09 26.19
N VAL A 386 -47.91 0.70 25.01
CA VAL A 386 -48.51 -0.61 24.76
C VAL A 386 -47.47 -1.74 24.88
N GLY A 387 -46.28 -1.54 24.33
CA GLY A 387 -45.22 -2.54 24.47
C GLY A 387 -44.82 -2.73 25.94
N GLU A 388 -44.78 -1.62 26.68
CA GLU A 388 -44.41 -1.62 28.08
C GLU A 388 -45.45 -2.26 28.99
N ILE A 389 -46.73 -2.26 28.56
CA ILE A 389 -47.85 -2.94 29.22
C ILE A 389 -47.50 -4.44 29.29
N MET A 390 -47.00 -4.98 28.18
CA MET A 390 -46.62 -6.38 28.00
C MET A 390 -45.45 -6.75 28.86
N SER A 391 -44.47 -5.87 28.95
CA SER A 391 -43.31 -6.01 29.82
C SER A 391 -43.72 -6.03 31.30
N LEU A 392 -44.56 -5.05 31.77
CA LEU A 392 -45.02 -5.02 33.18
C LEU A 392 -45.52 -6.37 33.66
N SER A 393 -46.36 -7.04 32.84
CA SER A 393 -46.90 -8.35 33.16
C SER A 393 -45.83 -9.43 33.00
N ALA A 394 -45.07 -9.40 31.89
CA ALA A 394 -44.06 -10.41 31.63
C ALA A 394 -43.02 -10.50 32.70
N ALA A 395 -42.66 -9.36 33.28
CA ALA A 395 -41.57 -9.27 34.25
C ALA A 395 -41.89 -9.74 35.65
N THR A 396 -43.18 -9.77 36.04
CA THR A 396 -43.55 -10.17 37.39
C THR A 396 -43.08 -11.57 37.78
N PRO A 397 -42.69 -11.74 39.06
CA PRO A 397 -42.30 -13.07 39.52
C PRO A 397 -43.40 -14.11 39.35
N LYS A 398 -44.67 -13.69 39.51
CA LYS A 398 -45.83 -14.56 39.30
C LYS A 398 -45.81 -15.12 37.86
N HIS A 399 -45.50 -14.26 36.88
CA HIS A 399 -45.42 -14.68 35.48
C HIS A 399 -44.20 -15.53 35.19
N LEU A 400 -42.99 -15.09 35.60
CA LEU A 400 -41.76 -15.87 35.35
C LEU A 400 -41.84 -17.26 35.97
N LYS A 401 -42.49 -17.37 37.15
CA LYS A 401 -42.62 -18.65 37.82
C LYS A 401 -43.52 -19.58 37.02
N SER A 402 -44.62 -19.04 36.45
CA SER A 402 -45.57 -19.81 35.65
C SER A 402 -44.99 -20.28 34.31
N ILE A 403 -44.00 -19.57 33.77
CA ILE A 403 -43.37 -19.99 32.52
C ILE A 403 -42.06 -20.82 32.72
N GLY A 404 -41.77 -21.19 33.97
CA GLY A 404 -40.62 -22.04 34.28
C GLY A 404 -39.31 -21.35 34.58
N LEU A 405 -39.21 -20.02 34.38
CA LEU A 405 -37.93 -19.32 34.65
C LEU A 405 -37.67 -19.04 36.14
N LEU A 406 -38.60 -19.41 37.01
CA LEU A 406 -38.49 -19.27 38.44
C LEU A 406 -38.96 -20.59 38.99
N SER A 407 -38.19 -21.18 39.89
CA SER A 407 -38.47 -22.46 40.52
C SER A 407 -39.92 -22.57 41.03
N PRO A 408 -40.57 -23.74 40.87
CA PRO A 408 -41.93 -23.90 41.45
C PRO A 408 -41.94 -23.77 42.98
N ASP A 409 -40.78 -23.82 43.63
CA ASP A 409 -40.69 -23.61 45.08
C ASP A 409 -40.38 -22.14 45.42
N PHE A 410 -40.62 -21.20 44.48
CA PHE A 410 -40.38 -19.79 44.71
C PHE A 410 -41.44 -19.22 45.62
N GLN A 411 -41.02 -18.58 46.70
CA GLN A 411 -41.94 -17.98 47.66
C GLN A 411 -41.85 -16.47 47.59
N GLU A 412 -42.98 -15.80 47.34
CA GLU A 412 -42.98 -14.34 47.30
C GLU A 412 -42.96 -13.74 48.71
N ASP A 413 -41.80 -13.22 49.10
CA ASP A 413 -41.58 -12.57 50.40
C ASP A 413 -41.77 -11.06 50.20
N ASN A 414 -41.87 -10.31 51.31
CA ASN A 414 -41.88 -8.85 51.22
C ASN A 414 -40.49 -8.36 50.70
N GLU A 415 -39.41 -9.17 50.84
CA GLU A 415 -38.08 -8.86 50.33
C GLU A 415 -38.03 -9.03 48.82
N THR A 416 -38.58 -10.14 48.30
CA THR A 416 -38.63 -10.34 46.85
C THR A 416 -39.45 -9.20 46.18
N GLU A 417 -40.46 -8.66 46.91
CA GLU A 417 -41.32 -7.54 46.51
C GLU A 417 -40.46 -6.28 46.30
N ILE A 418 -39.55 -6.01 47.23
CA ILE A 418 -38.65 -4.87 47.12
C ILE A 418 -37.60 -5.12 46.06
N ASN A 419 -37.07 -6.35 45.97
CA ASN A 419 -36.08 -6.74 44.94
C ASN A 419 -36.64 -6.49 43.54
N PHE A 420 -37.93 -6.79 43.36
CA PHE A 420 -38.66 -6.61 42.12
C PHE A 420 -38.84 -5.11 41.78
N LEU A 421 -39.48 -4.34 42.69
CA LEU A 421 -39.72 -2.91 42.52
C LEU A 421 -38.46 -2.09 42.35
N LEU A 422 -37.36 -2.47 42.99
CA LEU A 422 -36.09 -1.74 42.83
C LEU A 422 -35.60 -1.92 41.40
N LYS A 423 -35.65 -3.16 40.90
CA LYS A 423 -35.25 -3.49 39.53
C LYS A 423 -36.07 -2.71 38.51
N GLN A 424 -37.38 -2.57 38.78
CA GLN A 424 -38.30 -1.84 37.92
C GLN A 424 -38.01 -0.35 37.93
N ALA A 425 -37.76 0.23 39.12
CA ALA A 425 -37.48 1.65 39.32
C ALA A 425 -36.19 2.06 38.65
N LEU A 426 -35.18 1.17 38.58
CA LEU A 426 -33.92 1.50 37.92
C LEU A 426 -34.17 1.80 36.44
N THR A 427 -35.08 1.02 35.84
CA THR A 427 -35.42 1.19 34.45
C THR A 427 -36.45 2.30 34.22
N ILE A 428 -37.62 2.20 34.88
CA ILE A 428 -38.73 3.10 34.67
C ILE A 428 -38.57 4.48 35.32
N VAL A 429 -38.25 4.52 36.62
CA VAL A 429 -38.10 5.80 37.30
C VAL A 429 -36.80 6.49 36.89
N GLY A 430 -35.72 5.72 36.80
CA GLY A 430 -34.39 6.21 36.43
C GLY A 430 -34.31 6.95 35.12
N THR A 431 -35.20 6.59 34.17
CA THR A 431 -35.23 7.19 32.84
C THR A 431 -36.06 8.47 32.75
N LEU A 432 -36.93 8.74 33.73
CA LEU A 432 -37.82 9.90 33.67
C LEU A 432 -37.07 11.24 33.75
N PRO A 433 -36.15 11.48 34.72
CA PRO A 433 -35.41 12.76 34.70
C PRO A 433 -34.46 12.85 33.50
N PHE A 434 -33.88 11.70 33.08
CA PHE A 434 -33.00 11.66 31.93
C PHE A 434 -33.75 12.12 30.67
N THR A 435 -34.95 11.58 30.49
CA THR A 435 -35.80 11.87 29.34
C THR A 435 -36.27 13.31 29.37
N TYR A 436 -36.85 13.76 30.50
CA TYR A 436 -37.29 15.14 30.67
C TYR A 436 -36.14 16.14 30.40
N MET A 437 -34.98 15.97 31.05
CA MET A 437 -33.85 16.87 30.87
C MET A 437 -33.32 16.87 29.39
N LEU A 438 -33.27 15.69 28.72
CA LEU A 438 -32.85 15.55 27.32
C LEU A 438 -33.76 16.42 26.42
N GLU A 439 -35.10 16.26 26.53
CA GLU A 439 -36.02 17.05 25.71
C GLU A 439 -36.03 18.50 26.10
N LYS A 440 -35.96 18.82 27.40
CA LYS A 440 -35.92 20.19 27.89
C LYS A 440 -34.74 20.95 27.24
N TRP A 441 -33.59 20.28 27.10
CA TRP A 441 -32.42 20.86 26.45
C TRP A 441 -32.71 21.14 25.01
N ARG A 442 -33.23 20.16 24.25
CA ARG A 442 -33.55 20.35 22.84
C ARG A 442 -34.56 21.44 22.65
N TRP A 443 -35.67 21.43 23.36
CA TRP A 443 -36.70 22.45 23.30
C TRP A 443 -36.13 23.86 23.48
N MET A 444 -35.24 24.06 24.46
CA MET A 444 -34.59 25.34 24.74
C MET A 444 -33.61 25.71 23.63
N VAL A 445 -32.89 24.72 23.08
CA VAL A 445 -31.95 24.94 21.98
C VAL A 445 -32.72 25.38 20.73
N PHE A 446 -33.81 24.67 20.39
CA PHE A 446 -34.68 25.02 19.26
C PHE A 446 -35.34 26.37 19.47
N LYS A 447 -35.73 26.68 20.70
CA LYS A 447 -36.36 27.97 21.02
C LYS A 447 -35.39 29.15 20.89
N GLY A 448 -34.11 28.89 21.10
CA GLY A 448 -33.07 29.91 21.04
C GLY A 448 -32.63 30.41 22.41
N GLU A 449 -33.10 29.73 23.48
CA GLU A 449 -32.80 30.03 24.87
C GLU A 449 -31.36 29.69 25.25
N ILE A 450 -30.71 28.78 24.52
CA ILE A 450 -29.32 28.40 24.80
C ILE A 450 -28.42 28.74 23.61
N PRO A 451 -27.57 29.78 23.74
CA PRO A 451 -26.66 30.11 22.62
C PRO A 451 -25.64 28.99 22.36
N LYS A 452 -25.12 28.87 21.12
CA LYS A 452 -24.17 27.80 20.78
C LYS A 452 -22.96 27.79 21.70
N ASP A 453 -22.44 28.98 22.06
CA ASP A 453 -21.28 29.05 22.96
C ASP A 453 -21.59 28.59 24.41
N GLN A 454 -22.82 28.15 24.69
CA GLN A 454 -23.20 27.65 26.00
C GLN A 454 -23.95 26.32 25.94
N TRP A 455 -24.02 25.67 24.78
CA TRP A 455 -24.73 24.42 24.61
C TRP A 455 -24.34 23.35 25.63
N MET A 456 -23.04 23.04 25.70
CA MET A 456 -22.48 22.05 26.60
C MET A 456 -22.40 22.49 28.01
N LYS A 457 -22.27 23.81 28.23
CA LYS A 457 -22.25 24.40 29.56
C LYS A 457 -23.63 24.16 30.17
N LYS A 458 -24.71 24.50 29.41
CA LYS A 458 -26.07 24.30 29.86
C LYS A 458 -26.46 22.83 29.96
N TRP A 459 -25.99 21.97 29.06
CA TRP A 459 -26.28 20.54 29.08
C TRP A 459 -25.83 19.93 30.41
N TRP A 460 -24.60 20.29 30.86
CA TRP A 460 -24.09 19.73 32.10
C TRP A 460 -24.60 20.42 33.36
N GLU A 461 -25.03 21.69 33.28
CA GLU A 461 -25.68 22.37 34.40
C GLU A 461 -27.06 21.71 34.61
N MET A 462 -27.78 21.36 33.52
CA MET A 462 -29.08 20.71 33.54
C MET A 462 -28.96 19.25 33.95
N LYS A 463 -27.87 18.58 33.57
CA LYS A 463 -27.63 17.19 33.96
C LYS A 463 -27.45 17.15 35.48
N ARG A 464 -26.59 18.05 36.00
CA ARG A 464 -26.35 18.19 37.44
C ARG A 464 -27.62 18.64 38.19
N GLU A 465 -28.39 19.65 37.68
CA GLU A 465 -29.62 20.13 38.35
C GLU A 465 -30.78 19.15 38.32
N ILE A 466 -31.20 18.71 37.12
CA ILE A 466 -32.36 17.85 36.94
C ILE A 466 -32.10 16.36 37.15
N VAL A 467 -31.00 15.83 36.57
CA VAL A 467 -30.73 14.39 36.64
C VAL A 467 -29.94 13.97 37.88
N GLY A 468 -29.14 14.89 38.41
CA GLY A 468 -28.26 14.57 39.54
C GLY A 468 -27.10 13.72 39.08
N VAL A 469 -26.65 13.96 37.83
CA VAL A 469 -25.58 13.26 37.16
C VAL A 469 -24.53 14.29 36.73
N VAL A 470 -23.25 14.01 36.96
CA VAL A 470 -22.19 14.96 36.72
C VAL A 470 -21.12 14.34 35.81
N GLU A 471 -20.66 15.11 34.80
CA GLU A 471 -19.61 14.73 33.87
C GLU A 471 -18.33 14.40 34.65
N PRO A 472 -17.73 13.22 34.37
CA PRO A 472 -16.49 12.84 35.07
C PRO A 472 -15.27 13.66 34.65
N VAL A 473 -15.32 14.25 33.43
CA VAL A 473 -14.28 15.08 32.83
C VAL A 473 -14.92 16.32 32.17
N PRO A 474 -14.27 17.50 32.28
CA PRO A 474 -14.86 18.72 31.72
C PRO A 474 -14.94 18.71 30.20
N HIS A 475 -16.10 19.16 29.67
CA HIS A 475 -16.37 19.22 28.24
C HIS A 475 -16.61 20.64 27.76
N ASP A 476 -15.79 21.10 26.81
CA ASP A 476 -15.96 22.42 26.25
C ASP A 476 -16.97 22.39 25.06
N GLU A 477 -17.07 23.49 24.28
CA GLU A 477 -18.03 23.55 23.19
C GLU A 477 -17.62 22.81 21.93
N THR A 478 -16.52 22.05 21.97
CA THR A 478 -16.17 21.20 20.82
C THR A 478 -16.93 19.87 20.90
N TYR A 479 -17.53 19.55 22.06
CA TYR A 479 -18.28 18.33 22.28
C TYR A 479 -19.74 18.55 21.89
N CYS A 480 -20.48 17.46 21.75
CA CYS A 480 -21.92 17.50 21.50
C CYS A 480 -22.46 16.23 22.10
N ASP A 481 -22.35 16.12 23.42
CA ASP A 481 -22.79 14.98 24.18
C ASP A 481 -24.23 14.59 23.92
N PRO A 482 -25.20 15.52 23.68
CA PRO A 482 -26.56 15.06 23.33
C PRO A 482 -26.57 14.18 22.09
N ALA A 483 -25.90 14.61 21.02
CA ALA A 483 -25.82 13.88 19.75
C ALA A 483 -25.16 12.50 19.85
N SER A 484 -24.42 12.22 20.93
CA SER A 484 -23.82 10.90 21.13
C SER A 484 -24.87 9.80 21.50
N LEU A 485 -26.18 10.14 21.56
CA LEU A 485 -27.29 9.22 21.84
C LEU A 485 -28.10 9.13 20.55
N PHE A 486 -28.55 7.90 20.20
CA PHE A 486 -29.26 7.59 18.96
C PHE A 486 -30.35 8.59 18.57
N HIS A 487 -31.33 8.83 19.44
CA HIS A 487 -32.45 9.68 19.11
C HIS A 487 -32.05 11.11 18.81
N VAL A 488 -30.95 11.60 19.40
CA VAL A 488 -30.55 12.99 19.16
C VAL A 488 -29.93 13.15 17.80
N SER A 489 -28.97 12.28 17.45
CA SER A 489 -28.33 12.37 16.14
C SER A 489 -29.16 11.75 14.99
N ASN A 490 -30.19 10.97 15.33
CA ASN A 490 -31.04 10.35 14.31
C ASN A 490 -32.42 11.04 14.16
N ASP A 491 -32.59 12.25 14.75
CA ASP A 491 -33.76 13.11 14.57
C ASP A 491 -35.10 12.47 15.00
N TYR A 492 -35.19 12.06 16.28
CA TYR A 492 -36.40 11.48 16.82
C TYR A 492 -36.78 12.22 18.06
N SER A 493 -38.07 12.57 18.25
CA SER A 493 -38.50 13.21 19.50
C SER A 493 -38.31 12.24 20.68
N PHE A 494 -37.97 12.76 21.85
CA PHE A 494 -37.70 11.91 23.01
C PHE A 494 -38.77 11.95 24.08
N ILE A 495 -39.68 12.94 24.06
CA ILE A 495 -40.69 13.07 25.11
C ILE A 495 -41.72 11.92 25.08
N ARG A 496 -41.77 11.15 23.97
CA ARG A 496 -42.61 9.95 23.87
C ARG A 496 -42.29 8.97 24.97
N TYR A 497 -41.02 8.87 25.37
CA TYR A 497 -40.58 7.96 26.41
C TYR A 497 -41.04 8.39 27.82
N TYR A 498 -41.24 9.70 28.01
CA TYR A 498 -41.74 10.24 29.27
C TYR A 498 -43.25 10.02 29.32
N THR A 499 -44.00 10.43 28.26
CA THR A 499 -45.46 10.25 28.22
C THR A 499 -45.87 8.81 28.24
N ARG A 500 -45.17 7.94 27.49
CA ARG A 500 -45.49 6.51 27.47
C ARG A 500 -45.34 5.90 28.86
N THR A 501 -44.34 6.37 29.64
CA THR A 501 -44.09 5.83 30.96
C THR A 501 -45.28 6.07 31.88
N LEU A 502 -45.90 7.25 31.79
CA LEU A 502 -47.06 7.59 32.60
C LEU A 502 -48.30 6.88 32.08
N TYR A 503 -48.49 6.80 30.72
CA TYR A 503 -49.63 6.12 30.12
C TYR A 503 -49.63 4.66 30.53
N GLN A 504 -48.46 4.00 30.53
CA GLN A 504 -48.39 2.57 30.81
C GLN A 504 -48.99 2.18 32.14
N PHE A 505 -48.83 3.02 33.18
CA PHE A 505 -49.40 2.68 34.47
C PHE A 505 -50.89 3.01 34.55
N GLN A 506 -51.39 3.91 33.69
CA GLN A 506 -52.82 4.22 33.61
C GLN A 506 -53.53 3.05 32.95
N PHE A 507 -52.96 2.56 31.86
CA PHE A 507 -53.45 1.42 31.13
C PHE A 507 -53.34 0.17 31.99
N GLN A 508 -52.20 -0.05 32.69
CA GLN A 508 -52.06 -1.24 33.52
C GLN A 508 -53.11 -1.26 34.64
N GLU A 509 -53.37 -0.10 35.23
CA GLU A 509 -54.35 0.03 36.29
C GLU A 509 -55.74 -0.35 35.80
N ALA A 510 -56.09 0.12 34.58
CA ALA A 510 -57.38 -0.12 33.92
C ALA A 510 -57.52 -1.58 33.50
N LEU A 511 -56.43 -2.16 33.00
CA LEU A 511 -56.39 -3.54 32.53
C LEU A 511 -56.49 -4.53 33.68
N CYS A 512 -55.87 -4.22 34.83
CA CYS A 512 -55.96 -5.09 36.00
C CYS A 512 -57.32 -5.03 36.67
N GLN A 513 -57.98 -3.86 36.59
CA GLN A 513 -59.34 -3.67 37.06
C GLN A 513 -60.27 -4.58 36.24
N ALA A 514 -60.03 -4.66 34.91
CA ALA A 514 -60.77 -5.52 33.97
C ALA A 514 -60.51 -7.00 34.26
N ALA A 515 -59.30 -7.33 34.73
CA ALA A 515 -58.92 -8.70 35.07
C ALA A 515 -59.32 -9.09 36.51
N LYS A 516 -60.12 -8.25 37.21
CA LYS A 516 -60.56 -8.47 38.60
C LYS A 516 -59.38 -8.81 39.54
N HIS A 517 -58.26 -8.09 39.37
CA HIS A 517 -57.04 -8.32 40.13
C HIS A 517 -57.15 -7.78 41.55
N GLU A 518 -56.83 -8.62 42.54
CA GLU A 518 -56.88 -8.19 43.91
C GLU A 518 -55.48 -7.98 44.41
N GLY A 519 -55.23 -6.83 45.00
CA GLY A 519 -53.93 -6.54 45.56
C GLY A 519 -53.15 -5.49 44.83
N PRO A 520 -51.85 -5.37 45.19
CA PRO A 520 -50.99 -4.35 44.59
C PRO A 520 -50.90 -4.43 43.09
N LEU A 521 -50.84 -3.27 42.43
CA LEU A 521 -50.72 -3.18 41.00
C LEU A 521 -49.47 -3.90 40.46
N HIS A 522 -48.37 -3.91 41.23
CA HIS A 522 -47.15 -4.58 40.80
C HIS A 522 -47.21 -6.10 40.82
N LYS A 523 -48.24 -6.67 41.47
CA LYS A 523 -48.42 -8.12 41.52
C LYS A 523 -49.38 -8.62 40.43
N CYS A 524 -49.78 -7.75 39.47
CA CYS A 524 -50.73 -8.04 38.42
C CYS A 524 -50.11 -8.63 37.16
N ASP A 525 -50.74 -9.69 36.65
CA ASP A 525 -50.34 -10.30 35.40
C ASP A 525 -51.63 -10.45 34.64
N ILE A 526 -51.75 -9.80 33.47
CA ILE A 526 -52.97 -9.89 32.68
C ILE A 526 -53.07 -11.17 31.85
N SER A 527 -52.13 -12.12 31.99
CA SER A 527 -52.15 -13.38 31.26
C SER A 527 -53.43 -14.13 31.55
N ASN A 528 -53.92 -14.87 30.56
CA ASN A 528 -55.14 -15.68 30.61
C ASN A 528 -56.40 -14.84 30.96
N SER A 529 -56.36 -13.52 30.68
CA SER A 529 -57.51 -12.64 30.88
C SER A 529 -57.96 -12.09 29.56
N THR A 530 -59.06 -12.63 29.04
CA THR A 530 -59.63 -12.13 27.79
C THR A 530 -60.43 -10.82 27.97
N GLU A 531 -60.86 -10.52 29.21
CA GLU A 531 -61.56 -9.30 29.55
C GLU A 531 -60.59 -8.13 29.37
N ALA A 532 -59.36 -8.29 29.89
CA ALA A 532 -58.28 -7.32 29.78
C ALA A 532 -57.84 -7.18 28.32
N GLY A 533 -57.76 -8.32 27.62
CA GLY A 533 -57.39 -8.36 26.21
C GLY A 533 -58.40 -7.63 25.36
N GLN A 534 -59.72 -7.80 25.64
CA GLN A 534 -60.76 -7.10 24.88
C GLN A 534 -60.69 -5.61 25.10
N LYS A 535 -60.58 -5.16 26.37
CA LYS A 535 -60.47 -3.74 26.69
C LYS A 535 -59.29 -3.08 25.97
N LEU A 536 -58.19 -3.82 25.84
CA LEU A 536 -57.01 -3.32 25.16
C LEU A 536 -57.22 -3.31 23.65
N PHE A 537 -57.73 -4.42 23.08
CA PHE A 537 -57.99 -4.57 21.64
C PHE A 537 -58.92 -3.49 21.10
N ASN A 538 -59.97 -3.12 21.84
CA ASN A 538 -60.89 -2.08 21.41
C ASN A 538 -60.20 -0.73 21.19
N MET A 539 -59.08 -0.50 21.87
CA MET A 539 -58.29 0.72 21.74
C MET A 539 -57.24 0.58 20.64
N LEU A 540 -56.70 -0.63 20.50
CA LEU A 540 -55.68 -0.98 19.54
C LEU A 540 -56.21 -0.91 18.13
N ARG A 541 -57.43 -1.46 17.91
CA ARG A 541 -58.03 -1.42 16.58
C ARG A 541 -58.41 -0.01 16.13
N LEU A 542 -58.56 0.94 17.06
CA LEU A 542 -58.92 2.32 16.78
C LEU A 542 -57.83 3.15 16.06
N GLY A 543 -56.55 2.81 16.20
CA GLY A 543 -55.47 3.56 15.57
C GLY A 543 -55.45 5.04 15.93
N LYS A 544 -55.43 5.91 14.94
CA LYS A 544 -55.49 7.37 15.08
C LYS A 544 -56.87 7.91 14.69
N SER A 545 -57.90 7.06 14.60
CA SER A 545 -59.24 7.51 14.24
C SER A 545 -59.89 8.41 15.30
N GLU A 546 -59.43 8.35 16.55
CA GLU A 546 -59.95 9.24 17.60
C GLU A 546 -58.78 10.01 18.25
N PRO A 547 -59.02 11.28 18.64
CA PRO A 547 -57.95 12.07 19.31
C PRO A 547 -57.41 11.35 20.54
N TRP A 548 -56.14 11.49 20.84
CA TRP A 548 -55.52 10.76 21.95
C TRP A 548 -56.18 11.02 23.27
N THR A 549 -56.71 12.24 23.48
CA THR A 549 -57.38 12.56 24.74
C THR A 549 -58.63 11.67 24.90
N LEU A 550 -59.35 11.42 23.80
CA LEU A 550 -60.51 10.55 23.78
C LEU A 550 -60.09 9.07 23.82
N ALA A 551 -59.08 8.68 23.03
CA ALA A 551 -58.57 7.31 22.98
C ALA A 551 -58.12 6.81 24.34
N LEU A 552 -57.43 7.70 25.12
CA LEU A 552 -56.94 7.42 26.48
C LEU A 552 -58.12 7.29 27.42
N GLU A 553 -59.08 8.23 27.34
CA GLU A 553 -60.28 8.24 28.17
C GLU A 553 -61.13 6.97 27.99
N ASN A 554 -61.23 6.45 26.76
CA ASN A 554 -62.01 5.25 26.50
C ASN A 554 -61.51 3.99 27.26
N VAL A 555 -60.24 4.00 27.67
CA VAL A 555 -59.65 2.88 28.38
C VAL A 555 -59.49 3.20 29.85
N VAL A 556 -58.96 4.38 30.18
CA VAL A 556 -58.65 4.71 31.58
C VAL A 556 -59.65 5.69 32.28
N GLY A 557 -60.55 6.30 31.53
CA GLY A 557 -61.51 7.23 32.09
C GLY A 557 -60.94 8.60 32.42
N ALA A 558 -59.83 8.97 31.80
CA ALA A 558 -59.19 10.25 32.02
C ALA A 558 -58.71 10.73 30.66
N LYS A 559 -59.05 11.97 30.30
CA LYS A 559 -58.61 12.52 29.00
C LYS A 559 -57.21 13.17 29.08
N ASN A 560 -56.39 12.85 30.10
CA ASN A 560 -55.05 13.39 30.23
C ASN A 560 -54.15 12.46 31.04
N MET A 561 -52.85 12.52 30.73
CA MET A 561 -51.73 11.84 31.34
C MET A 561 -51.74 12.14 32.85
N ASN A 562 -51.57 11.09 33.67
CA ASN A 562 -51.62 11.18 35.14
C ASN A 562 -50.49 10.40 35.82
N VAL A 563 -49.81 11.03 36.77
CA VAL A 563 -48.69 10.41 37.47
C VAL A 563 -49.11 9.49 38.65
N ARG A 564 -50.36 9.62 39.14
CA ARG A 564 -50.88 8.83 40.26
C ARG A 564 -50.69 7.31 40.11
N PRO A 565 -51.10 6.65 39.01
CA PRO A 565 -50.88 5.18 38.91
C PRO A 565 -49.42 4.76 38.97
N LEU A 566 -48.50 5.57 38.41
CA LEU A 566 -47.06 5.27 38.46
C LEU A 566 -46.58 5.30 39.91
N LEU A 567 -47.02 6.30 40.67
CA LEU A 567 -46.63 6.42 42.06
C LEU A 567 -47.21 5.33 42.93
N ASN A 568 -48.45 4.89 42.65
CA ASN A 568 -49.06 3.79 43.41
C ASN A 568 -48.33 2.47 43.15
N TYR A 569 -47.77 2.30 41.95
CA TYR A 569 -47.06 1.09 41.60
C TYR A 569 -45.80 0.98 42.47
N PHE A 570 -45.06 2.10 42.62
CA PHE A 570 -43.83 2.12 43.38
C PHE A 570 -43.98 2.49 44.84
N GLU A 571 -45.22 2.59 45.36
CA GLU A 571 -45.43 2.95 46.77
C GLU A 571 -44.66 2.08 47.77
N PRO A 572 -44.72 0.72 47.70
CA PRO A 572 -43.95 -0.07 48.69
C PRO A 572 -42.45 0.23 48.66
N LEU A 573 -41.90 0.46 47.48
CA LEU A 573 -40.48 0.78 47.34
C LEU A 573 -40.18 2.18 47.87
N PHE A 574 -41.09 3.14 47.66
CA PHE A 574 -40.91 4.51 48.13
C PHE A 574 -40.79 4.54 49.64
N THR A 575 -41.66 3.83 50.34
CA THR A 575 -41.62 3.82 51.79
C THR A 575 -40.38 3.04 52.32
N TRP A 576 -39.86 2.09 51.54
CA TRP A 576 -38.67 1.32 51.89
C TRP A 576 -37.44 2.20 51.77
N LEU A 577 -37.24 2.83 50.59
CA LEU A 577 -36.15 3.74 50.30
C LEU A 577 -36.11 4.88 51.28
N LYS A 578 -37.27 5.35 51.76
CA LYS A 578 -37.36 6.44 52.72
C LYS A 578 -36.65 6.05 54.00
N ASP A 579 -36.88 4.80 54.47
CA ASP A 579 -36.24 4.30 55.68
C ASP A 579 -34.76 3.99 55.44
N GLN A 580 -34.40 3.49 54.26
CA GLN A 580 -32.99 3.22 53.96
C GLN A 580 -32.19 4.52 53.94
N ASN A 581 -32.79 5.61 53.49
CA ASN A 581 -32.12 6.89 53.40
C ASN A 581 -32.38 7.77 54.63
N LYS A 582 -32.68 7.17 55.80
CA LYS A 582 -32.99 7.96 56.98
C LYS A 582 -31.78 8.73 57.49
N ASN A 583 -30.59 8.13 57.40
CA ASN A 583 -29.36 8.81 57.80
C ASN A 583 -28.48 9.20 56.61
N SER A 584 -29.05 9.20 55.41
CA SER A 584 -28.41 9.54 54.17
C SER A 584 -28.82 10.97 53.76
N PHE A 585 -28.10 11.52 52.81
CA PHE A 585 -28.44 12.79 52.20
C PHE A 585 -29.42 12.47 51.07
N VAL A 586 -30.53 13.20 50.98
CA VAL A 586 -31.46 13.00 49.87
C VAL A 586 -31.42 14.28 49.04
N GLY A 587 -30.98 14.15 47.82
CA GLY A 587 -30.72 15.28 46.96
C GLY A 587 -29.25 15.35 46.63
N TRP A 588 -28.86 16.38 45.89
CA TRP A 588 -27.47 16.48 45.44
C TRP A 588 -26.97 17.90 45.32
N SER A 589 -25.67 18.05 45.44
CA SER A 589 -25.01 19.31 45.30
C SER A 589 -24.49 19.34 43.87
N THR A 590 -24.85 20.40 43.14
CA THR A 590 -24.38 20.55 41.77
C THR A 590 -22.93 21.09 41.69
N ASP A 591 -22.23 21.25 42.83
CA ASP A 591 -20.88 21.80 42.84
C ASP A 591 -19.79 20.72 42.88
N TRP A 592 -20.11 19.53 43.43
CA TRP A 592 -19.15 18.44 43.45
C TRP A 592 -18.99 17.89 42.05
N SER A 593 -17.75 17.61 41.67
CA SER A 593 -17.42 17.00 40.38
C SER A 593 -16.23 16.06 40.55
N PRO A 594 -16.23 14.90 39.86
CA PRO A 594 -15.10 13.99 39.98
C PRO A 594 -13.72 14.62 39.69
N TYR A 595 -13.68 15.68 38.91
CA TYR A 595 -12.44 16.34 38.55
C TYR A 595 -12.09 17.59 39.37
N ALA A 596 -12.82 17.87 40.44
CA ALA A 596 -12.55 19.05 41.28
C ALA A 596 -11.40 18.83 42.27
N ASP A 597 -10.31 19.63 42.14
CA ASP A 597 -9.14 19.68 43.03
C ASP A 597 -8.07 20.68 42.52
N THR B 2 27.74 27.07 15.89
CA THR B 2 27.50 27.43 14.48
C THR B 2 26.00 27.36 14.13
N ILE B 3 25.57 28.12 13.11
CA ILE B 3 24.15 28.11 12.73
C ILE B 3 23.91 27.34 11.45
N GLU B 4 24.72 27.55 10.39
CA GLU B 4 24.52 26.80 9.15
C GLU B 4 24.83 25.32 9.40
N GLU B 5 25.90 25.01 10.14
CA GLU B 5 26.22 23.61 10.45
C GLU B 5 25.18 22.97 11.40
N GLN B 6 24.46 23.79 12.19
CA GLN B 6 23.37 23.41 13.07
C GLN B 6 22.15 23.05 12.20
N ALA B 7 21.89 23.84 11.15
CA ALA B 7 20.80 23.60 10.20
C ALA B 7 21.07 22.38 9.30
N LYS B 8 22.37 22.06 9.08
CA LYS B 8 22.80 20.91 8.29
C LYS B 8 22.53 19.63 9.05
N THR B 9 22.83 19.57 10.36
CA THR B 9 22.55 18.34 11.12
C THR B 9 21.04 18.15 11.33
N PHE B 10 20.23 19.23 11.30
CA PHE B 10 18.77 19.07 11.38
C PHE B 10 18.30 18.37 10.09
N LEU B 11 18.82 18.82 8.94
CA LEU B 11 18.51 18.23 7.65
C LEU B 11 18.98 16.78 7.54
N ASP B 12 20.03 16.40 8.30
CA ASP B 12 20.53 15.03 8.33
C ASP B 12 19.59 14.14 9.11
N LYS B 13 19.04 14.66 10.23
CA LYS B 13 18.06 13.93 11.05
C LYS B 13 16.80 13.75 10.22
N PHE B 14 16.35 14.82 9.53
CA PHE B 14 15.16 14.78 8.72
C PHE B 14 15.27 13.73 7.62
N ASN B 15 16.35 13.78 6.82
CA ASN B 15 16.56 12.83 5.72
C ASN B 15 16.58 11.38 6.21
N HIS B 16 17.07 11.16 7.43
CA HIS B 16 17.14 9.85 8.04
C HIS B 16 15.75 9.29 8.39
N GLU B 17 14.94 10.06 9.14
CA GLU B 17 13.61 9.64 9.60
C GLU B 17 12.56 9.61 8.51
N ALA B 18 12.76 10.39 7.43
CA ALA B 18 11.80 10.49 6.35
C ALA B 18 11.67 9.23 5.50
N GLU B 19 12.75 8.43 5.41
CA GLU B 19 12.76 7.20 4.63
C GLU B 19 11.58 6.25 4.92
N ASP B 20 11.41 5.85 6.19
CA ASP B 20 10.34 4.93 6.58
C ASP B 20 8.96 5.59 6.61
N LEU B 21 8.87 6.83 7.12
CA LEU B 21 7.59 7.53 7.19
C LEU B 21 6.97 7.79 5.83
N PHE B 22 7.79 8.07 4.82
CA PHE B 22 7.33 8.31 3.47
C PHE B 22 6.96 6.99 2.81
N TYR B 23 7.85 5.98 2.89
CA TYR B 23 7.59 4.69 2.27
C TYR B 23 6.32 4.02 2.79
N GLN B 24 6.07 4.04 4.09
CA GLN B 24 4.87 3.41 4.64
C GLN B 24 3.61 4.11 4.14
N SER B 25 3.66 5.46 4.05
CA SER B 25 2.56 6.30 3.59
C SER B 25 2.26 6.04 2.13
N SER B 26 3.33 5.92 1.32
CA SER B 26 3.23 5.66 -0.11
C SER B 26 2.78 4.22 -0.36
N LEU B 27 3.37 3.25 0.33
CA LEU B 27 3.01 1.85 0.14
C LEU B 27 1.57 1.59 0.51
N ALA B 28 1.04 2.30 1.53
CA ALA B 28 -0.36 2.13 1.91
C ALA B 28 -1.24 2.74 0.81
N SER B 29 -0.88 3.94 0.32
CA SER B 29 -1.58 4.62 -0.77
C SER B 29 -1.68 3.69 -2.01
N TRP B 30 -0.57 3.11 -2.44
CA TRP B 30 -0.52 2.16 -3.54
C TRP B 30 -1.41 0.95 -3.25
N ASN B 31 -1.24 0.33 -2.09
CA ASN B 31 -2.01 -0.87 -1.73
C ASN B 31 -3.50 -0.68 -1.79
N TYR B 32 -4.00 0.58 -1.67
CA TYR B 32 -5.41 0.92 -1.76
C TYR B 32 -5.80 1.11 -3.22
N ASN B 33 -4.98 1.84 -3.97
CA ASN B 33 -5.24 2.14 -5.38
C ASN B 33 -5.19 0.90 -6.27
N THR B 34 -4.45 -0.13 -5.89
CA THR B 34 -4.42 -1.39 -6.63
C THR B 34 -5.49 -2.40 -6.14
N ASN B 35 -6.01 -2.22 -4.93
CA ASN B 35 -6.97 -3.15 -4.32
C ASN B 35 -7.88 -2.33 -3.41
N ILE B 36 -8.90 -1.71 -4.00
CA ILE B 36 -9.87 -0.84 -3.32
C ILE B 36 -10.77 -1.60 -2.36
N THR B 37 -10.47 -1.46 -1.05
CA THR B 37 -11.21 -2.04 0.07
C THR B 37 -11.27 -1.02 1.24
N GLU B 38 -12.19 -1.23 2.20
CA GLU B 38 -12.30 -0.35 3.36
C GLU B 38 -11.10 -0.56 4.30
N GLU B 39 -10.59 -1.80 4.40
CA GLU B 39 -9.41 -2.09 5.20
C GLU B 39 -8.20 -1.34 4.63
N ASN B 40 -8.06 -1.33 3.30
CA ASN B 40 -6.94 -0.65 2.65
C ASN B 40 -7.06 0.86 2.66
N VAL B 41 -8.28 1.42 2.63
CA VAL B 41 -8.45 2.87 2.69
C VAL B 41 -8.07 3.41 4.06
N GLN B 42 -8.37 2.64 5.13
CA GLN B 42 -8.03 3.04 6.49
C GLN B 42 -6.53 2.92 6.73
N ASN B 43 -5.88 1.88 6.17
CA ASN B 43 -4.43 1.70 6.27
C ASN B 43 -3.72 2.88 5.59
N MET B 44 -4.23 3.29 4.40
CA MET B 44 -3.71 4.40 3.63
C MET B 44 -3.81 5.71 4.40
N ASN B 45 -4.92 5.92 5.11
CA ASN B 45 -5.16 7.11 5.91
C ASN B 45 -4.28 7.13 7.14
N ASN B 46 -4.08 5.98 7.80
CA ASN B 46 -3.25 5.90 9.00
C ASN B 46 -1.81 6.28 8.67
N ALA B 47 -1.22 5.65 7.65
CA ALA B 47 0.14 5.89 7.23
C ALA B 47 0.35 7.31 6.72
N GLY B 48 -0.64 7.81 5.99
CA GLY B 48 -0.60 9.16 5.45
C GLY B 48 -0.65 10.21 6.54
N ASP B 49 -1.40 9.93 7.62
CA ASP B 49 -1.52 10.84 8.77
C ASP B 49 -0.23 10.88 9.56
N LYS B 50 0.51 9.75 9.62
CA LYS B 50 1.79 9.67 10.30
C LYS B 50 2.80 10.55 9.52
N TRP B 51 2.78 10.47 8.18
CA TRP B 51 3.66 11.26 7.32
C TRP B 51 3.38 12.75 7.47
N SER B 52 2.10 13.13 7.49
CA SER B 52 1.69 14.52 7.64
C SER B 52 2.12 15.07 9.00
N ALA B 53 2.02 14.26 10.07
CA ALA B 53 2.41 14.68 11.42
C ALA B 53 3.91 14.92 11.51
N PHE B 54 4.71 14.07 10.84
CA PHE B 54 6.15 14.21 10.80
C PHE B 54 6.50 15.48 10.06
N LEU B 55 5.85 15.71 8.92
CA LEU B 55 6.05 16.91 8.11
C LEU B 55 5.65 18.16 8.88
N LYS B 56 4.54 18.13 9.64
CA LYS B 56 4.13 19.29 10.42
C LYS B 56 5.08 19.56 11.58
N GLU B 57 5.72 18.50 12.14
CA GLU B 57 6.69 18.67 13.22
C GLU B 57 7.96 19.32 12.66
N GLN B 58 8.57 18.70 11.62
CA GLN B 58 9.79 19.23 11.02
C GLN B 58 9.59 20.58 10.32
N SER B 59 8.35 20.91 9.91
CA SER B 59 8.04 22.21 9.31
C SER B 59 8.23 23.29 10.37
N THR B 60 7.59 23.14 11.53
CA THR B 60 7.71 24.09 12.64
C THR B 60 9.13 24.14 13.21
N LEU B 61 9.86 23.03 13.14
CA LEU B 61 11.24 22.96 13.61
C LEU B 61 12.14 23.74 12.64
N ALA B 62 11.90 23.64 11.33
CA ALA B 62 12.67 24.34 10.30
C ALA B 62 12.53 25.86 10.36
N GLN B 63 11.47 26.38 11.01
CA GLN B 63 11.21 27.80 11.11
C GLN B 63 12.29 28.60 11.84
N MET B 64 12.95 27.99 12.85
CA MET B 64 13.98 28.70 13.60
C MET B 64 15.30 28.89 12.85
N TYR B 65 15.37 28.52 11.57
CA TYR B 65 16.58 28.69 10.79
C TYR B 65 16.28 29.71 9.70
N PRO B 66 16.60 31.00 9.95
CA PRO B 66 16.32 32.04 8.94
C PRO B 66 17.13 31.78 7.68
N LEU B 67 16.45 31.44 6.57
CA LEU B 67 17.12 31.11 5.31
C LEU B 67 17.95 32.29 4.71
N GLN B 68 17.93 33.46 5.35
CA GLN B 68 18.73 34.61 4.95
C GLN B 68 20.18 34.40 5.45
N GLU B 69 20.35 33.82 6.66
CA GLU B 69 21.67 33.52 7.24
C GLU B 69 22.25 32.19 6.75
N ILE B 70 21.81 31.72 5.57
CA ILE B 70 22.30 30.47 5.00
C ILE B 70 22.92 30.74 3.63
N GLN B 71 24.22 30.46 3.51
CA GLN B 71 24.94 30.68 2.27
C GLN B 71 24.84 29.49 1.33
N ASN B 72 24.90 28.26 1.87
CA ASN B 72 24.82 27.04 1.07
C ASN B 72 23.43 26.89 0.42
N LEU B 73 23.36 26.97 -0.92
CA LEU B 73 22.11 26.88 -1.69
C LEU B 73 21.36 25.55 -1.49
N THR B 74 22.09 24.43 -1.40
CA THR B 74 21.48 23.11 -1.23
C THR B 74 20.70 23.03 0.07
N VAL B 75 21.30 23.54 1.16
CA VAL B 75 20.62 23.49 2.45
C VAL B 75 19.52 24.56 2.51
N LYS B 76 19.73 25.73 1.87
CA LYS B 76 18.73 26.80 1.82
C LYS B 76 17.46 26.35 1.13
N LEU B 77 17.59 25.61 0.00
CA LEU B 77 16.45 25.13 -0.77
C LEU B 77 15.67 24.05 -0.04
N GLN B 78 16.36 23.20 0.73
CA GLN B 78 15.71 22.15 1.51
C GLN B 78 14.95 22.78 2.66
N LEU B 79 15.55 23.77 3.32
CA LEU B 79 14.93 24.47 4.42
C LEU B 79 13.72 25.26 3.92
N GLN B 80 13.86 25.92 2.76
CA GLN B 80 12.79 26.72 2.14
C GLN B 80 11.54 25.86 1.86
N ALA B 81 11.75 24.63 1.36
CA ALA B 81 10.66 23.71 1.06
C ALA B 81 10.01 23.13 2.31
N LEU B 82 10.77 22.99 3.40
CA LEU B 82 10.24 22.44 4.63
C LEU B 82 9.44 23.46 5.42
N GLN B 83 9.79 24.76 5.34
CA GLN B 83 9.07 25.77 6.11
C GLN B 83 7.80 26.30 5.38
N GLN B 84 7.28 25.51 4.44
CA GLN B 84 6.03 25.81 3.76
C GLN B 84 4.92 25.23 4.64
N ASN B 85 3.93 26.04 5.01
CA ASN B 85 2.87 25.58 5.91
C ASN B 85 1.73 24.83 5.21
N GLY B 86 1.27 25.36 4.07
CA GLY B 86 0.17 24.75 3.32
C GLY B 86 -1.15 24.65 4.06
N SER B 87 -1.72 23.45 4.12
CA SER B 87 -3.01 23.19 4.78
C SER B 87 -2.97 23.27 6.31
N SER B 88 -1.76 23.11 6.91
CA SER B 88 -1.57 23.16 8.37
C SER B 88 -1.88 24.54 8.98
N VAL B 89 -1.93 25.58 8.14
CA VAL B 89 -2.27 26.95 8.56
C VAL B 89 -3.75 27.09 9.02
N LEU B 90 -4.61 26.11 8.67
CA LEU B 90 -6.02 26.09 9.00
C LEU B 90 -6.28 25.53 10.38
N SER B 91 -7.40 25.96 11.00
CA SER B 91 -7.80 25.43 12.30
C SER B 91 -8.14 23.94 12.16
N GLU B 92 -8.09 23.18 13.26
CA GLU B 92 -8.39 21.75 13.23
C GLU B 92 -9.73 21.41 12.56
N ASP B 93 -10.80 22.17 12.89
CA ASP B 93 -12.13 21.98 12.32
C ASP B 93 -12.17 22.25 10.83
N LYS B 94 -11.43 23.27 10.38
CA LYS B 94 -11.38 23.62 8.97
C LYS B 94 -10.54 22.64 8.18
N SER B 95 -9.46 22.10 8.76
CA SER B 95 -8.65 21.09 8.09
C SER B 95 -9.46 19.81 7.94
N LYS B 96 -10.23 19.43 8.99
CA LYS B 96 -11.09 18.25 8.95
C LYS B 96 -12.20 18.43 7.90
N ARG B 97 -12.89 19.60 7.90
CA ARG B 97 -13.96 19.90 6.95
C ARG B 97 -13.48 19.90 5.50
N LEU B 98 -12.32 20.52 5.24
CA LEU B 98 -11.77 20.58 3.90
C LEU B 98 -11.42 19.20 3.39
N ASN B 99 -10.82 18.36 4.24
CA ASN B 99 -10.48 16.99 3.82
C ASN B 99 -11.74 16.15 3.58
N THR B 100 -12.81 16.44 4.32
CA THR B 100 -14.09 15.77 4.14
C THR B 100 -14.64 16.10 2.74
N ILE B 101 -14.65 17.39 2.37
CA ILE B 101 -15.13 17.84 1.06
C ILE B 101 -14.28 17.22 -0.05
N LEU B 102 -12.95 17.24 0.10
CA LEU B 102 -12.06 16.67 -0.89
C LEU B 102 -12.30 15.18 -1.12
N ASN B 103 -12.49 14.41 -0.04
CA ASN B 103 -12.74 12.97 -0.16
C ASN B 103 -14.12 12.71 -0.73
N THR B 104 -15.13 13.51 -0.34
CA THR B 104 -16.49 13.37 -0.83
C THR B 104 -16.55 13.65 -2.35
N MET B 105 -15.88 14.71 -2.81
CA MET B 105 -15.84 15.04 -4.23
C MET B 105 -15.12 13.93 -4.99
N SER B 106 -14.04 13.40 -4.43
CA SER B 106 -13.27 12.34 -5.06
C SER B 106 -14.08 11.06 -5.21
N THR B 107 -14.86 10.67 -4.19
CA THR B 107 -15.65 9.45 -4.27
C THR B 107 -16.92 9.65 -5.08
N ILE B 108 -17.47 10.89 -5.17
CA ILE B 108 -18.63 11.14 -6.03
C ILE B 108 -18.21 10.92 -7.48
N TYR B 109 -17.05 11.44 -7.85
CA TYR B 109 -16.53 11.28 -9.19
C TYR B 109 -16.24 9.79 -9.52
N SER B 110 -15.56 9.07 -8.61
CA SER B 110 -15.18 7.67 -8.88
C SER B 110 -16.31 6.64 -8.75
N THR B 111 -17.40 6.99 -8.05
CA THR B 111 -18.52 6.07 -7.87
C THR B 111 -19.84 6.56 -8.46
N GLY B 112 -19.82 7.71 -9.13
CA GLY B 112 -20.99 8.29 -9.73
C GLY B 112 -21.43 7.48 -10.91
N LYS B 113 -22.74 7.19 -10.95
CA LYS B 113 -23.33 6.38 -12.00
C LYS B 113 -24.60 7.00 -12.53
N VAL B 114 -24.81 6.90 -13.86
CA VAL B 114 -26.03 7.35 -14.52
C VAL B 114 -26.91 6.11 -14.71
N CYS B 115 -28.21 6.24 -14.42
CA CYS B 115 -29.11 5.07 -14.45
C CYS B 115 -30.31 5.25 -15.34
N ASN B 116 -30.98 4.11 -15.63
CA ASN B 116 -32.23 4.10 -16.37
C ASN B 116 -33.30 4.50 -15.37
N PRO B 117 -34.16 5.47 -15.72
CA PRO B 117 -35.19 5.92 -14.76
C PRO B 117 -36.21 4.84 -14.40
N ASP B 118 -36.56 3.97 -15.37
CA ASP B 118 -37.51 2.88 -15.13
C ASP B 118 -36.87 1.56 -14.67
N ASN B 119 -35.53 1.52 -14.57
CA ASN B 119 -34.76 0.36 -14.12
C ASN B 119 -33.52 0.89 -13.44
N PRO B 120 -33.62 1.25 -12.16
CA PRO B 120 -32.48 1.83 -11.45
C PRO B 120 -31.28 0.91 -11.26
N GLN B 121 -31.46 -0.41 -11.43
CA GLN B 121 -30.37 -1.36 -11.32
C GLN B 121 -29.46 -1.31 -12.57
N GLU B 122 -30.02 -0.93 -13.74
CA GLU B 122 -29.27 -0.81 -15.00
C GLU B 122 -28.53 0.53 -15.01
N CYS B 123 -27.23 0.54 -14.67
CA CYS B 123 -26.45 1.78 -14.57
C CYS B 123 -25.11 1.72 -15.31
N LEU B 124 -24.49 2.89 -15.50
CA LEU B 124 -23.18 3.01 -16.14
C LEU B 124 -22.28 3.85 -15.27
N LEU B 125 -20.99 3.50 -15.16
CA LEU B 125 -20.03 4.36 -14.45
C LEU B 125 -19.30 5.20 -15.50
N LEU B 126 -18.57 6.27 -15.11
CA LEU B 126 -17.80 7.07 -16.06
C LEU B 126 -16.78 6.19 -16.76
N GLU B 127 -16.01 5.42 -16.00
CA GLU B 127 -15.07 4.48 -16.58
C GLU B 127 -15.51 3.07 -16.19
N PRO B 128 -15.79 2.20 -17.18
CA PRO B 128 -15.60 2.41 -18.63
C PRO B 128 -16.82 2.86 -19.43
N GLY B 129 -18.01 2.57 -18.90
CA GLY B 129 -19.30 2.81 -19.52
C GLY B 129 -19.50 4.08 -20.30
N LEU B 130 -19.54 5.23 -19.62
CA LEU B 130 -19.78 6.52 -20.25
C LEU B 130 -18.62 6.95 -21.13
N ASN B 131 -17.40 6.62 -20.73
CA ASN B 131 -16.21 6.97 -21.50
C ASN B 131 -16.15 6.22 -22.82
N GLU B 132 -16.69 5.00 -22.86
CA GLU B 132 -16.74 4.18 -24.06
C GLU B 132 -17.72 4.79 -25.06
N ILE B 133 -18.87 5.32 -24.56
CA ILE B 133 -19.88 5.97 -25.41
C ILE B 133 -19.25 7.24 -26.00
N MET B 134 -18.61 8.05 -25.16
CA MET B 134 -18.02 9.29 -25.62
C MET B 134 -16.86 9.07 -26.60
N ALA B 135 -16.12 7.96 -26.45
CA ALA B 135 -15.00 7.70 -27.34
C ALA B 135 -15.38 7.04 -28.66
N ASN B 136 -16.43 6.19 -28.67
CA ASN B 136 -16.76 5.42 -29.87
C ASN B 136 -18.10 5.68 -30.51
N SER B 137 -19.06 6.23 -29.77
CA SER B 137 -20.40 6.43 -30.31
C SER B 137 -20.44 7.39 -31.49
N LEU B 138 -21.33 7.09 -32.42
CA LEU B 138 -21.58 7.89 -33.61
C LEU B 138 -23.01 8.47 -33.62
N ASP B 139 -23.84 8.16 -32.60
CA ASP B 139 -25.21 8.67 -32.55
C ASP B 139 -25.26 9.94 -31.71
N TYR B 140 -25.76 11.03 -32.29
CA TYR B 140 -25.90 12.34 -31.64
C TYR B 140 -26.68 12.24 -30.33
N ASN B 141 -27.84 11.56 -30.36
CA ASN B 141 -28.72 11.42 -29.20
C ASN B 141 -28.10 10.63 -28.05
N GLU B 142 -27.38 9.54 -28.35
CA GLU B 142 -26.74 8.74 -27.32
C GLU B 142 -25.60 9.50 -26.68
N ARG B 143 -24.79 10.19 -27.50
CA ARG B 143 -23.68 11.00 -27.01
C ARG B 143 -24.23 12.15 -26.15
N LEU B 144 -25.34 12.76 -26.57
CA LEU B 144 -25.97 13.84 -25.83
C LEU B 144 -26.52 13.34 -24.51
N TRP B 145 -27.10 12.14 -24.50
CA TRP B 145 -27.61 11.55 -23.26
C TRP B 145 -26.45 11.26 -22.32
N ALA B 146 -25.36 10.67 -22.81
CA ALA B 146 -24.23 10.33 -21.94
C ALA B 146 -23.60 11.59 -21.36
N TRP B 147 -23.48 12.66 -22.17
CA TRP B 147 -22.89 13.93 -21.76
C TRP B 147 -23.76 14.65 -20.70
N GLU B 148 -25.06 14.72 -20.97
CA GLU B 148 -25.97 15.42 -20.08
C GLU B 148 -26.18 14.68 -18.76
N SER B 149 -26.33 13.35 -18.80
CA SER B 149 -26.49 12.54 -17.59
C SER B 149 -25.29 12.64 -16.63
N TRP B 150 -24.05 12.56 -17.13
CA TRP B 150 -22.88 12.68 -16.28
C TRP B 150 -22.87 14.03 -15.54
N ARG B 151 -23.29 15.08 -16.26
CA ARG B 151 -23.31 16.42 -15.70
C ARG B 151 -24.45 16.61 -14.75
N SER B 152 -25.61 16.10 -15.11
CA SER B 152 -26.79 16.21 -14.28
C SER B 152 -26.76 15.31 -13.01
N GLU B 153 -26.30 14.06 -13.11
CA GLU B 153 -26.32 13.16 -11.96
C GLU B 153 -25.18 13.39 -11.02
N VAL B 154 -23.98 13.61 -11.55
CA VAL B 154 -22.77 13.77 -10.74
C VAL B 154 -22.35 15.23 -10.53
N GLY B 155 -22.36 16.04 -11.57
CA GLY B 155 -21.99 17.45 -11.45
C GLY B 155 -22.89 18.19 -10.48
N LYS B 156 -24.21 17.98 -10.58
CA LYS B 156 -25.16 18.61 -9.65
C LYS B 156 -24.86 18.28 -8.19
N GLN B 157 -24.29 17.09 -7.93
CA GLN B 157 -23.89 16.63 -6.59
C GLN B 157 -22.65 17.38 -6.10
N LEU B 158 -21.72 17.69 -7.01
CA LEU B 158 -20.49 18.38 -6.64
C LEU B 158 -20.70 19.86 -6.41
N ARG B 159 -21.68 20.50 -7.10
CA ARG B 159 -21.94 21.94 -6.97
C ARG B 159 -21.86 22.50 -5.51
N PRO B 160 -22.57 21.95 -4.51
CA PRO B 160 -22.47 22.50 -3.15
C PRO B 160 -21.10 22.29 -2.49
N LEU B 161 -20.44 21.19 -2.83
CA LEU B 161 -19.14 20.87 -2.28
C LEU B 161 -18.08 21.79 -2.86
N TYR B 162 -18.16 22.07 -4.16
CA TYR B 162 -17.20 22.95 -4.80
C TYR B 162 -17.29 24.37 -4.27
N GLU B 163 -18.50 24.83 -3.98
CA GLU B 163 -18.72 26.15 -3.41
C GLU B 163 -18.02 26.27 -2.04
N GLU B 164 -18.08 25.19 -1.24
CA GLU B 164 -17.46 25.14 0.09
C GLU B 164 -15.93 24.95 0.00
N TYR B 165 -15.48 24.18 -1.00
CA TYR B 165 -14.09 23.91 -1.32
C TYR B 165 -13.38 25.22 -1.66
N VAL B 166 -13.98 26.07 -2.51
CA VAL B 166 -13.32 27.33 -2.88
C VAL B 166 -13.13 28.22 -1.67
N VAL B 167 -14.12 28.27 -0.76
CA VAL B 167 -14.05 29.08 0.45
C VAL B 167 -12.87 28.70 1.33
N LEU B 168 -12.79 27.41 1.71
CA LEU B 168 -11.74 26.91 2.60
C LEU B 168 -10.39 26.95 1.96
N LYS B 169 -10.32 26.62 0.67
CA LYS B 169 -9.05 26.67 -0.05
C LYS B 169 -8.52 28.11 -0.12
N ASN B 170 -9.44 29.08 -0.27
CA ASN B 170 -9.05 30.48 -0.29
C ASN B 170 -8.58 30.92 1.09
N GLU B 171 -9.22 30.43 2.16
CA GLU B 171 -8.81 30.75 3.53
C GLU B 171 -7.41 30.21 3.80
N MET B 172 -7.12 29.00 3.32
CA MET B 172 -5.81 28.37 3.45
C MET B 172 -4.76 29.22 2.71
N ALA B 173 -5.03 29.56 1.46
CA ALA B 173 -4.11 30.34 0.64
C ALA B 173 -3.84 31.76 1.17
N ARG B 174 -4.90 32.49 1.54
CA ARG B 174 -4.78 33.84 2.09
C ARG B 174 -4.07 33.84 3.45
N ALA B 175 -4.22 32.77 4.24
CA ALA B 175 -3.48 32.66 5.51
C ALA B 175 -1.99 32.37 5.28
N ASN B 176 -1.61 31.85 4.10
CA ASN B 176 -0.21 31.65 3.73
C ASN B 176 0.38 32.85 2.98
N HIS B 177 -0.37 33.97 2.91
CA HIS B 177 -0.01 35.26 2.33
C HIS B 177 0.01 35.23 0.80
N TYR B 178 -0.95 34.53 0.23
CA TYR B 178 -1.19 34.51 -1.21
C TYR B 178 -2.46 35.32 -1.46
N GLU B 179 -2.68 35.76 -2.70
CA GLU B 179 -3.86 36.54 -3.03
C GLU B 179 -5.14 35.71 -2.88
N ASP B 180 -5.08 34.46 -3.34
CA ASP B 180 -6.17 33.49 -3.36
C ASP B 180 -5.59 32.06 -3.70
N TYR B 181 -6.45 31.03 -3.84
CA TYR B 181 -5.98 29.67 -4.14
C TYR B 181 -5.35 29.55 -5.54
N GLY B 182 -5.81 30.38 -6.48
CA GLY B 182 -5.24 30.40 -7.82
C GLY B 182 -3.83 30.93 -7.75
N ASP B 183 -3.61 32.01 -6.98
CA ASP B 183 -2.28 32.58 -6.79
C ASP B 183 -1.35 31.55 -6.15
N TYR B 184 -1.86 30.80 -5.16
CA TYR B 184 -1.16 29.72 -4.49
C TYR B 184 -0.66 28.68 -5.50
N TRP B 185 -1.54 28.26 -6.43
CA TRP B 185 -1.19 27.27 -7.43
C TRP B 185 -0.15 27.80 -8.41
N ARG B 186 -0.25 29.08 -8.77
CA ARG B 186 0.73 29.72 -9.64
C ARG B 186 2.13 29.87 -9.01
N GLY B 187 2.23 29.62 -7.70
CA GLY B 187 3.49 29.68 -6.96
C GLY B 187 4.49 28.62 -7.34
N ASP B 188 4.04 27.53 -7.97
CA ASP B 188 4.89 26.45 -8.42
C ASP B 188 5.96 26.94 -9.39
N TYR B 189 5.62 27.91 -10.22
CA TYR B 189 6.52 28.46 -11.21
C TYR B 189 7.42 29.60 -10.68
N GLU B 190 7.12 30.13 -9.49
CA GLU B 190 7.84 31.23 -8.88
C GLU B 190 9.27 30.91 -8.51
N VAL B 191 10.20 31.80 -8.92
CA VAL B 191 11.61 31.71 -8.66
C VAL B 191 12.04 33.02 -8.00
N ASN B 192 12.75 32.95 -6.87
CA ASN B 192 13.17 34.16 -6.19
C ASN B 192 14.61 34.14 -5.72
N GLY B 193 15.19 35.33 -5.66
CA GLY B 193 16.56 35.50 -5.20
C GLY B 193 17.64 34.95 -6.10
N VAL B 194 17.31 34.65 -7.35
CA VAL B 194 18.28 34.16 -8.31
C VAL B 194 18.36 35.18 -9.42
N ASP B 195 19.39 36.03 -9.39
CA ASP B 195 19.59 37.10 -10.35
C ASP B 195 19.52 36.64 -11.80
N GLY B 196 18.58 37.19 -12.56
CA GLY B 196 18.40 36.85 -13.98
C GLY B 196 17.47 35.68 -14.23
N TYR B 197 17.23 34.86 -13.22
CA TYR B 197 16.36 33.69 -13.37
C TYR B 197 15.06 33.79 -12.59
N ASP B 198 14.76 34.94 -11.99
CA ASP B 198 13.53 35.13 -11.23
C ASP B 198 12.27 35.06 -12.10
N TYR B 199 11.18 34.60 -11.50
CA TYR B 199 9.90 34.46 -12.17
C TYR B 199 8.82 34.74 -11.15
N SER B 200 7.88 35.67 -11.46
CA SER B 200 6.80 35.99 -10.53
C SER B 200 5.53 35.19 -10.83
N ARG B 201 4.61 35.10 -9.85
CA ARG B 201 3.36 34.37 -10.06
C ARG B 201 2.47 35.06 -11.11
N GLY B 202 2.51 36.39 -11.15
CA GLY B 202 1.76 37.19 -12.10
C GLY B 202 2.30 37.05 -13.52
N GLN B 203 3.61 36.80 -13.63
CA GLN B 203 4.24 36.60 -14.91
C GLN B 203 3.68 35.37 -15.61
N LEU B 204 3.24 34.35 -14.86
CA LEU B 204 2.65 33.15 -15.45
C LEU B 204 1.40 33.48 -16.26
N ILE B 205 0.53 34.36 -15.75
CA ILE B 205 -0.68 34.72 -16.48
C ILE B 205 -0.34 35.46 -17.76
N GLU B 206 0.56 36.43 -17.66
CA GLU B 206 1.00 37.22 -18.82
C GLU B 206 1.63 36.32 -19.88
N ASP B 207 2.50 35.38 -19.47
CA ASP B 207 3.16 34.47 -20.39
C ASP B 207 2.18 33.44 -20.99
N VAL B 208 1.27 32.88 -20.20
CA VAL B 208 0.30 31.91 -20.73
C VAL B 208 -0.62 32.58 -21.75
N GLU B 209 -1.06 33.80 -21.44
CA GLU B 209 -1.93 34.54 -22.33
C GLU B 209 -1.25 35.04 -23.60
N HIS B 210 -0.02 35.52 -23.50
CA HIS B 210 0.73 35.99 -24.66
C HIS B 210 1.03 34.83 -25.61
N THR B 211 1.39 33.67 -25.05
CA THR B 211 1.67 32.43 -25.76
C THR B 211 0.40 31.92 -26.45
N PHE B 212 -0.73 31.98 -25.76
CA PHE B 212 -2.01 31.52 -26.30
C PHE B 212 -2.45 32.30 -27.51
N GLU B 213 -2.16 33.60 -27.57
CA GLU B 213 -2.52 34.41 -28.74
C GLU B 213 -1.82 33.91 -30.00
N GLU B 214 -0.60 33.39 -29.86
CA GLU B 214 0.16 32.84 -30.97
C GLU B 214 -0.33 31.44 -31.40
N ILE B 215 -0.98 30.70 -30.47
CA ILE B 215 -1.59 29.39 -30.71
C ILE B 215 -2.91 29.59 -31.49
N LYS B 216 -3.70 30.63 -31.11
CA LYS B 216 -5.00 30.97 -31.68
C LYS B 216 -5.15 30.72 -33.20
N PRO B 217 -4.30 31.24 -34.12
CA PRO B 217 -4.53 30.99 -35.56
C PRO B 217 -4.46 29.51 -35.94
N LEU B 218 -3.50 28.76 -35.39
CA LEU B 218 -3.40 27.34 -35.68
C LEU B 218 -4.63 26.60 -35.16
N TYR B 219 -5.13 26.99 -33.99
CA TYR B 219 -6.30 26.35 -33.41
C TYR B 219 -7.54 26.65 -34.21
N GLU B 220 -7.77 27.90 -34.59
CA GLU B 220 -8.94 28.28 -35.38
C GLU B 220 -9.02 27.53 -36.68
N HIS B 221 -7.87 27.22 -37.27
CA HIS B 221 -7.83 26.49 -38.53
C HIS B 221 -8.14 25.02 -38.31
N LEU B 222 -7.59 24.44 -37.24
CA LEU B 222 -7.89 23.05 -36.88
C LEU B 222 -9.40 22.92 -36.53
N HIS B 223 -9.92 23.89 -35.76
CA HIS B 223 -11.31 23.96 -35.36
C HIS B 223 -12.23 24.02 -36.60
N ALA B 224 -11.90 24.91 -37.56
CA ALA B 224 -12.71 25.07 -38.77
C ALA B 224 -12.74 23.81 -39.62
N TYR B 225 -11.59 23.12 -39.71
CA TYR B 225 -11.43 21.89 -40.48
C TYR B 225 -12.23 20.78 -39.83
N VAL B 226 -12.11 20.65 -38.50
CA VAL B 226 -12.85 19.64 -37.75
C VAL B 226 -14.33 19.89 -37.87
N ARG B 227 -14.78 21.14 -37.85
CA ARG B 227 -16.19 21.49 -37.99
C ARG B 227 -16.74 21.00 -39.32
N ALA B 228 -16.01 21.24 -40.42
CA ALA B 228 -16.40 20.77 -41.75
C ALA B 228 -16.55 19.24 -41.77
N LYS B 229 -15.58 18.51 -41.18
CA LYS B 229 -15.60 17.06 -41.08
C LYS B 229 -16.76 16.56 -40.20
N LEU B 230 -17.07 17.30 -39.15
CA LEU B 230 -18.15 16.95 -38.26
C LEU B 230 -19.51 17.19 -38.89
N MET B 231 -19.63 18.15 -39.82
CA MET B 231 -20.89 18.37 -40.52
C MET B 231 -21.26 17.15 -41.38
N ASN B 232 -20.25 16.39 -41.89
CA ASN B 232 -20.48 15.17 -42.67
C ASN B 232 -20.89 14.05 -41.72
N ALA B 233 -20.24 13.97 -40.55
CA ALA B 233 -20.45 12.98 -39.51
C ALA B 233 -21.81 13.09 -38.80
N TYR B 234 -22.30 14.33 -38.56
CA TYR B 234 -23.55 14.58 -37.86
C TYR B 234 -24.37 15.61 -38.64
N PRO B 235 -24.94 15.21 -39.79
CA PRO B 235 -25.70 16.16 -40.60
C PRO B 235 -26.92 16.78 -39.92
N SER B 236 -27.11 18.10 -40.12
CA SER B 236 -28.16 18.95 -39.56
C SER B 236 -27.88 19.44 -38.14
N TYR B 237 -26.82 18.94 -37.51
CA TYR B 237 -26.51 19.26 -36.12
C TYR B 237 -25.41 20.29 -35.92
N ILE B 238 -24.67 20.66 -36.99
CA ILE B 238 -23.56 21.61 -36.83
C ILE B 238 -23.70 22.80 -37.75
N SER B 239 -23.46 24.00 -37.22
CA SER B 239 -23.52 25.23 -38.01
C SER B 239 -22.15 25.51 -38.60
N PRO B 240 -22.07 25.92 -39.87
CA PRO B 240 -20.77 26.26 -40.47
C PRO B 240 -20.07 27.47 -39.86
N ILE B 241 -20.78 28.23 -39.02
CA ILE B 241 -20.28 29.42 -38.35
C ILE B 241 -20.28 29.32 -36.86
N GLY B 242 -20.92 28.32 -36.28
CA GLY B 242 -21.05 28.24 -34.84
C GLY B 242 -19.97 27.42 -34.17
N CYS B 243 -20.11 27.33 -32.85
CA CYS B 243 -19.23 26.53 -32.00
C CYS B 243 -19.49 25.03 -32.23
N LEU B 244 -18.61 24.18 -31.72
CA LEU B 244 -18.77 22.74 -31.86
C LEU B 244 -19.54 22.23 -30.68
N PRO B 245 -20.65 21.52 -30.90
CA PRO B 245 -21.40 20.97 -29.76
C PRO B 245 -20.54 20.09 -28.84
N ALA B 246 -20.48 20.47 -27.56
CA ALA B 246 -19.67 19.86 -26.51
C ALA B 246 -19.71 18.32 -26.41
N HIS B 247 -20.84 17.69 -26.81
CA HIS B 247 -20.96 16.24 -26.70
C HIS B 247 -20.42 15.47 -27.89
N LEU B 248 -19.83 16.15 -28.89
CA LEU B 248 -19.37 15.46 -30.09
C LEU B 248 -17.86 15.56 -30.28
N LEU B 249 -17.08 15.77 -29.21
CA LEU B 249 -15.65 16.02 -29.34
C LEU B 249 -14.69 14.85 -29.06
N GLY B 250 -15.17 13.61 -28.97
CA GLY B 250 -14.28 12.48 -28.77
C GLY B 250 -14.16 11.93 -27.37
N ASP B 251 -14.30 12.76 -26.34
CA ASP B 251 -14.27 12.29 -24.96
C ASP B 251 -15.41 12.97 -24.14
N MET B 252 -15.49 12.72 -22.83
CA MET B 252 -16.58 13.26 -22.02
C MET B 252 -16.61 14.81 -21.91
N TRP B 253 -15.50 15.49 -22.25
CA TRP B 253 -15.36 16.94 -22.08
C TRP B 253 -14.83 17.69 -23.31
N GLY B 254 -14.15 16.96 -24.20
CA GLY B 254 -13.48 17.57 -25.31
C GLY B 254 -12.09 18.03 -24.92
N ARG B 255 -11.53 17.43 -23.85
CA ARG B 255 -10.18 17.69 -23.37
C ARG B 255 -9.19 17.37 -24.47
N PHE B 256 -9.42 16.28 -25.21
CA PHE B 256 -8.63 15.87 -26.35
C PHE B 256 -9.57 15.55 -27.49
N TRP B 257 -9.17 15.90 -28.70
CA TRP B 257 -9.95 15.58 -29.88
C TRP B 257 -9.43 14.31 -30.58
N THR B 258 -8.61 13.51 -29.90
CA THR B 258 -7.97 12.31 -30.40
C THR B 258 -8.93 11.36 -31.08
N ASN B 259 -10.09 11.10 -30.48
CA ASN B 259 -11.05 10.16 -31.04
C ASN B 259 -11.87 10.73 -32.22
N LEU B 260 -11.55 11.95 -32.65
CA LEU B 260 -12.17 12.50 -33.85
C LEU B 260 -11.34 12.09 -35.09
N TYR B 261 -10.16 11.42 -34.94
CA TYR B 261 -9.33 11.03 -36.06
C TYR B 261 -10.06 10.21 -37.10
N SER B 262 -10.92 9.25 -36.73
CA SER B 262 -11.67 8.47 -37.72
C SER B 262 -12.61 9.35 -38.55
N LEU B 263 -13.16 10.39 -37.92
CA LEU B 263 -14.09 11.32 -38.53
C LEU B 263 -13.41 12.44 -39.32
N THR B 264 -12.16 12.77 -38.96
CA THR B 264 -11.43 13.89 -39.55
C THR B 264 -10.14 13.52 -40.29
N VAL B 265 -9.78 12.23 -40.42
CA VAL B 265 -8.55 11.80 -41.09
C VAL B 265 -8.43 12.42 -42.49
N PRO B 266 -7.35 13.19 -42.72
CA PRO B 266 -7.20 13.86 -44.02
C PRO B 266 -7.23 12.92 -45.22
N PHE B 267 -6.48 11.80 -45.16
CA PHE B 267 -6.36 10.84 -46.26
C PHE B 267 -6.65 9.43 -45.78
N GLY B 268 -7.92 9.09 -45.74
CA GLY B 268 -8.41 7.81 -45.25
C GLY B 268 -7.87 6.53 -45.88
N GLN B 269 -7.58 6.56 -47.18
CA GLN B 269 -7.09 5.36 -47.87
C GLN B 269 -5.60 5.09 -47.69
N LYS B 270 -4.87 5.94 -46.95
CA LYS B 270 -3.44 5.73 -46.75
C LYS B 270 -3.20 4.76 -45.59
N PRO B 271 -2.06 4.01 -45.56
CA PRO B 271 -1.78 3.11 -44.43
C PRO B 271 -1.93 3.81 -43.08
N ASN B 272 -2.72 3.21 -42.19
CA ASN B 272 -3.01 3.85 -40.93
C ASN B 272 -1.79 4.07 -40.07
N ILE B 273 -1.63 5.33 -39.62
CA ILE B 273 -0.58 5.70 -38.68
C ILE B 273 -1.07 5.49 -37.19
N ASP B 274 -2.28 4.89 -37.02
CA ASP B 274 -2.89 4.47 -35.76
C ASP B 274 -2.72 2.94 -35.75
N VAL B 275 -1.56 2.51 -35.24
CA VAL B 275 -1.12 1.13 -35.18
C VAL B 275 -1.89 0.24 -34.20
N THR B 276 -3.00 0.74 -33.65
CA THR B 276 -3.86 0.03 -32.72
C THR B 276 -4.29 -1.36 -33.27
N ASP B 277 -4.58 -1.45 -34.57
CA ASP B 277 -4.95 -2.73 -35.17
C ASP B 277 -3.75 -3.64 -35.37
N ALA B 278 -2.59 -3.06 -35.70
CA ALA B 278 -1.37 -3.82 -35.91
C ALA B 278 -0.87 -4.44 -34.60
N MET B 279 -1.14 -3.79 -33.45
CA MET B 279 -0.75 -4.36 -32.16
C MET B 279 -1.63 -5.58 -31.88
N VAL B 280 -2.96 -5.43 -32.12
CA VAL B 280 -3.96 -6.50 -31.94
C VAL B 280 -3.65 -7.69 -32.83
N ASP B 281 -3.26 -7.43 -34.09
CA ASP B 281 -2.92 -8.46 -35.06
C ASP B 281 -1.65 -9.20 -34.67
N GLN B 282 -0.69 -8.49 -34.08
CA GLN B 282 0.56 -9.08 -33.64
C GLN B 282 0.51 -9.70 -32.23
N ALA B 283 -0.69 -9.75 -31.60
CA ALA B 283 -0.94 -10.30 -30.26
C ALA B 283 -0.09 -9.63 -29.18
N TRP B 284 0.07 -8.30 -29.32
CA TRP B 284 0.82 -7.51 -28.35
C TRP B 284 0.06 -7.51 -27.04
N ASP B 285 0.77 -7.61 -25.92
CA ASP B 285 0.15 -7.55 -24.61
C ASP B 285 0.76 -6.39 -23.81
N ALA B 286 0.26 -6.10 -22.59
CA ALA B 286 0.79 -5.02 -21.77
C ALA B 286 2.29 -5.24 -21.46
N GLN B 287 2.71 -6.50 -21.29
CA GLN B 287 4.12 -6.81 -21.04
C GLN B 287 4.99 -6.41 -22.23
N ARG B 288 4.58 -6.76 -23.46
CA ARG B 288 5.34 -6.40 -24.66
C ARG B 288 5.42 -4.87 -24.80
N ILE B 289 4.34 -4.15 -24.46
CA ILE B 289 4.31 -2.68 -24.53
C ILE B 289 5.35 -2.10 -23.57
N PHE B 290 5.31 -2.49 -22.29
CA PHE B 290 6.23 -1.94 -21.31
C PHE B 290 7.67 -2.40 -21.54
N LYS B 291 7.85 -3.61 -22.06
CA LYS B 291 9.18 -4.12 -22.41
C LYS B 291 9.75 -3.35 -23.62
N GLU B 292 8.89 -2.89 -24.54
CA GLU B 292 9.26 -2.11 -25.71
C GLU B 292 9.57 -0.66 -25.30
N ALA B 293 8.75 -0.11 -24.36
CA ALA B 293 8.95 1.22 -23.82
C ALA B 293 10.29 1.26 -23.07
N GLU B 294 10.61 0.22 -22.29
CA GLU B 294 11.88 0.10 -21.57
C GLU B 294 13.06 0.10 -22.54
N LYS B 295 12.92 -0.63 -23.67
CA LYS B 295 13.93 -0.71 -24.71
C LYS B 295 14.24 0.65 -25.32
N PHE B 296 13.25 1.56 -25.37
CA PHE B 296 13.42 2.91 -25.90
C PHE B 296 14.35 3.71 -25.01
N PHE B 297 14.14 3.65 -23.69
CA PHE B 297 14.96 4.41 -22.76
C PHE B 297 16.37 3.87 -22.69
N VAL B 298 16.53 2.54 -22.72
CA VAL B 298 17.84 1.92 -22.71
C VAL B 298 18.65 2.33 -23.94
N SER B 299 17.98 2.48 -25.10
CA SER B 299 18.62 2.87 -26.35
C SER B 299 19.23 4.27 -26.31
N VAL B 300 18.65 5.17 -25.49
CA VAL B 300 19.18 6.52 -25.39
C VAL B 300 20.09 6.71 -24.15
N GLY B 301 20.63 5.61 -23.59
CA GLY B 301 21.58 5.67 -22.48
C GLY B 301 21.00 5.58 -21.09
N LEU B 302 19.67 5.75 -20.97
CA LEU B 302 19.01 5.66 -19.67
C LEU B 302 18.92 4.21 -19.17
N PRO B 303 18.71 3.97 -17.86
CA PRO B 303 18.68 2.58 -17.38
C PRO B 303 17.40 1.79 -17.68
N ASN B 304 17.49 0.47 -17.54
CA ASN B 304 16.38 -0.44 -17.67
C ASN B 304 15.44 -0.16 -16.46
N MET B 305 14.21 -0.71 -16.46
CA MET B 305 13.35 -0.59 -15.30
C MET B 305 13.92 -1.51 -14.19
N THR B 306 13.77 -1.12 -12.92
CA THR B 306 14.30 -1.92 -11.81
C THR B 306 13.59 -3.28 -11.72
N GLN B 307 14.17 -4.25 -11.00
CA GLN B 307 13.50 -5.54 -10.82
C GLN B 307 12.15 -5.35 -10.10
N GLY B 308 12.13 -4.44 -9.13
CA GLY B 308 10.95 -4.05 -8.38
C GLY B 308 9.87 -3.35 -9.20
N PHE B 309 10.18 -2.96 -10.42
CA PHE B 309 9.19 -2.37 -11.32
C PHE B 309 8.47 -3.55 -12.00
N TRP B 310 9.23 -4.54 -12.49
CA TRP B 310 8.65 -5.70 -13.13
C TRP B 310 7.95 -6.64 -12.14
N GLU B 311 8.36 -6.63 -10.87
CA GLU B 311 7.74 -7.48 -9.86
C GLU B 311 6.52 -6.85 -9.22
N ASN B 312 6.57 -5.53 -8.91
CA ASN B 312 5.51 -4.90 -8.15
C ASN B 312 4.52 -4.05 -8.91
N SER B 313 4.78 -3.72 -10.18
CA SER B 313 3.83 -2.89 -10.93
C SER B 313 2.55 -3.64 -11.26
N MET B 314 1.47 -2.88 -11.53
CA MET B 314 0.19 -3.41 -11.98
C MET B 314 -0.03 -2.82 -13.35
N LEU B 315 0.29 -3.59 -14.39
CA LEU B 315 0.19 -3.11 -15.76
C LEU B 315 -1.06 -3.59 -16.52
N THR B 316 -1.97 -4.33 -15.85
CA THR B 316 -3.25 -4.77 -16.41
C THR B 316 -4.35 -4.62 -15.34
N ASP B 317 -5.60 -4.55 -15.78
CA ASP B 317 -6.73 -4.44 -14.88
C ASP B 317 -6.94 -5.76 -14.11
N PRO B 318 -6.99 -5.74 -12.77
CA PRO B 318 -7.34 -6.96 -12.04
C PRO B 318 -8.84 -7.35 -12.23
N GLY B 319 -9.67 -6.30 -12.41
CA GLY B 319 -11.08 -6.34 -12.74
C GLY B 319 -12.03 -7.08 -11.83
N ASN B 320 -12.17 -8.38 -12.08
CA ASN B 320 -13.05 -9.21 -11.28
C ASN B 320 -12.52 -9.42 -9.86
N VAL B 321 -13.41 -9.14 -8.87
CA VAL B 321 -13.16 -9.24 -7.42
C VAL B 321 -12.20 -8.11 -6.94
N GLN B 322 -10.91 -8.13 -7.34
CA GLN B 322 -9.98 -7.09 -6.94
C GLN B 322 -10.20 -5.84 -7.80
N LYS B 323 -10.66 -4.74 -7.20
CA LYS B 323 -10.91 -3.52 -7.96
C LYS B 323 -9.78 -2.52 -7.81
N ALA B 324 -9.40 -1.84 -8.90
CA ALA B 324 -8.29 -0.88 -8.86
C ALA B 324 -8.65 0.47 -9.51
N VAL B 325 -7.86 1.54 -9.23
CA VAL B 325 -8.03 2.83 -9.89
C VAL B 325 -7.19 2.73 -11.17
N CYS B 326 -7.82 2.82 -12.35
CA CYS B 326 -7.13 2.59 -13.61
C CYS B 326 -6.49 3.81 -14.25
N HIS B 327 -6.44 4.97 -13.54
CA HIS B 327 -5.81 6.17 -14.09
C HIS B 327 -4.33 5.89 -14.20
N PRO B 328 -3.75 6.03 -15.41
CA PRO B 328 -2.31 5.75 -15.57
C PRO B 328 -1.49 6.62 -14.64
N THR B 329 -0.71 5.99 -13.77
CA THR B 329 0.08 6.70 -12.77
C THR B 329 1.48 6.14 -12.63
N ALA B 330 2.44 7.03 -12.39
CA ALA B 330 3.83 6.64 -12.16
C ALA B 330 4.12 6.89 -10.68
N TRP B 331 4.49 5.84 -9.96
CA TRP B 331 4.72 5.88 -8.53
C TRP B 331 6.18 5.83 -8.11
N ASP B 332 6.60 6.82 -7.31
CA ASP B 332 7.93 6.87 -6.70
C ASP B 332 7.68 6.66 -5.20
N LEU B 333 7.63 5.39 -4.76
CA LEU B 333 7.30 5.05 -3.37
C LEU B 333 8.40 5.39 -2.35
N GLY B 334 9.62 5.60 -2.83
CA GLY B 334 10.79 5.79 -1.97
C GLY B 334 11.49 4.46 -1.76
N LYS B 335 12.68 4.43 -1.12
CA LYS B 335 13.43 3.18 -0.93
C LYS B 335 13.67 2.44 -2.27
N GLY B 336 13.84 3.21 -3.34
CA GLY B 336 14.08 2.72 -4.69
C GLY B 336 12.92 1.96 -5.30
N ASP B 337 11.73 2.06 -4.69
CA ASP B 337 10.57 1.34 -5.18
C ASP B 337 9.80 2.17 -6.17
N PHE B 338 9.97 1.84 -7.45
CA PHE B 338 9.28 2.54 -8.53
C PHE B 338 8.31 1.58 -9.16
N ARG B 339 7.08 2.02 -9.34
CA ARG B 339 6.03 1.18 -9.91
C ARG B 339 5.10 1.99 -10.82
N ILE B 340 4.43 1.32 -11.76
CA ILE B 340 3.44 1.97 -12.62
C ILE B 340 2.09 1.29 -12.39
N LEU B 341 1.06 2.09 -12.16
CA LEU B 341 -0.29 1.57 -12.02
C LEU B 341 -1.05 2.03 -13.25
N MET B 342 -1.38 1.09 -14.13
CA MET B 342 -2.09 1.41 -15.36
C MET B 342 -2.87 0.19 -15.85
N CYS B 343 -4.15 0.37 -16.18
CA CYS B 343 -4.93 -0.75 -16.73
C CYS B 343 -4.80 -0.66 -18.21
N THR B 344 -3.74 -1.28 -18.70
CA THR B 344 -3.35 -1.25 -20.10
C THR B 344 -4.26 -2.07 -21.01
N LYS B 345 -4.69 -1.42 -22.10
CA LYS B 345 -5.47 -1.96 -23.21
C LYS B 345 -4.53 -1.99 -24.44
N VAL B 346 -4.71 -2.96 -25.35
CA VAL B 346 -3.85 -3.05 -26.54
C VAL B 346 -4.29 -2.01 -27.59
N THR B 347 -3.87 -0.77 -27.36
CA THR B 347 -4.19 0.41 -28.16
C THR B 347 -2.91 1.23 -28.35
N MET B 348 -2.87 2.02 -29.42
CA MET B 348 -1.74 2.92 -29.65
C MET B 348 -1.72 4.02 -28.59
N ASP B 349 -2.92 4.49 -28.16
CA ASP B 349 -3.06 5.51 -27.14
C ASP B 349 -2.37 5.11 -25.83
N ASP B 350 -2.52 3.84 -25.33
CA ASP B 350 -1.79 3.49 -24.10
C ASP B 350 -0.43 2.83 -24.40
N PHE B 351 -0.07 2.58 -25.68
CA PHE B 351 1.32 2.25 -26.03
C PHE B 351 2.10 3.59 -25.82
N LEU B 352 1.54 4.72 -26.24
CA LEU B 352 2.13 6.03 -26.06
C LEU B 352 2.05 6.49 -24.60
N THR B 353 0.99 6.07 -23.88
CA THR B 353 0.84 6.38 -22.45
C THR B 353 1.90 5.60 -21.66
N ALA B 354 2.22 4.35 -22.07
CA ALA B 354 3.26 3.55 -21.45
C ALA B 354 4.61 4.26 -21.52
N HIS B 355 4.87 4.92 -22.65
CA HIS B 355 6.08 5.70 -22.87
C HIS B 355 6.06 6.99 -22.06
N HIS B 356 4.89 7.56 -21.86
CA HIS B 356 4.74 8.78 -21.09
C HIS B 356 4.97 8.49 -19.60
N GLU B 357 4.30 7.47 -19.06
CA GLU B 357 4.40 7.10 -17.68
C GLU B 357 5.82 6.60 -17.35
N MET B 358 6.45 5.84 -18.25
CA MET B 358 7.84 5.39 -18.04
C MET B 358 8.83 6.56 -17.99
N GLY B 359 8.51 7.63 -18.72
CA GLY B 359 9.28 8.87 -18.72
C GLY B 359 9.22 9.51 -17.35
N HIS B 360 8.05 9.46 -16.69
CA HIS B 360 7.90 9.97 -15.33
C HIS B 360 8.79 9.17 -14.37
N ILE B 361 8.79 7.84 -14.50
CA ILE B 361 9.59 6.94 -13.69
C ILE B 361 11.07 7.22 -13.90
N GLN B 362 11.48 7.47 -15.15
CA GLN B 362 12.86 7.78 -15.45
C GLN B 362 13.31 9.07 -14.78
N TYR B 363 12.42 10.07 -14.65
CA TYR B 363 12.73 11.33 -13.99
C TYR B 363 12.95 11.05 -12.51
N ASP B 364 12.04 10.27 -11.88
CA ASP B 364 12.14 9.89 -10.47
C ASP B 364 13.43 9.11 -10.18
N MET B 365 13.78 8.17 -11.05
CA MET B 365 15.00 7.39 -10.89
C MET B 365 16.24 8.27 -11.02
N ALA B 366 16.19 9.29 -11.88
CA ALA B 366 17.32 10.17 -12.09
C ALA B 366 17.56 11.11 -10.92
N TYR B 367 16.50 11.77 -10.38
CA TYR B 367 16.72 12.72 -9.29
C TYR B 367 16.91 12.06 -7.94
N ALA B 368 17.03 10.73 -7.86
CA ALA B 368 17.38 10.06 -6.60
C ALA B 368 18.74 10.57 -6.08
N ALA B 369 19.62 11.03 -7.01
CA ALA B 369 20.92 11.65 -6.76
C ALA B 369 20.88 12.83 -5.74
N GLN B 370 19.68 13.41 -5.55
CA GLN B 370 19.40 14.58 -4.73
C GLN B 370 18.97 14.26 -3.29
N PRO B 371 19.14 15.20 -2.34
CA PRO B 371 18.59 14.95 -0.97
C PRO B 371 17.05 14.82 -1.04
N PHE B 372 16.40 14.14 -0.07
CA PHE B 372 14.95 13.90 -0.07
C PHE B 372 14.09 15.06 -0.60
N LEU B 373 14.25 16.25 0.00
CA LEU B 373 13.46 17.43 -0.35
C LEU B 373 13.68 17.95 -1.77
N LEU B 374 14.89 17.80 -2.35
CA LEU B 374 15.10 18.23 -3.74
C LEU B 374 14.72 17.16 -4.77
N ARG B 375 14.08 16.07 -4.35
CA ARG B 375 13.64 15.01 -5.27
C ARG B 375 12.21 15.29 -5.81
N ASN B 376 12.12 15.96 -6.95
CA ASN B 376 10.88 16.29 -7.68
C ASN B 376 11.26 16.99 -8.99
N GLY B 377 10.32 17.12 -9.93
CA GLY B 377 10.55 17.84 -11.18
C GLY B 377 10.80 19.31 -10.90
N ALA B 378 11.51 20.02 -11.81
CA ALA B 378 11.82 21.45 -11.63
C ALA B 378 10.56 22.29 -11.38
N ASN B 379 9.46 21.91 -12.06
CA ASN B 379 8.12 22.43 -11.87
C ASN B 379 7.05 21.34 -12.31
N GLU B 380 5.73 21.61 -12.08
CA GLU B 380 4.63 20.68 -12.36
C GLU B 380 4.50 20.28 -13.85
N GLY B 381 4.97 21.16 -14.73
CA GLY B 381 4.98 20.92 -16.15
C GLY B 381 6.17 20.10 -16.60
N PHE B 382 7.28 20.15 -15.84
CA PHE B 382 8.48 19.41 -16.20
C PHE B 382 8.26 17.94 -16.26
N HIS B 383 7.62 17.36 -15.26
CA HIS B 383 7.30 15.93 -15.28
C HIS B 383 6.42 15.57 -16.47
N GLU B 384 5.29 16.28 -16.64
CA GLU B 384 4.34 16.02 -17.72
C GLU B 384 4.97 16.18 -19.09
N ALA B 385 6.01 17.04 -19.23
CA ALA B 385 6.70 17.25 -20.51
C ALA B 385 7.64 16.12 -20.81
N VAL B 386 8.40 15.61 -19.81
CA VAL B 386 9.37 14.53 -20.00
C VAL B 386 8.72 13.28 -20.59
N GLY B 387 7.57 12.88 -20.07
CA GLY B 387 6.83 11.76 -20.65
C GLY B 387 6.42 12.03 -22.09
N GLU B 388 6.03 13.28 -22.40
CA GLU B 388 5.60 13.67 -23.75
C GLU B 388 6.72 13.68 -24.78
N ILE B 389 7.97 14.05 -24.41
CA ILE B 389 9.13 14.04 -25.34
C ILE B 389 9.28 12.63 -25.94
N MET B 390 9.08 11.60 -25.09
CA MET B 390 9.17 10.19 -25.42
C MET B 390 8.06 9.82 -26.35
N SER B 391 6.82 10.26 -26.06
CA SER B 391 5.64 10.03 -26.90
C SER B 391 5.87 10.58 -28.29
N LEU B 392 6.41 11.82 -28.42
CA LEU B 392 6.69 12.43 -29.71
C LEU B 392 7.54 11.54 -30.61
N SER B 393 8.62 10.95 -30.05
CA SER B 393 9.50 10.08 -30.83
C SER B 393 8.85 8.73 -31.10
N ALA B 394 8.26 8.09 -30.05
CA ALA B 394 7.58 6.80 -30.13
C ALA B 394 6.38 6.80 -31.09
N ALA B 395 5.76 7.98 -31.29
CA ALA B 395 4.60 8.08 -32.17
C ALA B 395 4.94 8.27 -33.62
N THR B 396 6.22 8.60 -33.97
CA THR B 396 6.60 8.82 -35.37
C THR B 396 6.48 7.55 -36.20
N PRO B 397 6.03 7.68 -37.47
CA PRO B 397 5.98 6.49 -38.36
C PRO B 397 7.36 5.85 -38.52
N LYS B 398 8.45 6.66 -38.48
CA LYS B 398 9.82 6.16 -38.55
C LYS B 398 10.07 5.18 -37.37
N HIS B 399 9.57 5.54 -36.17
CA HIS B 399 9.74 4.69 -34.99
C HIS B 399 8.86 3.47 -35.03
N LEU B 400 7.58 3.63 -35.35
CA LEU B 400 6.65 2.51 -35.39
C LEU B 400 7.06 1.48 -36.43
N LYS B 401 7.62 1.94 -37.56
CA LYS B 401 8.07 1.05 -38.60
C LYS B 401 9.24 0.23 -38.12
N SER B 402 10.18 0.85 -37.38
CA SER B 402 11.37 0.18 -36.84
C SER B 402 11.06 -0.87 -35.76
N ILE B 403 9.94 -0.70 -35.03
CA ILE B 403 9.56 -1.66 -34.01
C ILE B 403 8.55 -2.74 -34.52
N GLY B 404 8.23 -2.73 -35.81
CA GLY B 404 7.35 -3.72 -36.42
C GLY B 404 5.88 -3.38 -36.53
N LEU B 405 5.41 -2.25 -35.93
CA LEU B 405 3.99 -1.88 -36.01
C LEU B 405 3.56 -1.26 -37.34
N LEU B 406 4.50 -1.10 -38.28
CA LEU B 406 4.28 -0.54 -39.61
C LEU B 406 5.15 -1.40 -40.54
N SER B 407 4.58 -1.87 -41.63
CA SER B 407 5.26 -2.72 -42.61
C SER B 407 6.61 -2.14 -43.06
N PRO B 408 7.64 -2.98 -43.28
CA PRO B 408 8.92 -2.45 -43.80
C PRO B 408 8.80 -1.81 -45.19
N ASP B 409 7.68 -2.07 -45.89
CA ASP B 409 7.42 -1.45 -47.18
C ASP B 409 6.59 -0.16 -47.04
N PHE B 410 6.53 0.44 -45.82
CA PHE B 410 5.78 1.67 -45.59
C PHE B 410 6.51 2.83 -46.22
N GLN B 411 5.79 3.60 -47.04
CA GLN B 411 6.36 4.73 -47.74
C GLN B 411 5.83 6.03 -47.16
N GLU B 412 6.72 6.89 -46.67
CA GLU B 412 6.31 8.18 -46.14
C GLU B 412 6.04 9.17 -47.26
N ASP B 413 4.75 9.42 -47.53
CA ASP B 413 4.27 10.38 -48.53
C ASP B 413 4.03 11.71 -47.84
N ASN B 414 3.84 12.78 -48.62
CA ASN B 414 3.45 14.07 -48.05
C ASN B 414 2.04 13.94 -47.40
N GLU B 415 1.21 12.97 -47.85
CA GLU B 415 -0.12 12.70 -47.31
C GLU B 415 -0.01 12.04 -45.94
N THR B 416 0.96 11.12 -45.76
CA THR B 416 1.18 10.48 -44.47
C THR B 416 1.69 11.50 -43.45
N GLU B 417 2.49 12.52 -43.87
CA GLU B 417 2.97 13.54 -42.95
C GLU B 417 1.77 14.33 -42.43
N ILE B 418 0.80 14.65 -43.32
CA ILE B 418 -0.43 15.37 -42.98
C ILE B 418 -1.29 14.54 -42.07
N ASN B 419 -1.44 13.24 -42.36
CA ASN B 419 -2.21 12.35 -41.49
C ASN B 419 -1.62 12.28 -40.09
N PHE B 420 -0.29 12.15 -40.01
CA PHE B 420 0.38 12.08 -38.72
C PHE B 420 0.24 13.41 -37.98
N LEU B 421 0.47 14.53 -38.69
CA LEU B 421 0.35 15.85 -38.09
C LEU B 421 -1.07 16.19 -37.63
N LEU B 422 -2.09 15.74 -38.36
CA LEU B 422 -3.47 15.99 -37.94
C LEU B 422 -3.76 15.22 -36.66
N LYS B 423 -3.37 13.93 -36.60
CA LYS B 423 -3.54 13.10 -35.41
C LYS B 423 -2.91 13.71 -34.19
N GLN B 424 -1.73 14.29 -34.36
CA GLN B 424 -1.01 14.93 -33.26
C GLN B 424 -1.72 16.20 -32.81
N ALA B 425 -2.16 17.04 -33.77
CA ALA B 425 -2.83 18.30 -33.49
C ALA B 425 -4.12 18.10 -32.76
N LEU B 426 -4.86 17.02 -33.07
CA LEU B 426 -6.13 16.72 -32.40
C LEU B 426 -5.92 16.58 -30.90
N THR B 427 -4.82 15.92 -30.52
CA THR B 427 -4.45 15.71 -29.13
C THR B 427 -3.75 16.93 -28.51
N ILE B 428 -2.64 17.38 -29.10
CA ILE B 428 -1.80 18.43 -28.56
C ILE B 428 -2.37 19.83 -28.72
N VAL B 429 -2.76 20.22 -29.94
CA VAL B 429 -3.31 21.56 -30.16
C VAL B 429 -4.73 21.67 -29.58
N GLY B 430 -5.55 20.65 -29.81
CA GLY B 430 -6.94 20.60 -29.37
C GLY B 430 -7.15 20.80 -27.88
N THR B 431 -6.15 20.41 -27.07
CA THR B 431 -6.22 20.51 -25.61
C THR B 431 -5.75 21.86 -25.07
N LEU B 432 -5.05 22.68 -25.86
CA LEU B 432 -4.51 23.95 -25.37
C LEU B 432 -5.59 24.98 -25.03
N PRO B 433 -6.61 25.27 -25.88
CA PRO B 433 -7.66 26.21 -25.47
C PRO B 433 -8.52 25.62 -24.34
N PHE B 434 -8.75 24.30 -24.35
CA PHE B 434 -9.51 23.62 -23.31
C PHE B 434 -8.83 23.81 -21.96
N THR B 435 -7.50 23.60 -21.93
CA THR B 435 -6.70 23.71 -20.74
C THR B 435 -6.63 25.15 -20.26
N TYR B 436 -6.28 26.09 -21.15
CA TYR B 436 -6.23 27.51 -20.80
C TYR B 436 -7.56 28.01 -20.23
N MET B 437 -8.67 27.74 -20.91
CA MET B 437 -9.98 28.19 -20.48
C MET B 437 -10.36 27.57 -19.14
N LEU B 438 -10.10 26.24 -18.94
CA LEU B 438 -10.38 25.52 -17.68
C LEU B 438 -9.69 26.25 -16.50
N GLU B 439 -8.36 26.53 -16.60
CA GLU B 439 -7.63 27.21 -15.54
C GLU B 439 -8.06 28.65 -15.39
N LYS B 440 -8.30 29.35 -16.51
CA LYS B 440 -8.75 30.75 -16.49
C LYS B 440 -10.04 30.87 -15.64
N TRP B 441 -10.95 29.89 -15.79
CA TRP B 441 -12.19 29.87 -15.04
C TRP B 441 -11.91 29.71 -13.57
N ARG B 442 -11.08 28.71 -13.19
CA ARG B 442 -10.72 28.48 -11.80
C ARG B 442 -10.05 29.69 -11.20
N TRP B 443 -9.03 30.24 -11.86
CA TRP B 443 -8.31 31.43 -11.39
C TRP B 443 -9.25 32.59 -11.07
N MET B 444 -10.22 32.84 -11.95
CA MET B 444 -11.22 33.90 -11.78
C MET B 444 -12.20 33.57 -10.65
N VAL B 445 -12.57 32.29 -10.51
CA VAL B 445 -13.45 31.85 -9.43
C VAL B 445 -12.74 32.04 -8.09
N PHE B 446 -11.47 31.58 -7.98
CA PHE B 446 -10.68 31.72 -6.76
C PHE B 446 -10.42 33.20 -6.45
N LYS B 447 -10.21 34.02 -7.49
CA LYS B 447 -10.00 35.46 -7.32
C LYS B 447 -11.26 36.18 -6.79
N GLY B 448 -12.42 35.66 -7.14
CA GLY B 448 -13.70 36.26 -6.76
C GLY B 448 -14.35 37.04 -7.88
N GLU B 449 -13.77 36.96 -9.10
CA GLU B 449 -14.25 37.64 -10.30
C GLU B 449 -15.56 37.07 -10.86
N ILE B 450 -15.89 35.82 -10.50
CA ILE B 450 -17.13 35.19 -10.98
C ILE B 450 -18.01 34.85 -9.79
N PRO B 451 -19.14 35.58 -9.60
CA PRO B 451 -20.04 35.25 -8.49
C PRO B 451 -20.70 33.88 -8.66
N LYS B 452 -21.06 33.23 -7.54
CA LYS B 452 -21.69 31.90 -7.52
C LYS B 452 -22.87 31.81 -8.49
N ASP B 453 -23.75 32.84 -8.51
CA ASP B 453 -24.91 32.86 -9.40
C ASP B 453 -24.57 33.03 -10.89
N GLN B 454 -23.27 33.04 -11.25
CA GLN B 454 -22.85 33.16 -12.64
C GLN B 454 -21.78 32.15 -13.02
N TRP B 455 -21.50 31.13 -12.17
CA TRP B 455 -20.48 30.12 -12.42
C TRP B 455 -20.69 29.38 -13.74
N MET B 456 -21.89 28.83 -13.96
CA MET B 456 -22.17 28.10 -15.20
C MET B 456 -22.36 29.03 -16.40
N LYS B 457 -22.80 30.26 -16.16
CA LYS B 457 -22.98 31.23 -17.23
C LYS B 457 -21.62 31.68 -17.73
N LYS B 458 -20.66 31.92 -16.83
CA LYS B 458 -19.32 32.34 -17.27
C LYS B 458 -18.52 31.16 -17.84
N TRP B 459 -18.79 29.94 -17.35
CA TRP B 459 -18.17 28.71 -17.82
C TRP B 459 -18.52 28.50 -19.29
N TRP B 460 -19.80 28.72 -19.65
CA TRP B 460 -20.23 28.50 -21.02
C TRP B 460 -19.98 29.67 -21.92
N GLU B 461 -20.03 30.89 -21.39
CA GLU B 461 -19.66 32.11 -22.13
C GLU B 461 -18.16 31.98 -22.53
N MET B 462 -17.31 31.49 -21.61
CA MET B 462 -15.88 31.26 -21.83
C MET B 462 -15.58 30.10 -22.76
N LYS B 463 -16.31 28.95 -22.65
CA LYS B 463 -16.11 27.82 -23.56
C LYS B 463 -16.47 28.26 -24.98
N ARG B 464 -17.55 29.03 -25.14
CA ARG B 464 -17.94 29.53 -26.45
C ARG B 464 -16.85 30.50 -26.98
N GLU B 465 -16.45 31.52 -26.19
CA GLU B 465 -15.44 32.49 -26.65
C GLU B 465 -14.07 31.92 -26.90
N ILE B 466 -13.46 31.24 -25.91
CA ILE B 466 -12.11 30.71 -25.98
C ILE B 466 -11.97 29.36 -26.68
N VAL B 467 -12.85 28.39 -26.35
CA VAL B 467 -12.70 27.04 -26.92
C VAL B 467 -13.44 26.86 -28.25
N GLY B 468 -14.48 27.64 -28.48
CA GLY B 468 -15.30 27.51 -29.69
C GLY B 468 -16.16 26.25 -29.59
N VAL B 469 -16.58 25.92 -28.33
CA VAL B 469 -17.38 24.77 -27.99
C VAL B 469 -18.64 25.26 -27.27
N VAL B 470 -19.79 24.71 -27.62
CA VAL B 470 -21.08 25.18 -27.12
C VAL B 470 -21.86 24.06 -26.47
N GLU B 471 -22.54 24.36 -25.36
CA GLU B 471 -23.36 23.38 -24.65
C GLU B 471 -24.55 22.96 -25.51
N PRO B 472 -24.73 21.65 -25.67
CA PRO B 472 -25.86 21.18 -26.49
C PRO B 472 -27.24 21.41 -25.85
N VAL B 473 -27.27 21.57 -24.51
CA VAL B 473 -28.45 21.79 -23.68
C VAL B 473 -28.16 22.88 -22.65
N PRO B 474 -29.13 23.74 -22.33
CA PRO B 474 -28.89 24.81 -21.35
C PRO B 474 -28.67 24.32 -19.92
N HIS B 475 -27.65 24.88 -19.24
CA HIS B 475 -27.35 24.47 -17.87
C HIS B 475 -27.46 25.62 -16.87
N ASP B 476 -28.39 25.48 -15.89
CA ASP B 476 -28.58 26.50 -14.87
C ASP B 476 -27.51 26.39 -13.76
N GLU B 477 -27.65 27.16 -12.66
CA GLU B 477 -26.64 27.16 -11.61
C GLU B 477 -26.68 25.95 -10.66
N THR B 478 -27.55 24.97 -10.92
CA THR B 478 -27.53 23.72 -10.15
C THR B 478 -26.46 22.77 -10.69
N TYR B 479 -25.91 23.04 -11.86
CA TYR B 479 -24.85 22.24 -12.44
C TYR B 479 -23.47 22.72 -11.94
N CYS B 480 -22.42 21.91 -12.18
CA CYS B 480 -21.03 22.23 -11.90
C CYS B 480 -20.19 21.45 -12.89
N ASP B 481 -20.38 21.76 -14.17
CA ASP B 481 -19.69 21.10 -15.26
C ASP B 481 -18.17 21.08 -15.11
N PRO B 482 -17.47 22.11 -14.57
CA PRO B 482 -16.02 21.96 -14.35
C PRO B 482 -15.68 20.75 -13.49
N ALA B 483 -16.37 20.61 -12.33
CA ALA B 483 -16.14 19.50 -11.40
C ALA B 483 -16.42 18.10 -11.99
N SER B 484 -17.12 18.00 -13.13
CA SER B 484 -17.36 16.71 -13.76
C SER B 484 -16.10 16.13 -14.45
N LEU B 485 -14.94 16.82 -14.37
CA LEU B 485 -13.66 16.35 -14.91
C LEU B 485 -12.79 15.98 -13.69
N PHE B 486 -11.95 14.96 -13.82
CA PHE B 486 -11.09 14.48 -12.74
C PHE B 486 -10.32 15.58 -12.00
N HIS B 487 -9.48 16.34 -12.70
CA HIS B 487 -8.62 17.32 -12.05
C HIS B 487 -9.36 18.41 -11.30
N VAL B 488 -10.59 18.75 -11.72
CA VAL B 488 -11.33 19.80 -11.02
C VAL B 488 -11.88 19.30 -9.70
N SER B 489 -12.55 18.15 -9.71
CA SER B 489 -13.09 17.59 -8.47
C SER B 489 -12.07 16.87 -7.60
N ASN B 490 -10.88 16.56 -8.15
CA ASN B 490 -9.82 15.90 -7.38
C ASN B 490 -8.67 16.84 -6.99
N ASP B 491 -8.88 18.17 -7.09
CA ASP B 491 -7.98 19.20 -6.60
C ASP B 491 -6.55 19.16 -7.17
N TYR B 492 -6.42 19.25 -8.49
CA TYR B 492 -5.12 19.25 -9.16
C TYR B 492 -5.05 20.45 -10.06
N SER B 493 -3.93 21.19 -10.08
CA SER B 493 -3.78 22.32 -11.00
C SER B 493 -3.75 21.80 -12.43
N PHE B 494 -4.33 22.57 -13.36
CA PHE B 494 -4.45 22.14 -14.73
C PHE B 494 -3.49 22.85 -15.70
N ILE B 495 -2.90 23.98 -15.29
CA ILE B 495 -2.01 24.73 -16.17
C ILE B 495 -0.70 23.95 -16.48
N ARG B 496 -0.38 22.90 -15.69
CA ARG B 496 0.75 22.00 -15.92
C ARG B 496 0.64 21.31 -17.28
N TYR B 497 -0.60 21.14 -17.84
CA TYR B 497 -0.85 20.55 -19.16
C TYR B 497 -0.59 21.54 -20.30
N TYR B 498 -0.76 22.83 -20.03
CA TYR B 498 -0.51 23.88 -20.99
C TYR B 498 0.99 24.13 -21.03
N THR B 499 1.61 24.36 -19.87
CA THR B 499 3.06 24.63 -19.80
C THR B 499 3.91 23.43 -20.27
N ARG B 500 3.52 22.18 -19.93
CA ARG B 500 4.21 20.99 -20.39
C ARG B 500 4.15 20.86 -21.90
N THR B 501 3.03 21.26 -22.53
CA THR B 501 2.85 21.16 -23.97
C THR B 501 3.86 22.01 -24.70
N LEU B 502 4.11 23.22 -24.19
CA LEU B 502 5.11 24.10 -24.77
C LEU B 502 6.51 23.62 -24.48
N TYR B 503 6.79 23.14 -23.25
CA TYR B 503 8.13 22.64 -22.90
C TYR B 503 8.51 21.43 -23.76
N GLN B 504 7.58 20.50 -24.01
CA GLN B 504 7.87 19.29 -24.77
C GLN B 504 8.45 19.57 -26.14
N PHE B 505 8.03 20.64 -26.82
CA PHE B 505 8.58 20.95 -28.13
C PHE B 505 9.89 21.70 -28.04
N GLN B 506 10.14 22.43 -26.95
CA GLN B 506 11.41 23.11 -26.76
C GLN B 506 12.48 22.03 -26.52
N PHE B 507 12.18 21.06 -25.61
CA PHE B 507 13.05 19.93 -25.30
C PHE B 507 13.25 19.05 -26.52
N GLN B 508 12.19 18.73 -27.29
CA GLN B 508 12.34 17.90 -28.49
C GLN B 508 13.25 18.56 -29.49
N GLU B 509 13.13 19.88 -29.65
CA GLU B 509 13.96 20.63 -30.58
C GLU B 509 15.43 20.55 -30.19
N ALA B 510 15.72 20.65 -28.88
CA ALA B 510 17.07 20.60 -28.35
C ALA B 510 17.66 19.19 -28.40
N LEU B 511 16.81 18.19 -28.13
CA LEU B 511 17.17 16.78 -28.14
C LEU B 511 17.46 16.29 -29.55
N CYS B 512 16.70 16.78 -30.53
CA CYS B 512 16.90 16.41 -31.93
C CYS B 512 18.15 17.08 -32.54
N GLN B 513 18.51 18.24 -32.02
CA GLN B 513 19.72 18.94 -32.37
C GLN B 513 20.92 18.12 -31.87
N ALA B 514 20.81 17.55 -30.66
CA ALA B 514 21.80 16.68 -30.03
C ALA B 514 21.94 15.35 -30.80
N ALA B 515 20.84 14.84 -31.34
CA ALA B 515 20.84 13.61 -32.12
C ALA B 515 21.15 13.84 -33.61
N LYS B 516 21.63 15.04 -33.99
CA LYS B 516 22.00 15.41 -35.37
C LYS B 516 20.89 15.09 -36.38
N HIS B 517 19.65 15.37 -35.99
CA HIS B 517 18.51 15.10 -36.87
C HIS B 517 18.49 16.12 -37.99
N GLU B 518 18.17 15.66 -39.20
CA GLU B 518 18.09 16.54 -40.35
C GLU B 518 16.66 16.51 -40.87
N GLY B 519 16.07 17.69 -41.04
CA GLY B 519 14.71 17.77 -41.55
C GLY B 519 13.71 18.24 -40.53
N PRO B 520 12.42 18.10 -40.88
CA PRO B 520 11.33 18.56 -39.99
C PRO B 520 11.37 17.95 -38.60
N LEU B 521 11.02 18.74 -37.60
CA LEU B 521 11.02 18.30 -36.22
C LEU B 521 10.09 17.11 -36.00
N HIS B 522 8.96 17.03 -36.76
CA HIS B 522 8.02 15.93 -36.63
C HIS B 522 8.51 14.60 -37.17
N LYS B 523 9.61 14.60 -37.94
CA LYS B 523 10.18 13.38 -38.46
C LYS B 523 11.34 12.85 -37.56
N CYS B 524 11.53 13.43 -36.36
CA CYS B 524 12.62 13.09 -35.45
C CYS B 524 12.31 11.96 -34.49
N ASP B 525 13.27 11.07 -34.34
CA ASP B 525 13.16 9.97 -33.42
C ASP B 525 14.49 9.86 -32.68
N ILE B 526 14.43 10.16 -31.38
CA ILE B 526 15.54 10.18 -30.44
C ILE B 526 16.18 8.82 -30.23
N SER B 527 15.48 7.73 -30.56
CA SER B 527 15.98 6.36 -30.39
C SER B 527 17.44 6.15 -30.81
N ASN B 528 18.17 5.36 -30.00
CA ASN B 528 19.57 4.98 -30.22
C ASN B 528 20.55 6.19 -30.21
N SER B 529 20.14 7.29 -29.56
CA SER B 529 20.99 8.47 -29.47
C SER B 529 21.32 8.68 -28.01
N THR B 530 22.54 8.30 -27.61
CA THR B 530 23.00 8.50 -26.24
C THR B 530 23.37 9.97 -25.99
N GLU B 531 23.64 10.76 -27.05
CA GLU B 531 23.93 12.18 -26.94
C GLU B 531 22.66 12.88 -26.45
N ALA B 532 21.50 12.54 -27.04
CA ALA B 532 20.20 13.08 -26.66
C ALA B 532 19.82 12.60 -25.25
N GLY B 533 20.10 11.34 -24.95
CA GLY B 533 19.83 10.77 -23.65
C GLY B 533 20.65 11.44 -22.57
N GLN B 534 21.92 11.73 -22.84
CA GLN B 534 22.78 12.40 -21.85
C GLN B 534 22.29 13.80 -21.58
N LYS B 535 21.99 14.58 -22.64
CA LYS B 535 21.48 15.94 -22.52
C LYS B 535 20.20 15.99 -21.67
N LEU B 536 19.35 14.98 -21.81
CA LEU B 536 18.13 14.89 -21.03
C LEU B 536 18.43 14.49 -19.58
N PHE B 537 19.25 13.45 -19.39
CA PHE B 537 19.60 12.93 -18.08
C PHE B 537 20.24 13.97 -17.18
N ASN B 538 21.11 14.83 -17.73
CA ASN B 538 21.75 15.87 -16.94
C ASN B 538 20.74 16.84 -16.31
N MET B 539 19.55 16.98 -16.89
CA MET B 539 18.49 17.82 -16.33
C MET B 539 17.62 17.01 -15.36
N LEU B 540 17.31 15.77 -15.72
CA LEU B 540 16.49 14.90 -14.89
C LEU B 540 17.14 14.64 -13.55
N ARG B 541 18.46 14.37 -13.52
CA ARG B 541 19.14 14.11 -12.25
C ARG B 541 19.22 15.32 -11.33
N LEU B 542 19.05 16.52 -11.88
CA LEU B 542 19.11 17.76 -11.13
C LEU B 542 17.91 17.97 -10.22
N GLY B 543 16.76 17.37 -10.57
CA GLY B 543 15.53 17.50 -9.80
C GLY B 543 15.10 18.94 -9.56
N LYS B 544 14.90 19.29 -8.29
CA LYS B 544 14.52 20.64 -7.88
C LYS B 544 15.71 21.47 -7.37
N SER B 545 16.95 21.00 -7.53
CA SER B 545 18.12 21.72 -7.03
C SER B 545 18.38 23.05 -7.76
N GLU B 546 17.86 23.20 -8.99
CA GLU B 546 18.00 24.43 -9.77
C GLU B 546 16.63 24.92 -10.21
N PRO B 547 16.43 26.25 -10.22
CA PRO B 547 15.13 26.78 -10.65
C PRO B 547 14.77 26.35 -12.08
N TRP B 548 13.48 26.14 -12.40
CA TRP B 548 13.07 25.70 -13.72
C TRP B 548 13.57 26.61 -14.84
N THR B 549 13.69 27.91 -14.59
CA THR B 549 14.18 28.86 -15.58
C THR B 549 15.63 28.51 -15.98
N LEU B 550 16.44 28.08 -15.02
CA LEU B 550 17.80 27.66 -15.25
C LEU B 550 17.84 26.22 -15.77
N ALA B 551 17.08 25.28 -15.16
CA ALA B 551 16.99 23.87 -15.56
C ALA B 551 16.63 23.74 -17.02
N LEU B 552 15.70 24.60 -17.50
CA LEU B 552 15.23 24.72 -18.87
C LEU B 552 16.38 25.25 -19.77
N GLU B 553 16.97 26.41 -19.39
CA GLU B 553 18.08 27.06 -20.12
C GLU B 553 19.24 26.11 -20.34
N ASN B 554 19.51 25.22 -19.38
CA ASN B 554 20.62 24.28 -19.51
C ASN B 554 20.42 23.24 -20.65
N VAL B 555 19.17 23.03 -21.07
CA VAL B 555 18.85 22.09 -22.12
C VAL B 555 18.53 22.82 -23.42
N VAL B 556 17.60 23.80 -23.39
CA VAL B 556 17.13 24.46 -24.59
C VAL B 556 17.78 25.81 -24.92
N GLY B 557 18.45 26.42 -23.96
CA GLY B 557 19.06 27.73 -24.17
C GLY B 557 18.07 28.88 -24.05
N ALA B 558 17.01 28.68 -23.29
CA ALA B 558 16.00 29.71 -23.06
C ALA B 558 15.55 29.62 -21.62
N LYS B 559 15.54 30.74 -20.89
CA LYS B 559 15.09 30.71 -19.50
C LYS B 559 13.57 30.88 -19.35
N ASN B 560 12.79 30.69 -20.43
CA ASN B 560 11.34 30.82 -20.37
C ASN B 560 10.65 29.96 -21.45
N MET B 561 9.40 29.60 -21.18
CA MET B 561 8.47 28.87 -22.02
C MET B 561 8.29 29.63 -23.34
N ASN B 562 8.35 28.92 -24.48
CA ASN B 562 8.30 29.51 -25.81
C ASN B 562 7.40 28.71 -26.75
N VAL B 563 6.50 29.39 -27.47
CA VAL B 563 5.54 28.75 -28.37
C VAL B 563 6.12 28.43 -29.76
N ARG B 564 7.25 29.07 -30.16
CA ARG B 564 7.86 28.82 -31.46
C ARG B 564 8.12 27.37 -31.80
N PRO B 565 8.79 26.53 -30.97
CA PRO B 565 8.99 25.13 -31.36
C PRO B 565 7.70 24.35 -31.62
N LEU B 566 6.63 24.63 -30.84
CA LEU B 566 5.35 23.97 -31.05
C LEU B 566 4.78 24.36 -32.42
N LEU B 567 4.82 25.66 -32.76
CA LEU B 567 4.28 26.16 -34.02
C LEU B 567 5.10 25.65 -35.22
N ASN B 568 6.41 25.50 -35.04
CA ASN B 568 7.26 24.97 -36.08
C ASN B 568 6.93 23.51 -36.36
N TYR B 569 6.65 22.73 -35.31
CA TYR B 569 6.31 21.32 -35.43
C TYR B 569 5.07 21.15 -36.32
N PHE B 570 4.06 21.99 -36.11
CA PHE B 570 2.82 21.92 -36.88
C PHE B 570 2.78 22.83 -38.09
N GLU B 571 3.89 23.45 -38.50
CA GLU B 571 3.92 24.30 -39.69
C GLU B 571 3.38 23.64 -40.95
N PRO B 572 3.85 22.43 -41.35
CA PRO B 572 3.26 21.82 -42.57
C PRO B 572 1.73 21.63 -42.49
N LEU B 573 1.21 21.28 -41.33
CA LEU B 573 -0.23 21.11 -41.15
C LEU B 573 -0.95 22.47 -41.17
N PHE B 574 -0.32 23.52 -40.64
CA PHE B 574 -0.90 24.86 -40.63
C PHE B 574 -1.13 25.35 -42.04
N THR B 575 -0.14 25.19 -42.91
CA THR B 575 -0.26 25.64 -44.29
C THR B 575 -1.24 24.75 -45.08
N TRP B 576 -1.45 23.49 -44.67
CA TRP B 576 -2.40 22.58 -45.29
C TRP B 576 -3.81 23.00 -44.92
N LEU B 577 -4.05 23.21 -43.62
CA LEU B 577 -5.32 23.62 -43.03
C LEU B 577 -5.73 24.95 -43.60
N LYS B 578 -4.80 25.91 -43.73
CA LYS B 578 -5.09 27.21 -44.31
C LYS B 578 -5.71 27.09 -45.71
N ASP B 579 -5.25 26.10 -46.50
CA ASP B 579 -5.77 25.86 -47.84
C ASP B 579 -7.06 25.06 -47.85
N GLN B 580 -7.23 24.11 -46.91
CA GLN B 580 -8.48 23.37 -46.81
C GLN B 580 -9.63 24.31 -46.42
N ASN B 581 -9.33 25.31 -45.58
CA ASN B 581 -10.27 26.28 -45.08
C ASN B 581 -10.28 27.58 -45.90
N LYS B 582 -9.90 27.51 -47.19
CA LYS B 582 -9.87 28.70 -48.03
C LYS B 582 -11.26 29.22 -48.34
N ASN B 583 -12.21 28.31 -48.52
CA ASN B 583 -13.60 28.71 -48.77
C ASN B 583 -14.52 28.43 -47.57
N SER B 584 -13.93 28.16 -46.40
CA SER B 584 -14.61 27.87 -45.16
C SER B 584 -14.57 29.11 -44.25
N PHE B 585 -15.39 29.09 -43.21
CA PHE B 585 -15.37 30.14 -42.22
C PHE B 585 -14.30 29.75 -41.20
N VAL B 586 -13.43 30.69 -40.83
CA VAL B 586 -12.44 30.41 -39.81
C VAL B 586 -12.77 31.29 -38.60
N GLY B 587 -13.06 30.63 -37.50
CA GLY B 587 -13.57 31.29 -36.32
C GLY B 587 -15.01 30.85 -36.04
N TRP B 588 -15.62 31.43 -35.00
CA TRP B 588 -16.95 30.99 -34.60
C TRP B 588 -17.80 32.08 -34.00
N SER B 589 -19.10 31.91 -34.11
CA SER B 589 -20.09 32.81 -33.58
C SER B 589 -20.53 32.21 -32.26
N THR B 590 -20.45 33.02 -31.22
CA THR B 590 -20.88 32.57 -29.90
C THR B 590 -22.40 32.66 -29.70
N ASP B 591 -23.17 32.99 -30.76
CA ASP B 591 -24.62 33.10 -30.66
C ASP B 591 -25.36 31.85 -31.09
N TRP B 592 -24.75 31.04 -31.98
CA TRP B 592 -25.38 29.80 -32.41
C TRP B 592 -25.36 28.81 -31.28
N SER B 593 -26.52 28.19 -30.97
CA SER B 593 -26.62 27.14 -29.95
C SER B 593 -27.41 25.97 -30.52
N PRO B 594 -27.02 24.73 -30.21
CA PRO B 594 -27.76 23.56 -30.75
C PRO B 594 -29.22 23.48 -30.29
N TYR B 595 -29.59 24.27 -29.29
CA TYR B 595 -30.94 24.28 -28.76
C TYR B 595 -31.72 25.56 -29.07
N ALA B 596 -31.17 26.45 -29.92
CA ALA B 596 -31.84 27.70 -30.35
C ALA B 596 -33.13 27.37 -31.12
N THR C 2 15.16 -18.53 -42.35
CA THR C 2 14.55 -18.43 -41.03
C THR C 2 15.52 -18.69 -39.89
N ILE C 3 16.69 -19.28 -40.18
CA ILE C 3 17.71 -19.67 -39.21
C ILE C 3 18.00 -18.62 -38.13
N GLU C 4 18.13 -17.32 -38.50
CA GLU C 4 18.42 -16.29 -37.50
C GLU C 4 17.24 -16.05 -36.56
N GLU C 5 16.00 -16.17 -37.08
CA GLU C 5 14.80 -16.03 -36.26
C GLU C 5 14.74 -17.14 -35.19
N GLN C 6 15.14 -18.37 -35.58
CA GLN C 6 15.17 -19.52 -34.67
C GLN C 6 16.21 -19.34 -33.58
N ALA C 7 17.37 -18.75 -33.92
CA ALA C 7 18.39 -18.45 -32.93
C ALA C 7 17.89 -17.37 -31.98
N LYS C 8 17.11 -16.40 -32.48
CA LYS C 8 16.53 -15.31 -31.70
C LYS C 8 15.49 -15.85 -30.73
N THR C 9 14.59 -16.74 -31.18
CA THR C 9 13.58 -17.33 -30.27
C THR C 9 14.20 -18.29 -29.28
N PHE C 10 15.30 -18.98 -29.65
CA PHE C 10 16.02 -19.84 -28.70
C PHE C 10 16.64 -18.95 -27.59
N LEU C 11 17.21 -17.80 -27.98
CA LEU C 11 17.81 -16.86 -27.06
C LEU C 11 16.78 -16.20 -26.14
N ASP C 12 15.56 -15.97 -26.62
CA ASP C 12 14.49 -15.39 -25.81
C ASP C 12 14.04 -16.35 -24.74
N LYS C 13 13.97 -17.66 -25.07
CA LYS C 13 13.62 -18.70 -24.11
C LYS C 13 14.72 -18.77 -23.07
N PHE C 14 16.00 -18.74 -23.50
CA PHE C 14 17.15 -18.80 -22.62
C PHE C 14 17.13 -17.65 -21.62
N ASN C 15 17.03 -16.40 -22.10
CA ASN C 15 17.02 -15.22 -21.25
C ASN C 15 15.88 -15.25 -20.22
N HIS C 16 14.76 -15.86 -20.59
CA HIS C 16 13.61 -15.99 -19.72
C HIS C 16 13.86 -16.95 -18.55
N GLU C 17 14.32 -18.18 -18.86
CA GLU C 17 14.55 -19.21 -17.85
C GLU C 17 15.79 -18.99 -17.00
N ALA C 18 16.77 -18.23 -17.50
CA ALA C 18 18.03 -17.97 -16.82
C ALA C 18 17.90 -17.11 -15.58
N GLU C 19 16.91 -16.22 -15.55
CA GLU C 19 16.67 -15.30 -14.42
C GLU C 19 16.61 -16.01 -13.06
N ASP C 20 15.72 -16.99 -12.91
CA ASP C 20 15.56 -17.70 -11.65
C ASP C 20 16.67 -18.69 -11.37
N LEU C 21 17.12 -19.43 -12.39
CA LEU C 21 18.19 -20.41 -12.23
C LEU C 21 19.53 -19.80 -11.78
N PHE C 22 19.84 -18.60 -12.28
CA PHE C 22 21.05 -17.89 -11.92
C PHE C 22 20.90 -17.27 -10.52
N TYR C 23 19.78 -16.57 -10.27
CA TYR C 23 19.57 -15.95 -8.98
C TYR C 23 19.56 -16.94 -7.81
N GLN C 24 18.92 -18.11 -7.97
CA GLN C 24 18.89 -19.09 -6.89
C GLN C 24 20.30 -19.63 -6.58
N SER C 25 21.12 -19.79 -7.62
CA SER C 25 22.51 -20.24 -7.45
C SER C 25 23.37 -19.13 -6.81
N SER C 26 23.05 -17.86 -7.09
CA SER C 26 23.75 -16.70 -6.55
C SER C 26 23.38 -16.42 -5.09
N LEU C 27 22.09 -16.42 -4.75
CA LEU C 27 21.66 -16.16 -3.39
C LEU C 27 22.08 -17.27 -2.42
N ALA C 28 22.10 -18.54 -2.87
CA ALA C 28 22.57 -19.66 -2.04
C ALA C 28 24.10 -19.59 -1.81
N SER C 29 24.83 -19.08 -2.82
CA SER C 29 26.28 -18.88 -2.76
C SER C 29 26.60 -17.68 -1.84
N TRP C 30 25.76 -16.64 -1.88
CA TRP C 30 25.92 -15.47 -1.03
C TRP C 30 25.70 -15.88 0.41
N ASN C 31 24.57 -16.56 0.69
CA ASN C 31 24.22 -17.01 2.04
C ASN C 31 25.25 -17.92 2.65
N TYR C 32 26.02 -18.66 1.83
CA TYR C 32 27.09 -19.50 2.36
C TYR C 32 28.29 -18.63 2.75
N ASN C 33 28.71 -17.72 1.86
CA ASN C 33 29.87 -16.87 2.11
C ASN C 33 29.65 -15.85 3.24
N THR C 34 28.41 -15.54 3.61
CA THR C 34 28.13 -14.61 4.70
C THR C 34 27.83 -15.28 6.03
N ASN C 35 27.53 -16.60 6.00
CA ASN C 35 27.15 -17.40 7.16
C ASN C 35 27.53 -18.85 6.82
N ILE C 36 28.83 -19.14 6.95
CA ILE C 36 29.45 -20.44 6.67
C ILE C 36 28.91 -21.53 7.58
N THR C 37 28.11 -22.45 6.99
CA THR C 37 27.48 -23.60 7.66
C THR C 37 27.44 -24.78 6.65
N GLU C 38 27.29 -26.02 7.15
CA GLU C 38 27.18 -27.20 6.29
C GLU C 38 25.83 -27.19 5.55
N GLU C 39 24.77 -26.68 6.19
CA GLU C 39 23.45 -26.58 5.57
C GLU C 39 23.54 -25.61 4.37
N ASN C 40 24.24 -24.47 4.55
CA ASN C 40 24.39 -23.48 3.50
C ASN C 40 25.34 -23.91 2.38
N VAL C 41 26.36 -24.72 2.69
CA VAL C 41 27.27 -25.20 1.64
C VAL C 41 26.56 -26.18 0.71
N GLN C 42 25.66 -27.00 1.25
CA GLN C 42 24.91 -27.97 0.47
C GLN C 42 23.85 -27.27 -0.37
N ASN C 43 23.22 -26.21 0.17
CA ASN C 43 22.23 -25.40 -0.55
C ASN C 43 22.91 -24.73 -1.74
N MET C 44 24.12 -24.19 -1.53
CA MET C 44 24.94 -23.52 -2.55
C MET C 44 25.28 -24.49 -3.68
N ASN C 45 25.63 -25.73 -3.32
CA ASN C 45 25.97 -26.78 -4.29
C ASN C 45 24.75 -27.23 -5.08
N ASN C 46 23.59 -27.38 -4.40
CA ASN C 46 22.35 -27.81 -5.08
C ASN C 46 21.95 -26.82 -6.15
N ALA C 47 21.85 -25.53 -5.79
CA ALA C 47 21.46 -24.46 -6.70
C ALA C 47 22.48 -24.25 -7.82
N GLY C 48 23.76 -24.39 -7.49
CA GLY C 48 24.83 -24.26 -8.47
C GLY C 48 24.82 -25.38 -9.48
N ASP C 49 24.45 -26.60 -9.04
CA ASP C 49 24.35 -27.76 -9.93
C ASP C 49 23.15 -27.65 -10.87
N LYS C 50 22.07 -27.01 -10.42
CA LYS C 50 20.89 -26.76 -11.24
C LYS C 50 21.27 -25.76 -12.35
N TRP C 51 22.04 -24.72 -12.01
CA TRP C 51 22.51 -23.71 -12.96
C TRP C 51 23.41 -24.34 -14.02
N SER C 52 24.33 -25.20 -13.59
CA SER C 52 25.26 -25.88 -14.49
C SER C 52 24.51 -26.81 -15.44
N ALA C 53 23.46 -27.50 -14.97
CA ALA C 53 22.68 -28.41 -15.80
C ALA C 53 21.90 -27.64 -16.87
N PHE C 54 21.37 -26.47 -16.51
CA PHE C 54 20.65 -25.60 -17.43
C PHE C 54 21.62 -25.11 -18.49
N LEU C 55 22.81 -24.67 -18.07
CA LEU C 55 23.85 -24.20 -18.97
C LEU C 55 24.33 -25.31 -19.92
N LYS C 56 24.45 -26.55 -19.42
CA LYS C 56 24.86 -27.67 -20.28
C LYS C 56 23.74 -28.04 -21.27
N GLU C 57 22.46 -27.85 -20.89
CA GLU C 57 21.35 -28.13 -21.78
C GLU C 57 21.31 -27.09 -22.90
N GLN C 58 21.28 -25.79 -22.52
CA GLN C 58 21.24 -24.70 -23.48
C GLN C 58 22.47 -24.68 -24.37
N SER C 59 23.63 -25.11 -23.87
CA SER C 59 24.87 -25.16 -24.64
C SER C 59 24.70 -26.10 -25.83
N THR C 60 24.26 -27.33 -25.57
CA THR C 60 24.05 -28.33 -26.62
C THR C 60 22.91 -27.93 -27.56
N LEU C 61 21.92 -27.18 -27.07
CA LEU C 61 20.82 -26.69 -27.89
C LEU C 61 21.31 -25.60 -28.85
N ALA C 62 22.20 -24.72 -28.37
CA ALA C 62 22.76 -23.63 -29.16
C ALA C 62 23.65 -24.11 -30.33
N GLN C 63 24.14 -25.36 -30.26
CA GLN C 63 25.03 -25.92 -31.28
C GLN C 63 24.42 -26.04 -32.67
N MET C 64 23.11 -26.32 -32.76
CA MET C 64 22.47 -26.46 -34.08
C MET C 64 22.29 -25.15 -34.83
N TYR C 65 22.84 -24.05 -34.31
CA TYR C 65 22.78 -22.76 -34.93
C TYR C 65 24.19 -22.36 -35.38
N PRO C 66 24.51 -22.58 -36.66
CA PRO C 66 25.84 -22.18 -37.14
C PRO C 66 25.98 -20.67 -37.14
N LEU C 67 26.84 -20.13 -36.27
CA LEU C 67 27.04 -18.69 -36.13
C LEU C 67 27.59 -17.99 -37.41
N GLN C 68 27.88 -18.76 -38.45
CA GLN C 68 28.31 -18.24 -39.75
C GLN C 68 27.08 -17.71 -40.51
N GLU C 69 25.93 -18.39 -40.39
CA GLU C 69 24.67 -17.96 -41.03
C GLU C 69 23.91 -16.91 -40.17
N ILE C 70 24.64 -16.19 -39.30
CA ILE C 70 24.07 -15.18 -38.40
C ILE C 70 24.69 -13.81 -38.70
N GLN C 71 23.88 -12.88 -39.20
CA GLN C 71 24.31 -11.51 -39.54
C GLN C 71 24.28 -10.58 -38.32
N ASN C 72 23.23 -10.69 -37.49
CA ASN C 72 23.06 -9.88 -36.28
C ASN C 72 24.17 -10.17 -35.28
N LEU C 73 24.98 -9.16 -34.94
CA LEU C 73 26.11 -9.33 -34.04
C LEU C 73 25.74 -9.62 -32.59
N THR C 74 24.65 -9.01 -32.10
CA THR C 74 24.19 -9.20 -30.73
C THR C 74 23.76 -10.65 -30.51
N VAL C 75 23.04 -11.23 -31.48
CA VAL C 75 22.61 -12.62 -31.34
C VAL C 75 23.77 -13.59 -31.61
N LYS C 76 24.71 -13.22 -32.49
CA LYS C 76 25.87 -14.03 -32.80
C LYS C 76 26.78 -14.15 -31.59
N LEU C 77 26.99 -13.05 -30.84
CA LEU C 77 27.84 -13.03 -29.66
C LEU C 77 27.25 -13.83 -28.50
N GLN C 78 25.92 -13.79 -28.33
CA GLN C 78 25.26 -14.55 -27.28
C GLN C 78 25.32 -16.04 -27.61
N LEU C 79 25.11 -16.39 -28.87
CA LEU C 79 25.18 -17.77 -29.33
C LEU C 79 26.60 -18.30 -29.19
N GLN C 80 27.59 -17.49 -29.58
CA GLN C 80 29.02 -17.83 -29.51
C GLN C 80 29.43 -18.17 -28.07
N ALA C 81 28.95 -17.39 -27.08
CA ALA C 81 29.26 -17.61 -25.68
C ALA C 81 28.55 -18.83 -25.10
N LEU C 82 27.37 -19.17 -25.62
CA LEU C 82 26.61 -20.32 -25.14
C LEU C 82 27.13 -21.63 -25.69
N GLN C 83 27.65 -21.64 -26.92
CA GLN C 83 28.15 -22.89 -27.50
C GLN C 83 29.60 -23.22 -27.09
N GLN C 84 30.07 -22.66 -25.98
CA GLN C 84 31.37 -22.97 -25.42
C GLN C 84 31.14 -24.22 -24.56
N ASN C 85 31.90 -25.29 -24.84
CA ASN C 85 31.72 -26.54 -24.10
C ASN C 85 32.41 -26.56 -22.75
N GLY C 86 33.65 -26.09 -22.71
CA GLY C 86 34.44 -26.04 -21.48
C GLY C 86 34.70 -27.40 -20.87
N SER C 87 34.37 -27.57 -19.58
CA SER C 87 34.59 -28.81 -18.82
C SER C 87 33.68 -29.96 -19.24
N SER C 88 32.52 -29.67 -19.86
CA SER C 88 31.56 -30.68 -20.32
C SER C 88 32.10 -31.61 -21.42
N VAL C 89 33.20 -31.19 -22.08
CA VAL C 89 33.90 -31.95 -23.12
C VAL C 89 34.57 -33.24 -22.57
N LEU C 90 34.75 -33.31 -21.24
CA LEU C 90 35.37 -34.43 -20.56
C LEU C 90 34.39 -35.55 -20.27
N SER C 91 34.91 -36.79 -20.16
CA SER C 91 34.10 -37.94 -19.79
C SER C 91 33.60 -37.79 -18.36
N GLU C 92 32.52 -38.50 -17.99
CA GLU C 92 31.95 -38.41 -16.64
C GLU C 92 32.99 -38.63 -15.53
N ASP C 93 33.84 -39.65 -15.67
CA ASP C 93 34.88 -39.97 -14.69
C ASP C 93 35.92 -38.87 -14.58
N LYS C 94 36.27 -38.26 -15.70
CA LYS C 94 37.26 -37.19 -15.72
C LYS C 94 36.70 -35.90 -15.17
N SER C 95 35.42 -35.60 -15.43
CA SER C 95 34.77 -34.41 -14.87
C SER C 95 34.66 -34.55 -13.36
N LYS C 96 34.29 -35.74 -12.88
CA LYS C 96 34.20 -36.01 -11.45
C LYS C 96 35.58 -35.88 -10.78
N ARG C 97 36.62 -36.51 -11.37
CA ARG C 97 37.99 -36.49 -10.85
C ARG C 97 38.55 -35.07 -10.82
N LEU C 98 38.35 -34.29 -11.88
CA LEU C 98 38.85 -32.92 -11.93
C LEU C 98 38.20 -32.06 -10.88
N ASN C 99 36.89 -32.19 -10.67
CA ASN C 99 36.21 -31.41 -9.64
C ASN C 99 36.67 -31.82 -8.23
N THR C 100 37.02 -33.10 -8.06
CA THR C 100 37.54 -33.62 -6.80
C THR C 100 38.87 -32.93 -6.49
N ILE C 101 39.79 -32.90 -7.47
CA ILE C 101 41.09 -32.27 -7.32
C ILE C 101 40.93 -30.78 -7.01
N LEU C 102 40.06 -30.10 -7.75
CA LEU C 102 39.83 -28.67 -7.55
C LEU C 102 39.32 -28.36 -6.15
N ASN C 103 38.37 -29.15 -5.64
CA ASN C 103 37.83 -28.94 -4.30
C ASN C 103 38.86 -29.28 -3.23
N THR C 104 39.64 -30.35 -3.45
CA THR C 104 40.67 -30.78 -2.51
C THR C 104 41.76 -29.72 -2.39
N MET C 105 42.21 -29.16 -3.52
CA MET C 105 43.22 -28.10 -3.50
C MET C 105 42.69 -26.87 -2.81
N SER C 106 41.42 -26.53 -3.06
CA SER C 106 40.78 -25.36 -2.46
C SER C 106 40.67 -25.49 -0.94
N THR C 107 40.31 -26.69 -0.43
CA THR C 107 40.18 -26.87 1.02
C THR C 107 41.53 -27.07 1.69
N ILE C 108 42.55 -27.59 0.97
CA ILE C 108 43.90 -27.70 1.57
C ILE C 108 44.42 -26.28 1.83
N TYR C 109 44.24 -25.38 0.87
CA TYR C 109 44.66 -24.00 1.01
C TYR C 109 43.92 -23.29 2.15
N SER C 110 42.58 -23.42 2.20
CA SER C 110 41.78 -22.71 3.21
C SER C 110 41.84 -23.31 4.62
N THR C 111 42.21 -24.58 4.76
CA THR C 111 42.28 -25.23 6.08
C THR C 111 43.69 -25.68 6.50
N GLY C 112 44.68 -25.38 5.68
CA GLY C 112 46.06 -25.75 5.96
C GLY C 112 46.61 -24.94 7.11
N LYS C 113 47.25 -25.63 8.05
CA LYS C 113 47.81 -25.03 9.24
C LYS C 113 49.23 -25.51 9.52
N VAL C 114 50.09 -24.60 9.98
CA VAL C 114 51.46 -24.93 10.39
C VAL C 114 51.43 -25.05 11.92
N CYS C 115 52.10 -26.07 12.46
CA CYS C 115 52.04 -26.31 13.91
C CYS C 115 53.38 -26.33 14.60
N ASN C 116 53.37 -26.14 15.93
CA ASN C 116 54.55 -26.21 16.77
C ASN C 116 54.91 -27.70 16.86
N PRO C 117 56.18 -28.05 16.60
CA PRO C 117 56.58 -29.47 16.63
C PRO C 117 56.41 -30.14 17.99
N ASP C 118 56.67 -29.38 19.08
CA ASP C 118 56.53 -29.90 20.44
C ASP C 118 55.14 -29.69 21.06
N ASN C 119 54.23 -29.03 20.34
CA ASN C 119 52.87 -28.78 20.78
C ASN C 119 51.99 -28.73 19.54
N PRO C 120 51.54 -29.90 19.06
CA PRO C 120 50.75 -29.93 17.82
C PRO C 120 49.38 -29.25 17.88
N GLN C 121 48.86 -28.98 19.09
CA GLN C 121 47.59 -28.27 19.23
C GLN C 121 47.75 -26.77 18.95
N GLU C 122 48.96 -26.22 19.19
CA GLU C 122 49.25 -24.80 18.94
C GLU C 122 49.54 -24.61 17.44
N CYS C 123 48.55 -24.14 16.66
CA CYS C 123 48.71 -24.01 15.21
C CYS C 123 48.30 -22.64 14.67
N LEU C 124 48.75 -22.32 13.44
CA LEU C 124 48.42 -21.08 12.77
C LEU C 124 47.83 -21.36 11.41
N LEU C 125 46.81 -20.60 10.99
CA LEU C 125 46.27 -20.71 9.65
C LEU C 125 46.93 -19.62 8.80
N LEU C 126 46.79 -19.69 7.46
CA LEU C 126 47.37 -18.65 6.59
C LEU C 126 46.75 -17.29 6.91
N GLU C 127 45.44 -17.23 7.04
CA GLU C 127 44.76 -16.02 7.44
C GLU C 127 44.05 -16.29 8.77
N PRO C 128 44.37 -15.52 9.82
CA PRO C 128 45.25 -14.35 9.83
C PRO C 128 46.70 -14.59 10.29
N GLY C 129 46.90 -15.69 11.02
CA GLY C 129 48.16 -16.09 11.62
C GLY C 129 49.45 -15.86 10.85
N LEU C 130 49.65 -16.64 9.78
CA LEU C 130 50.86 -16.55 8.99
C LEU C 130 50.96 -15.26 8.21
N ASN C 131 49.83 -14.73 7.75
CA ASN C 131 49.79 -13.47 7.01
C ASN C 131 50.17 -12.28 7.89
N GLU C 132 49.87 -12.34 9.19
CA GLU C 132 50.21 -11.30 10.16
C GLU C 132 51.74 -11.29 10.37
N ILE C 133 52.38 -12.49 10.42
CA ILE C 133 53.83 -12.61 10.58
C ILE C 133 54.49 -12.02 9.33
N MET C 134 54.03 -12.41 8.14
CA MET C 134 54.60 -11.95 6.90
C MET C 134 54.40 -10.46 6.69
N ALA C 135 53.30 -9.87 7.19
CA ALA C 135 53.06 -8.45 7.02
C ALA C 135 53.75 -7.55 8.05
N ASN C 136 53.95 -8.03 9.28
CA ASN C 136 54.48 -7.17 10.33
C ASN C 136 55.82 -7.56 10.94
N SER C 137 56.19 -8.83 10.84
CA SER C 137 57.43 -9.31 11.46
C SER C 137 58.67 -8.64 10.94
N LEU C 138 59.61 -8.43 11.85
CA LEU C 138 60.92 -7.85 11.56
C LEU C 138 62.05 -8.86 11.83
N ASP C 139 61.74 -10.08 12.31
CA ASP C 139 62.78 -11.07 12.57
C ASP C 139 62.93 -11.99 11.38
N TYR C 140 64.16 -12.09 10.86
CA TYR C 140 64.51 -12.93 9.72
C TYR C 140 64.11 -14.39 9.95
N ASN C 141 64.47 -14.96 11.12
CA ASN C 141 64.18 -16.36 11.47
C ASN C 141 62.70 -16.68 11.56
N GLU C 142 61.89 -15.76 12.14
CA GLU C 142 60.46 -15.98 12.26
C GLU C 142 59.80 -15.90 10.90
N ARG C 143 60.20 -14.93 10.07
CA ARG C 143 59.67 -14.78 8.73
C ARG C 143 60.05 -16.00 7.89
N LEU C 144 61.28 -16.49 8.04
CA LEU C 144 61.75 -17.67 7.32
C LEU C 144 60.97 -18.91 7.75
N TRP C 145 60.69 -19.04 9.05
CA TRP C 145 59.91 -20.17 9.55
C TRP C 145 58.49 -20.11 8.99
N ALA C 146 57.85 -18.94 9.01
CA ALA C 146 56.49 -18.82 8.53
C ALA C 146 56.40 -19.12 7.04
N TRP C 147 57.36 -18.64 6.28
CA TRP C 147 57.41 -18.82 4.84
C TRP C 147 57.66 -20.30 4.47
N GLU C 148 58.67 -20.94 5.11
CA GLU C 148 59.03 -22.32 4.81
C GLU C 148 57.98 -23.30 5.27
N SER C 149 57.40 -23.08 6.44
CA SER C 149 56.38 -23.97 6.98
C SER C 149 55.12 -23.96 6.12
N TRP C 150 54.74 -22.80 5.57
CA TRP C 150 53.57 -22.74 4.71
C TRP C 150 53.79 -23.55 3.42
N ARG C 151 55.02 -23.56 2.88
CA ARG C 151 55.36 -24.28 1.65
C ARG C 151 55.63 -25.75 1.82
N SER C 152 56.04 -26.17 3.02
CA SER C 152 56.32 -27.58 3.26
C SER C 152 55.10 -28.31 3.81
N GLU C 153 54.29 -27.66 4.69
CA GLU C 153 53.12 -28.32 5.24
C GLU C 153 52.01 -28.38 4.21
N VAL C 154 51.73 -27.26 3.53
CA VAL C 154 50.62 -27.16 2.60
C VAL C 154 51.02 -27.34 1.13
N GLY C 155 52.13 -26.70 0.74
CA GLY C 155 52.65 -26.75 -0.62
C GLY C 155 53.00 -28.15 -1.10
N LYS C 156 53.59 -28.97 -0.20
CA LYS C 156 53.93 -30.36 -0.51
C LYS C 156 52.65 -31.22 -0.69
N GLN C 157 51.56 -30.85 0.01
CA GLN C 157 50.29 -31.55 -0.11
C GLN C 157 49.67 -31.31 -1.48
N LEU C 158 49.84 -30.12 -2.05
CA LEU C 158 49.26 -29.77 -3.33
C LEU C 158 50.03 -30.26 -4.54
N ARG C 159 51.33 -30.59 -4.38
CA ARG C 159 52.16 -31.07 -5.50
C ARG C 159 51.53 -32.24 -6.29
N PRO C 160 51.08 -33.34 -5.64
CA PRO C 160 50.47 -34.43 -6.44
C PRO C 160 49.16 -34.04 -7.10
N LEU C 161 48.39 -33.17 -6.45
CA LEU C 161 47.12 -32.72 -7.00
C LEU C 161 47.32 -31.82 -8.18
N TYR C 162 48.31 -30.92 -8.11
CA TYR C 162 48.62 -30.00 -9.19
C TYR C 162 49.10 -30.73 -10.42
N GLU C 163 49.88 -31.79 -10.23
CA GLU C 163 50.35 -32.62 -11.33
C GLU C 163 49.18 -33.25 -12.08
N GLU C 164 48.15 -33.71 -11.34
CA GLU C 164 46.95 -34.33 -11.90
C GLU C 164 46.02 -33.28 -12.53
N TYR C 165 45.95 -32.09 -11.91
CA TYR C 165 45.17 -30.95 -12.35
C TYR C 165 45.66 -30.51 -13.72
N VAL C 166 47.00 -30.37 -13.94
CA VAL C 166 47.49 -29.92 -15.24
C VAL C 166 47.13 -30.92 -16.34
N VAL C 167 47.20 -32.23 -16.05
CA VAL C 167 46.87 -33.28 -17.02
C VAL C 167 45.44 -33.16 -17.50
N LEU C 168 44.49 -33.17 -16.56
CA LEU C 168 43.07 -33.13 -16.81
C LEU C 168 42.63 -31.81 -17.44
N LYS C 169 43.20 -30.70 -16.98
CA LYS C 169 42.91 -29.38 -17.54
C LYS C 169 43.41 -29.26 -18.97
N ASN C 170 44.56 -29.89 -19.27
CA ASN C 170 45.09 -29.89 -20.62
C ASN C 170 44.23 -30.76 -21.52
N GLU C 171 43.71 -31.90 -21.02
CA GLU C 171 42.82 -32.76 -21.79
C GLU C 171 41.55 -32.02 -22.15
N MET C 172 41.01 -31.24 -21.20
CA MET C 172 39.81 -30.43 -21.39
C MET C 172 40.08 -29.39 -22.48
N ALA C 173 41.18 -28.63 -22.35
CA ALA C 173 41.53 -27.57 -23.29
C ALA C 173 41.84 -28.07 -24.71
N ARG C 174 42.64 -29.14 -24.84
CA ARG C 174 42.97 -29.73 -26.14
C ARG C 174 41.73 -30.33 -26.82
N ALA C 175 40.76 -30.85 -26.03
CA ALA C 175 39.51 -31.36 -26.62
C ALA C 175 38.61 -30.21 -27.10
N ASN C 176 38.80 -28.98 -26.60
CA ASN C 176 38.09 -27.80 -27.08
C ASN C 176 38.85 -27.06 -28.21
N HIS C 177 39.92 -27.68 -28.74
CA HIS C 177 40.76 -27.23 -29.85
C HIS C 177 41.66 -26.06 -29.52
N TYR C 178 42.18 -26.07 -28.30
CA TYR C 178 43.16 -25.12 -27.84
C TYR C 178 44.51 -25.85 -27.79
N GLU C 179 45.62 -25.09 -27.77
CA GLU C 179 46.94 -25.69 -27.73
C GLU C 179 47.15 -26.43 -26.41
N ASP C 180 46.72 -25.81 -25.31
CA ASP C 180 46.83 -26.29 -23.93
C ASP C 180 45.94 -25.42 -22.99
N TYR C 181 45.96 -25.66 -21.66
CA TYR C 181 45.14 -24.89 -20.73
C TYR C 181 45.55 -23.41 -20.66
N GLY C 182 46.82 -23.12 -20.89
CA GLY C 182 47.31 -21.74 -20.91
C GLY C 182 46.72 -21.02 -22.09
N ASP C 183 46.70 -21.68 -23.27
CA ASP C 183 46.12 -21.11 -24.47
C ASP C 183 44.62 -20.85 -24.27
N TYR C 184 43.94 -21.78 -23.58
CA TYR C 184 42.53 -21.67 -23.22
C TYR C 184 42.28 -20.39 -22.40
N TRP C 185 43.12 -20.13 -21.39
CA TRP C 185 42.99 -18.96 -20.54
C TRP C 185 43.23 -17.68 -21.32
N ARG C 186 44.21 -17.70 -22.24
CA ARG C 186 44.51 -16.54 -23.10
C ARG C 186 43.39 -16.21 -24.10
N GLY C 187 42.40 -17.10 -24.23
CA GLY C 187 41.26 -16.92 -25.12
C GLY C 187 40.34 -15.80 -24.71
N ASP C 188 40.40 -15.38 -23.45
CA ASP C 188 39.58 -14.29 -22.91
C ASP C 188 39.80 -12.99 -23.69
N TYR C 189 41.05 -12.73 -24.11
CA TYR C 189 41.38 -11.51 -24.85
C TYR C 189 41.19 -11.61 -26.37
N GLU C 190 40.94 -12.82 -26.88
CA GLU C 190 40.75 -13.05 -28.31
C GLU C 190 39.51 -12.39 -28.91
N VAL C 191 39.72 -11.68 -30.03
CA VAL C 191 38.68 -10.99 -30.81
C VAL C 191 38.77 -11.48 -32.25
N ASN C 192 37.64 -11.86 -32.84
CA ASN C 192 37.65 -12.36 -34.21
C ASN C 192 36.56 -11.82 -35.12
N GLY C 193 36.85 -11.74 -36.40
CA GLY C 193 35.92 -11.27 -37.41
C GLY C 193 35.55 -9.81 -37.36
N VAL C 194 36.31 -9.01 -36.62
CA VAL C 194 36.07 -7.58 -36.52
C VAL C 194 37.28 -6.88 -37.12
N ASP C 195 37.15 -6.42 -38.36
CA ASP C 195 38.24 -5.76 -39.08
C ASP C 195 38.86 -4.61 -38.32
N GLY C 196 40.16 -4.71 -38.07
CA GLY C 196 40.89 -3.68 -37.36
C GLY C 196 40.92 -3.85 -35.86
N TYR C 197 39.98 -4.62 -35.31
CA TYR C 197 39.91 -4.83 -33.86
C TYR C 197 40.25 -6.25 -33.41
N ASP C 198 40.70 -7.12 -34.32
CA ASP C 198 41.03 -8.49 -33.99
C ASP C 198 42.25 -8.58 -33.07
N TYR C 199 42.26 -9.63 -32.25
CA TYR C 199 43.32 -9.89 -31.31
C TYR C 199 43.49 -11.39 -31.18
N SER C 200 44.71 -11.92 -31.38
CA SER C 200 44.94 -13.35 -31.26
C SER C 200 45.42 -13.75 -29.86
N ARG C 201 45.30 -15.03 -29.51
CA ARG C 201 45.76 -15.50 -28.19
C ARG C 201 47.28 -15.39 -28.06
N GLY C 202 48.01 -15.61 -29.16
CA GLY C 202 49.47 -15.50 -29.21
C GLY C 202 49.94 -14.06 -29.08
N GLN C 203 49.12 -13.12 -29.55
CA GLN C 203 49.42 -11.70 -29.45
C GLN C 203 49.52 -11.27 -27.99
N LEU C 204 48.77 -11.92 -27.08
CA LEU C 204 48.84 -11.58 -25.67
C LEU C 204 50.24 -11.79 -25.10
N ILE C 205 50.90 -12.90 -25.46
CA ILE C 205 52.25 -13.16 -24.96
C ILE C 205 53.23 -12.12 -25.50
N GLU C 206 53.16 -11.84 -26.80
CA GLU C 206 54.02 -10.85 -27.44
C GLU C 206 53.84 -9.46 -26.80
N ASP C 207 52.59 -9.06 -26.58
CA ASP C 207 52.27 -7.77 -25.98
C ASP C 207 52.67 -7.69 -24.51
N VAL C 208 52.41 -8.74 -23.72
CA VAL C 208 52.79 -8.75 -22.30
C VAL C 208 54.31 -8.66 -22.16
N GLU C 209 55.04 -9.41 -22.99
CA GLU C 209 56.49 -9.42 -22.97
C GLU C 209 57.13 -8.12 -23.47
N HIS C 210 56.59 -7.54 -24.53
CA HIS C 210 57.11 -6.28 -25.06
C HIS C 210 56.89 -5.15 -24.06
N THR C 211 55.72 -5.13 -23.41
CA THR C 211 55.33 -4.17 -22.39
C THR C 211 56.22 -4.31 -21.16
N PHE C 212 56.50 -5.55 -20.76
CA PHE C 212 57.32 -5.84 -19.60
C PHE C 212 58.75 -5.33 -19.75
N GLU C 213 59.31 -5.37 -20.97
CA GLU C 213 60.66 -4.86 -21.19
C GLU C 213 60.76 -3.36 -20.89
N GLU C 214 59.68 -2.61 -21.12
CA GLU C 214 59.61 -1.18 -20.83
C GLU C 214 59.43 -0.89 -19.33
N ILE C 215 58.86 -1.85 -18.58
CA ILE C 215 58.68 -1.79 -17.13
C ILE C 215 60.04 -2.03 -16.45
N LYS C 216 60.82 -3.01 -16.97
CA LYS C 216 62.13 -3.44 -16.45
C LYS C 216 63.01 -2.34 -15.84
N PRO C 217 63.34 -1.21 -16.51
CA PRO C 217 64.22 -0.21 -15.87
C PRO C 217 63.63 0.41 -14.61
N LEU C 218 62.32 0.73 -14.62
CA LEU C 218 61.67 1.29 -13.44
C LEU C 218 61.70 0.28 -12.29
N TYR C 219 61.47 -0.99 -12.60
CA TYR C 219 61.48 -2.03 -11.59
C TYR C 219 62.87 -2.24 -11.01
N GLU C 220 63.91 -2.31 -11.84
CA GLU C 220 65.28 -2.52 -11.38
C GLU C 220 65.74 -1.43 -10.43
N HIS C 221 65.25 -0.21 -10.60
CA HIS C 221 65.62 0.89 -9.73
C HIS C 221 64.88 0.82 -8.41
N LEU C 222 63.58 0.46 -8.47
CA LEU C 222 62.75 0.23 -7.29
C LEU C 222 63.38 -0.92 -6.48
N HIS C 223 63.75 -2.02 -7.16
CA HIS C 223 64.38 -3.21 -6.59
C HIS C 223 65.69 -2.84 -5.92
N ALA C 224 66.55 -2.07 -6.60
CA ALA C 224 67.85 -1.68 -6.06
C ALA C 224 67.73 -0.82 -4.82
N TYR C 225 66.76 0.11 -4.84
CA TYR C 225 66.53 1.01 -3.74
C TYR C 225 66.02 0.26 -2.52
N VAL C 226 65.02 -0.64 -2.72
CA VAL C 226 64.53 -1.40 -1.57
C VAL C 226 65.57 -2.35 -1.06
N ARG C 227 66.47 -2.86 -1.90
CA ARG C 227 67.54 -3.76 -1.47
C ARG C 227 68.45 -3.03 -0.50
N ALA C 228 68.85 -1.80 -0.83
CA ALA C 228 69.67 -0.97 0.04
C ALA C 228 68.98 -0.71 1.41
N LYS C 229 67.67 -0.40 1.38
CA LYS C 229 66.87 -0.19 2.57
C LYS C 229 66.72 -1.49 3.39
N LEU C 230 66.63 -2.64 2.70
CA LEU C 230 66.51 -3.93 3.35
C LEU C 230 67.80 -4.36 4.01
N MET C 231 68.96 -3.93 3.48
CA MET C 231 70.24 -4.23 4.11
C MET C 231 70.35 -3.57 5.50
N ASN C 232 69.68 -2.41 5.72
CA ASN C 232 69.65 -1.73 7.01
C ASN C 232 68.70 -2.51 7.95
N ALA C 233 67.56 -2.95 7.41
CA ALA C 233 66.51 -3.68 8.11
C ALA C 233 66.93 -5.09 8.56
N TYR C 234 67.71 -5.81 7.75
CA TYR C 234 68.16 -7.18 8.04
C TYR C 234 69.66 -7.30 7.80
N PRO C 235 70.48 -6.72 8.68
CA PRO C 235 71.94 -6.76 8.48
C PRO C 235 72.56 -8.16 8.45
N SER C 236 73.48 -8.38 7.48
CA SER C 236 74.19 -9.64 7.22
C SER C 236 73.39 -10.64 6.38
N TYR C 237 72.12 -10.35 6.10
CA TYR C 237 71.27 -11.27 5.38
C TYR C 237 71.02 -10.96 3.91
N ILE C 238 71.42 -9.76 3.45
CA ILE C 238 71.18 -9.38 2.06
C ILE C 238 72.46 -9.02 1.35
N SER C 239 72.63 -9.51 0.13
CA SER C 239 73.81 -9.19 -0.67
C SER C 239 73.52 -7.94 -1.48
N PRO C 240 74.48 -7.01 -1.54
CA PRO C 240 74.25 -5.78 -2.33
C PRO C 240 74.10 -6.00 -3.83
N ILE C 241 74.45 -7.20 -4.32
CA ILE C 241 74.41 -7.60 -5.72
C ILE C 241 73.45 -8.76 -6.00
N GLY C 242 72.90 -9.40 -4.99
CA GLY C 242 72.03 -10.55 -5.18
C GLY C 242 70.56 -10.22 -5.22
N CYS C 243 69.76 -11.27 -5.35
CA CYS C 243 68.31 -11.21 -5.36
C CYS C 243 67.81 -10.90 -3.92
N LEU C 244 66.54 -10.57 -3.78
CA LEU C 244 65.95 -10.31 -2.48
C LEU C 244 65.41 -11.61 -1.92
N PRO C 245 65.82 -12.02 -0.73
CA PRO C 245 65.27 -13.26 -0.14
C PRO C 245 63.73 -13.24 -0.05
N ALA C 246 63.11 -14.25 -0.66
CA ALA C 246 61.66 -14.40 -0.80
C ALA C 246 60.82 -14.20 0.48
N HIS C 247 61.39 -14.51 1.66
CA HIS C 247 60.64 -14.37 2.90
C HIS C 247 60.66 -12.97 3.52
N LEU C 248 61.28 -11.99 2.86
CA LEU C 248 61.40 -10.64 3.43
C LEU C 248 60.70 -9.57 2.60
N LEU C 249 59.68 -9.94 1.80
CA LEU C 249 59.06 -8.98 0.89
C LEU C 249 57.71 -8.36 1.31
N GLY C 250 57.29 -8.48 2.56
CA GLY C 250 56.05 -7.85 2.99
C GLY C 250 54.81 -8.72 3.09
N ASP C 251 54.70 -9.75 2.25
CA ASP C 251 53.58 -10.69 2.35
C ASP C 251 54.08 -12.16 2.21
N MET C 252 53.18 -13.16 2.19
CA MET C 252 53.59 -14.56 2.14
C MET C 252 54.37 -14.97 0.84
N TRP C 253 54.27 -14.15 -0.23
CA TRP C 253 54.87 -14.48 -1.53
C TRP C 253 55.70 -13.35 -2.17
N GLY C 254 55.47 -12.13 -1.74
CA GLY C 254 56.09 -10.97 -2.34
C GLY C 254 55.27 -10.49 -3.52
N ARG C 255 53.96 -10.83 -3.54
CA ARG C 255 53.02 -10.42 -4.57
C ARG C 255 52.95 -8.88 -4.59
N PHE C 256 52.98 -8.26 -3.40
CA PHE C 256 53.01 -6.81 -3.24
C PHE C 256 54.09 -6.49 -2.24
N TRP C 257 54.80 -5.38 -2.49
CA TRP C 257 55.82 -4.92 -1.56
C TRP C 257 55.30 -3.81 -0.64
N THR C 258 53.97 -3.65 -0.54
CA THR C 258 53.29 -2.62 0.22
C THR C 258 53.78 -2.51 1.66
N ASN C 259 53.94 -3.64 2.34
CA ASN C 259 54.37 -3.64 3.74
C ASN C 259 55.89 -3.38 3.95
N LEU C 260 56.61 -3.10 2.85
CA LEU C 260 58.00 -2.68 2.97
C LEU C 260 58.06 -1.13 3.13
N TYR C 261 56.94 -0.39 3.03
CA TYR C 261 56.94 1.05 3.14
C TYR C 261 57.60 1.57 4.43
N SER C 262 57.35 0.94 5.59
CA SER C 262 58.00 1.39 6.85
C SER C 262 59.51 1.28 6.77
N LEU C 263 59.99 0.26 6.08
CA LEU C 263 61.40 -0.04 5.91
C LEU C 263 62.06 0.77 4.80
N THR C 264 61.30 1.21 3.80
CA THR C 264 61.80 1.89 2.62
C THR C 264 61.30 3.32 2.39
N VAL C 265 60.51 3.89 3.31
CA VAL C 265 59.98 5.25 3.15
C VAL C 265 61.08 6.28 2.83
N PRO C 266 60.96 6.98 1.70
CA PRO C 266 62.00 7.93 1.31
C PRO C 266 62.28 9.02 2.34
N PHE C 267 61.22 9.65 2.87
CA PHE C 267 61.35 10.76 3.82
C PHE C 267 60.57 10.47 5.10
N GLY C 268 61.17 9.69 5.99
CA GLY C 268 60.53 9.28 7.23
C GLY C 268 60.18 10.39 8.21
N GLN C 269 60.99 11.46 8.25
CA GLN C 269 60.74 12.55 9.19
C GLN C 269 59.72 13.57 8.67
N LYS C 270 58.56 13.07 8.29
CA LYS C 270 57.54 13.89 7.71
C LYS C 270 56.15 13.35 8.02
N PRO C 271 55.19 14.27 8.27
CA PRO C 271 53.78 13.84 8.52
C PRO C 271 53.26 12.92 7.42
N ASN C 272 52.74 11.75 7.83
CA ASN C 272 52.28 10.72 6.89
C ASN C 272 50.83 10.87 6.37
N ILE C 273 50.65 10.57 5.07
CA ILE C 273 49.36 10.55 4.39
C ILE C 273 48.66 9.21 4.74
N ASP C 274 48.16 9.15 5.98
CA ASP C 274 47.44 8.00 6.51
C ASP C 274 46.28 8.57 7.31
N VAL C 275 45.18 8.88 6.62
CA VAL C 275 44.01 9.45 7.29
C VAL C 275 43.32 8.45 8.22
N THR C 276 43.88 7.26 8.44
CA THR C 276 43.33 6.23 9.32
C THR C 276 43.01 6.79 10.71
N ASP C 277 43.86 7.66 11.27
CA ASP C 277 43.58 8.27 12.58
C ASP C 277 42.52 9.35 12.48
N ALA C 278 42.48 10.08 11.37
CA ALA C 278 41.49 11.13 11.17
C ALA C 278 40.07 10.56 11.08
N MET C 279 39.93 9.38 10.42
CA MET C 279 38.66 8.66 10.33
C MET C 279 38.19 8.29 11.75
N VAL C 280 39.10 7.73 12.57
CA VAL C 280 38.83 7.30 13.93
C VAL C 280 38.46 8.50 14.82
N ASP C 281 39.17 9.63 14.68
CA ASP C 281 38.91 10.84 15.46
C ASP C 281 37.58 11.48 15.07
N GLN C 282 37.20 11.38 13.80
CA GLN C 282 35.95 11.92 13.27
C GLN C 282 34.78 10.94 13.41
N ALA C 283 34.96 9.79 14.12
CA ALA C 283 33.97 8.75 14.35
C ALA C 283 33.36 8.15 13.06
N TRP C 284 34.18 7.95 12.02
CA TRP C 284 33.71 7.32 10.79
C TRP C 284 33.41 5.85 11.06
N ASP C 285 32.36 5.31 10.48
CA ASP C 285 32.04 3.88 10.61
C ASP C 285 31.98 3.23 9.19
N ALA C 286 31.71 1.92 9.04
CA ALA C 286 31.63 1.30 7.70
C ALA C 286 30.53 1.98 6.85
N GLN C 287 29.43 2.41 7.49
CA GLN C 287 28.35 3.10 6.78
C GLN C 287 28.82 4.46 6.23
N ARG C 288 29.57 5.25 7.02
CA ARG C 288 30.09 6.53 6.58
C ARG C 288 31.03 6.34 5.37
N ILE C 289 31.87 5.30 5.41
CA ILE C 289 32.77 4.97 4.32
C ILE C 289 32.00 4.70 3.03
N PHE C 290 31.06 3.74 3.05
CA PHE C 290 30.27 3.38 1.87
C PHE C 290 29.38 4.51 1.39
N LYS C 291 28.90 5.35 2.31
CA LYS C 291 28.07 6.51 1.97
C LYS C 291 28.93 7.60 1.30
N GLU C 292 30.22 7.72 1.65
CA GLU C 292 31.16 8.66 1.06
C GLU C 292 31.62 8.15 -0.30
N ALA C 293 31.86 6.83 -0.42
CA ALA C 293 32.21 6.20 -1.70
C ALA C 293 31.03 6.36 -2.67
N GLU C 294 29.79 6.19 -2.17
CA GLU C 294 28.59 6.39 -2.97
C GLU C 294 28.52 7.82 -3.56
N LYS C 295 28.86 8.81 -2.72
CA LYS C 295 28.86 10.23 -3.07
C LYS C 295 29.88 10.53 -4.19
N PHE C 296 30.99 9.77 -4.24
CA PHE C 296 32.03 9.93 -5.26
C PHE C 296 31.47 9.57 -6.63
N PHE C 297 30.76 8.45 -6.73
CA PHE C 297 30.20 8.03 -8.01
C PHE C 297 29.08 8.93 -8.45
N VAL C 298 28.24 9.41 -7.51
CA VAL C 298 27.16 10.32 -7.87
C VAL C 298 27.71 11.66 -8.36
N SER C 299 28.84 12.14 -7.78
CA SER C 299 29.48 13.38 -8.21
C SER C 299 29.92 13.36 -9.69
N VAL C 300 30.20 12.16 -10.26
CA VAL C 300 30.61 12.06 -11.66
C VAL C 300 29.45 11.73 -12.63
N GLY C 301 28.21 11.69 -12.15
CA GLY C 301 27.07 11.40 -13.00
C GLY C 301 26.52 9.98 -12.87
N LEU C 302 27.27 9.08 -12.21
CA LEU C 302 26.81 7.70 -12.01
C LEU C 302 25.70 7.63 -10.94
N PRO C 303 24.90 6.53 -10.88
CA PRO C 303 23.84 6.46 -9.88
C PRO C 303 24.28 6.11 -8.45
N ASN C 304 23.39 6.34 -7.49
CA ASN C 304 23.57 6.00 -6.09
C ASN C 304 23.46 4.47 -6.00
N MET C 305 23.81 3.89 -4.85
CA MET C 305 23.68 2.46 -4.68
C MET C 305 22.18 2.14 -4.53
N THR C 306 21.76 0.96 -4.98
CA THR C 306 20.33 0.57 -4.87
C THR C 306 19.89 0.42 -3.42
N GLN C 307 18.57 0.42 -3.15
CA GLN C 307 18.09 0.21 -1.79
C GLN C 307 18.52 -1.18 -1.26
N GLY C 308 18.52 -2.18 -2.13
CA GLY C 308 18.94 -3.54 -1.83
C GLY C 308 20.42 -3.66 -1.55
N PHE C 309 21.21 -2.65 -1.92
CA PHE C 309 22.63 -2.64 -1.60
C PHE C 309 22.74 -2.25 -0.12
N TRP C 310 22.04 -1.19 0.30
CA TRP C 310 22.07 -0.76 1.68
C TRP C 310 21.34 -1.71 2.64
N GLU C 311 20.36 -2.46 2.13
CA GLU C 311 19.61 -3.40 2.96
C GLU C 311 20.27 -4.76 3.04
N ASN C 312 20.80 -5.28 1.93
CA ASN C 312 21.28 -6.65 1.90
C ASN C 312 22.78 -6.85 1.99
N SER C 313 23.58 -5.79 1.84
CA SER C 313 25.03 -5.94 1.91
C SER C 313 25.54 -6.19 3.34
N MET C 314 26.68 -6.90 3.43
CA MET C 314 27.34 -7.17 4.69
C MET C 314 28.62 -6.34 4.65
N LEU C 315 28.56 -5.16 5.28
CA LEU C 315 29.70 -4.25 5.26
C LEU C 315 30.54 -4.27 6.55
N THR C 316 30.25 -5.18 7.49
CA THR C 316 31.02 -5.39 8.73
C THR C 316 31.13 -6.90 9.01
N ASP C 317 32.14 -7.29 9.78
CA ASP C 317 32.35 -8.69 10.13
C ASP C 317 31.27 -9.17 11.11
N PRO C 318 30.55 -10.27 10.82
CA PRO C 318 29.61 -10.80 11.83
C PRO C 318 30.37 -11.44 13.03
N GLY C 319 31.56 -12.00 12.72
CA GLY C 319 32.54 -12.56 13.65
C GLY C 319 32.11 -13.65 14.60
N ASN C 320 31.56 -13.24 15.75
CA ASN C 320 31.11 -14.19 16.77
C ASN C 320 29.87 -14.98 16.31
N VAL C 321 29.95 -16.32 16.41
CA VAL C 321 28.91 -17.29 16.02
C VAL C 321 28.77 -17.37 14.49
N GLN C 322 28.26 -16.31 13.82
CA GLN C 322 28.10 -16.30 12.37
C GLN C 322 29.45 -16.04 11.73
N LYS C 323 30.00 -17.01 11.00
CA LYS C 323 31.30 -16.84 10.37
C LYS C 323 31.15 -16.52 8.90
N ALA C 324 31.95 -15.59 8.38
CA ALA C 324 31.86 -15.19 6.98
C ALA C 324 33.24 -15.20 6.28
N VAL C 325 33.26 -15.21 4.93
CA VAL C 325 34.52 -15.11 4.18
C VAL C 325 34.74 -13.60 4.04
N CYS C 326 35.85 -13.06 4.59
CA CYS C 326 36.04 -11.62 4.61
C CYS C 326 36.78 -11.05 3.42
N HIS C 327 36.97 -11.82 2.34
CA HIS C 327 37.62 -11.27 1.14
C HIS C 327 36.67 -10.26 0.53
N PRO C 328 37.11 -8.99 0.35
CA PRO C 328 36.21 -7.98 -0.22
C PRO C 328 35.70 -8.41 -1.58
N THR C 329 34.38 -8.52 -1.72
CA THR C 329 33.77 -9.01 -2.94
C THR C 329 32.56 -8.18 -3.37
N ALA C 330 32.39 -8.03 -4.69
CA ALA C 330 31.26 -7.32 -5.27
C ALA C 330 30.36 -8.36 -5.93
N TRP C 331 29.11 -8.45 -5.48
CA TRP C 331 28.16 -9.45 -5.94
C TRP C 331 27.07 -8.92 -6.86
N ASP C 332 26.96 -9.54 -8.04
CA ASP C 332 25.91 -9.28 -9.02
C ASP C 332 25.08 -10.57 -9.03
N LEU C 333 24.11 -10.66 -8.12
CA LEU C 333 23.27 -11.85 -7.98
C LEU C 333 22.21 -12.02 -9.09
N GLY C 334 21.98 -10.97 -9.88
CA GLY C 334 20.91 -11.00 -10.87
C GLY C 334 19.64 -10.45 -10.26
N LYS C 335 18.56 -10.26 -11.05
CA LYS C 335 17.31 -9.69 -10.53
C LYS C 335 17.54 -8.32 -9.81
N GLY C 336 18.53 -7.56 -10.29
CA GLY C 336 18.89 -6.25 -9.76
C GLY C 336 19.46 -6.27 -8.35
N ASP C 337 19.89 -7.46 -7.90
CA ASP C 337 20.40 -7.63 -6.54
C ASP C 337 21.86 -7.35 -6.53
N PHE C 338 22.26 -6.18 -6.04
CA PHE C 338 23.67 -5.83 -5.96
C PHE C 338 24.06 -5.73 -4.50
N ARG C 339 25.12 -6.44 -4.11
CA ARG C 339 25.58 -6.46 -2.73
C ARG C 339 27.10 -6.44 -2.66
N ILE C 340 27.65 -5.99 -1.53
CA ILE C 340 29.08 -6.05 -1.28
C ILE C 340 29.31 -6.84 0.02
N LEU C 341 30.30 -7.74 0.02
CA LEU C 341 30.68 -8.52 1.19
C LEU C 341 32.09 -8.06 1.58
N MET C 342 32.19 -7.25 2.64
CA MET C 342 33.48 -6.72 3.08
C MET C 342 33.48 -6.56 4.58
N CYS C 343 34.52 -7.06 5.26
CA CYS C 343 34.62 -6.92 6.71
C CYS C 343 35.41 -5.65 6.97
N THR C 344 34.71 -4.52 6.85
CA THR C 344 35.27 -3.17 6.92
C THR C 344 35.74 -2.75 8.31
N LYS C 345 36.98 -2.22 8.33
CA LYS C 345 37.63 -1.64 9.49
C LYS C 345 37.76 -0.12 9.21
N VAL C 346 37.74 0.74 10.24
CA VAL C 346 37.87 2.19 10.05
C VAL C 346 39.35 2.51 9.82
N THR C 347 39.77 2.23 8.61
CA THR C 347 41.12 2.27 8.13
C THR C 347 41.16 2.88 6.74
N MET C 348 42.21 3.67 6.42
CA MET C 348 42.31 4.28 5.10
C MET C 348 42.38 3.21 4.00
N ASP C 349 42.98 2.05 4.27
CA ASP C 349 43.04 0.95 3.32
C ASP C 349 41.66 0.40 3.01
N ASP C 350 40.80 0.28 4.04
CA ASP C 350 39.43 -0.18 3.82
C ASP C 350 38.58 0.91 3.13
N PHE C 351 38.88 2.20 3.41
CA PHE C 351 38.22 3.33 2.75
C PHE C 351 38.50 3.25 1.24
N LEU C 352 39.72 2.91 0.85
CA LEU C 352 40.07 2.80 -0.57
C LEU C 352 39.62 1.49 -1.18
N THR C 353 39.49 0.44 -0.38
CA THR C 353 38.98 -0.87 -0.84
C THR C 353 37.49 -0.73 -1.20
N ALA C 354 36.75 0.07 -0.42
CA ALA C 354 35.34 0.35 -0.67
C ALA C 354 35.13 0.99 -2.05
N HIS C 355 36.03 1.90 -2.48
CA HIS C 355 35.90 2.54 -3.79
C HIS C 355 36.20 1.58 -4.93
N HIS C 356 37.14 0.64 -4.70
CA HIS C 356 37.51 -0.34 -5.72
C HIS C 356 36.32 -1.28 -5.90
N GLU C 357 35.83 -1.84 -4.78
CA GLU C 357 34.74 -2.77 -4.79
C GLU C 357 33.43 -2.12 -5.27
N MET C 358 33.18 -0.83 -4.91
CA MET C 358 31.97 -0.15 -5.42
C MET C 358 32.04 0.10 -6.91
N GLY C 359 33.25 0.33 -7.44
CA GLY C 359 33.52 0.47 -8.86
C GLY C 359 33.11 -0.78 -9.61
N HIS C 360 33.33 -1.97 -9.01
CA HIS C 360 32.89 -3.24 -9.59
C HIS C 360 31.38 -3.26 -9.68
N ILE C 361 30.69 -2.85 -8.62
CA ILE C 361 29.23 -2.79 -8.56
C ILE C 361 28.69 -1.82 -9.62
N GLN C 362 29.35 -0.67 -9.81
CA GLN C 362 28.93 0.29 -10.81
C GLN C 362 29.03 -0.29 -12.21
N TYR C 363 30.07 -1.10 -12.46
CA TYR C 363 30.27 -1.76 -13.75
C TYR C 363 29.14 -2.78 -13.92
N ASP C 364 28.79 -3.54 -12.88
CA ASP C 364 27.69 -4.52 -12.92
C ASP C 364 26.31 -3.89 -13.16
N MET C 365 26.06 -2.72 -12.57
CA MET C 365 24.81 -1.98 -12.70
C MET C 365 24.68 -1.37 -14.09
N ALA C 366 25.80 -0.89 -14.66
CA ALA C 366 25.80 -0.27 -15.97
C ALA C 366 25.51 -1.25 -17.09
N TYR C 367 26.18 -2.44 -17.12
CA TYR C 367 25.93 -3.38 -18.21
C TYR C 367 24.65 -4.21 -18.05
N ALA C 368 23.83 -3.93 -17.03
CA ALA C 368 22.54 -4.62 -16.89
C ALA C 368 21.64 -4.35 -18.14
N ALA C 369 21.97 -3.30 -18.92
CA ALA C 369 21.38 -2.88 -20.18
C ALA C 369 21.55 -3.93 -21.30
N GLN C 370 22.49 -4.85 -21.15
CA GLN C 370 22.78 -5.91 -22.12
C GLN C 370 21.97 -7.17 -21.84
N PRO C 371 21.75 -8.02 -22.88
CA PRO C 371 21.12 -9.34 -22.62
C PRO C 371 21.97 -10.17 -21.65
N PHE C 372 21.36 -11.15 -20.95
CA PHE C 372 22.06 -11.96 -19.93
C PHE C 372 23.54 -12.32 -20.25
N LEU C 373 23.77 -12.94 -21.40
CA LEU C 373 25.09 -13.42 -21.79
C LEU C 373 26.14 -12.31 -21.99
N LEU C 374 25.71 -11.12 -22.39
CA LEU C 374 26.65 -10.01 -22.57
C LEU C 374 26.82 -9.19 -21.30
N ARG C 375 26.58 -9.78 -20.11
CA ARG C 375 26.69 -9.04 -18.86
C ARG C 375 27.94 -9.41 -18.09
N ASN C 376 29.05 -8.80 -18.49
CA ASN C 376 30.36 -9.01 -17.88
C ASN C 376 31.32 -7.93 -18.39
N GLY C 377 32.48 -7.77 -17.77
CA GLY C 377 33.51 -6.85 -18.21
C GLY C 377 34.03 -7.25 -19.59
N ALA C 378 34.53 -6.26 -20.40
CA ALA C 378 35.04 -6.52 -21.76
C ALA C 378 36.08 -7.64 -21.79
N ASN C 379 36.97 -7.65 -20.79
CA ASN C 379 37.97 -8.69 -20.56
C ASN C 379 38.21 -8.87 -19.03
N GLU C 380 38.89 -9.95 -18.62
CA GLU C 380 39.12 -10.22 -17.21
C GLU C 380 39.83 -9.09 -16.45
N GLY C 381 40.65 -8.32 -17.16
CA GLY C 381 41.36 -7.18 -16.58
C GLY C 381 40.48 -5.98 -16.34
N PHE C 382 39.50 -5.74 -17.22
CA PHE C 382 38.59 -4.60 -17.17
C PHE C 382 37.94 -4.34 -15.83
N HIS C 383 37.33 -5.35 -15.19
CA HIS C 383 36.70 -5.17 -13.89
C HIS C 383 37.66 -4.58 -12.83
N GLU C 384 38.84 -5.20 -12.63
CA GLU C 384 39.80 -4.69 -11.64
C GLU C 384 40.38 -3.35 -12.07
N ALA C 385 40.50 -3.10 -13.38
CA ALA C 385 41.02 -1.83 -13.87
C ALA C 385 40.08 -0.69 -13.48
N VAL C 386 38.76 -0.91 -13.59
CA VAL C 386 37.73 0.06 -13.27
C VAL C 386 37.73 0.39 -11.79
N GLY C 387 37.86 -0.63 -10.96
CA GLY C 387 37.94 -0.43 -9.51
C GLY C 387 39.19 0.37 -9.14
N GLU C 388 40.33 0.02 -9.75
CA GLU C 388 41.61 0.66 -9.52
C GLU C 388 41.61 2.14 -9.89
N ILE C 389 40.74 2.59 -10.83
CA ILE C 389 40.60 4.01 -11.21
C ILE C 389 40.12 4.85 -10.01
N MET C 390 39.15 4.29 -9.28
CA MET C 390 38.49 4.98 -8.20
C MET C 390 39.40 5.15 -7.03
N SER C 391 40.11 4.07 -6.65
CA SER C 391 41.07 4.06 -5.54
C SER C 391 42.14 5.13 -5.75
N LEU C 392 42.62 5.28 -7.00
CA LEU C 392 43.60 6.30 -7.37
C LEU C 392 43.09 7.71 -7.03
N SER C 393 41.88 8.05 -7.48
CA SER C 393 41.28 9.36 -7.25
C SER C 393 41.02 9.61 -5.79
N ALA C 394 40.50 8.62 -5.08
CA ALA C 394 40.18 8.72 -3.66
C ALA C 394 41.40 8.75 -2.74
N ALA C 395 42.60 8.30 -3.22
CA ALA C 395 43.83 8.32 -2.40
C ALA C 395 44.63 9.61 -2.47
N THR C 396 44.33 10.46 -3.45
CA THR C 396 45.05 11.72 -3.58
C THR C 396 44.80 12.66 -2.43
N PRO C 397 45.82 13.48 -2.12
CA PRO C 397 45.63 14.48 -1.07
C PRO C 397 44.53 15.47 -1.44
N LYS C 398 44.39 15.82 -2.73
CA LYS C 398 43.33 16.73 -3.19
C LYS C 398 41.95 16.20 -2.81
N HIS C 399 41.74 14.88 -2.96
CA HIS C 399 40.48 14.26 -2.60
C HIS C 399 40.27 14.16 -1.09
N LEU C 400 41.29 13.66 -0.37
CA LEU C 400 41.23 13.52 1.09
C LEU C 400 41.00 14.85 1.79
N LYS C 401 41.54 15.94 1.26
CA LYS C 401 41.41 17.28 1.80
C LYS C 401 39.95 17.73 1.63
N SER C 402 39.37 17.48 0.44
CA SER C 402 38.01 17.90 0.10
C SER C 402 36.94 17.16 0.88
N ILE C 403 37.22 15.92 1.33
CA ILE C 403 36.21 15.18 2.11
C ILE C 403 36.40 15.33 3.64
N GLY C 404 37.33 16.18 4.07
CA GLY C 404 37.55 16.48 5.48
C GLY C 404 38.55 15.61 6.20
N LEU C 405 39.00 14.52 5.56
CA LEU C 405 39.97 13.63 6.18
C LEU C 405 41.34 14.28 6.35
N LEU C 406 41.90 14.85 5.30
CA LEU C 406 43.19 15.54 5.36
C LEU C 406 42.96 17.00 5.70
N SER C 407 43.74 17.54 6.64
CA SER C 407 43.59 18.94 7.06
C SER C 407 43.84 19.87 5.90
N PRO C 408 43.05 20.94 5.71
CA PRO C 408 43.32 21.88 4.61
C PRO C 408 44.71 22.56 4.73
N ASP C 409 45.33 22.48 5.92
CA ASP C 409 46.67 23.02 6.12
C ASP C 409 47.76 21.95 5.89
N PHE C 410 47.44 20.85 5.19
CA PHE C 410 48.44 19.84 4.89
C PHE C 410 49.32 20.39 3.76
N GLN C 411 50.65 20.37 3.92
CA GLN C 411 51.54 20.94 2.92
C GLN C 411 52.11 19.91 1.97
N GLU C 412 51.73 19.97 0.69
CA GLU C 412 52.25 19.04 -0.31
C GLU C 412 53.61 19.52 -0.78
N ASP C 413 54.65 18.83 -0.32
CA ASP C 413 56.05 19.08 -0.69
C ASP C 413 56.39 18.15 -1.84
N ASN C 414 57.50 18.41 -2.54
CA ASN C 414 58.00 17.48 -3.55
C ASN C 414 58.43 16.14 -2.87
N GLU C 415 58.75 16.17 -1.54
CA GLU C 415 59.10 14.99 -0.76
C GLU C 415 57.85 14.15 -0.49
N THR C 416 56.72 14.79 -0.23
CA THR C 416 55.46 14.08 -0.03
C THR C 416 54.98 13.38 -1.32
N GLU C 417 55.28 14.00 -2.49
CA GLU C 417 54.90 13.36 -3.77
C GLU C 417 55.74 12.09 -3.95
N ILE C 418 57.02 12.16 -3.63
CA ILE C 418 57.94 11.01 -3.72
C ILE C 418 57.56 9.89 -2.71
N ASN C 419 57.15 10.25 -1.47
CA ASN C 419 56.71 9.26 -0.48
C ASN C 419 55.44 8.57 -1.01
N PHE C 420 54.50 9.37 -1.59
CA PHE C 420 53.24 8.89 -2.15
C PHE C 420 53.52 7.93 -3.30
N LEU C 421 54.35 8.36 -4.27
CA LEU C 421 54.71 7.59 -5.46
C LEU C 421 55.48 6.32 -5.15
N LEU C 422 56.42 6.38 -4.21
CA LEU C 422 57.17 5.20 -3.78
C LEU C 422 56.23 4.16 -3.18
N LYS C 423 55.28 4.61 -2.34
CA LYS C 423 54.30 3.71 -1.72
C LYS C 423 53.44 3.04 -2.80
N GLN C 424 53.00 3.82 -3.82
CA GLN C 424 52.22 3.32 -4.95
C GLN C 424 53.03 2.30 -5.73
N ALA C 425 54.34 2.58 -5.93
CA ALA C 425 55.27 1.73 -6.67
C ALA C 425 55.46 0.41 -6.03
N LEU C 426 55.60 0.36 -4.69
CA LEU C 426 55.77 -0.92 -3.96
C LEU C 426 54.63 -1.87 -4.26
N THR C 427 53.40 -1.33 -4.40
CA THR C 427 52.21 -2.11 -4.68
C THR C 427 52.03 -2.38 -6.16
N ILE C 428 51.96 -1.32 -7.00
CA ILE C 428 51.67 -1.43 -8.42
C ILE C 428 52.85 -1.93 -9.27
N VAL C 429 54.02 -1.32 -9.14
CA VAL C 429 55.19 -1.75 -9.91
C VAL C 429 55.75 -3.08 -9.40
N GLY C 430 55.85 -3.21 -8.07
CA GLY C 430 56.36 -4.41 -7.41
C GLY C 430 55.65 -5.70 -7.76
N THR C 431 54.35 -5.62 -8.12
CA THR C 431 53.55 -6.79 -8.48
C THR C 431 53.65 -7.18 -9.97
N LEU C 432 54.14 -6.29 -10.84
CA LEU C 432 54.19 -6.59 -12.26
C LEU C 432 55.18 -7.72 -12.63
N PRO C 433 56.45 -7.75 -12.16
CA PRO C 433 57.31 -8.91 -12.47
C PRO C 433 56.82 -10.19 -11.77
N PHE C 434 56.25 -10.05 -10.57
CA PHE C 434 55.72 -11.19 -9.83
C PHE C 434 54.58 -11.83 -10.63
N THR C 435 53.68 -11.00 -11.16
CA THR C 435 52.51 -11.43 -11.91
C THR C 435 52.93 -12.05 -13.22
N TYR C 436 53.77 -11.34 -14.00
CA TYR C 436 54.28 -11.85 -15.25
C TYR C 436 55.00 -13.22 -15.07
N MET C 437 55.90 -13.31 -14.10
CA MET C 437 56.65 -14.54 -13.84
C MET C 437 55.74 -15.70 -13.39
N LEU C 438 54.72 -15.41 -12.57
CA LEU C 438 53.76 -16.40 -12.09
C LEU C 438 53.02 -17.03 -13.29
N GLU C 439 52.47 -16.19 -14.19
CA GLU C 439 51.75 -16.69 -15.36
C GLU C 439 52.67 -17.34 -16.36
N LYS C 440 53.87 -16.77 -16.57
CA LYS C 440 54.86 -17.33 -17.50
C LYS C 440 55.18 -18.78 -17.11
N TRP C 441 55.29 -19.05 -15.80
CA TRP C 441 55.54 -20.39 -15.30
C TRP C 441 54.39 -21.31 -15.65
N ARG C 442 53.14 -20.90 -15.33
CA ARG C 442 51.96 -21.71 -15.63
C ARG C 442 51.82 -21.98 -17.10
N TRP C 443 51.91 -20.95 -17.94
CA TRP C 443 51.84 -21.07 -19.38
C TRP C 443 52.81 -22.12 -19.93
N MET C 444 54.06 -22.10 -19.45
CA MET C 444 55.10 -23.04 -19.86
C MET C 444 54.81 -24.44 -19.33
N VAL C 445 54.28 -24.55 -18.10
CA VAL C 445 53.92 -25.84 -17.52
C VAL C 445 52.78 -26.47 -18.34
N PHE C 446 51.73 -25.68 -18.64
CA PHE C 446 50.60 -26.15 -19.44
C PHE C 446 51.05 -26.50 -20.85
N LYS C 447 51.98 -25.72 -21.42
CA LYS C 447 52.50 -25.98 -22.76
C LYS C 447 53.31 -27.27 -22.85
N GLY C 448 53.94 -27.65 -21.74
CA GLY C 448 54.79 -28.83 -21.67
C GLY C 448 56.27 -28.51 -21.76
N GLU C 449 56.61 -27.21 -21.70
CA GLU C 449 57.97 -26.68 -21.75
C GLU C 449 58.77 -26.98 -20.49
N ILE C 450 58.10 -27.23 -19.35
CA ILE C 450 58.78 -27.54 -18.08
C ILE C 450 58.38 -28.93 -17.61
N PRO C 451 59.27 -29.92 -17.70
CA PRO C 451 58.91 -31.27 -17.22
C PRO C 451 58.69 -31.31 -15.71
N LYS C 452 57.91 -32.31 -15.24
CA LYS C 452 57.57 -32.52 -13.82
C LYS C 452 58.81 -32.51 -12.93
N ASP C 453 59.89 -33.15 -13.36
CA ASP C 453 61.13 -33.22 -12.58
C ASP C 453 61.95 -31.90 -12.56
N GLN C 454 61.43 -30.83 -13.17
CA GLN C 454 62.10 -29.53 -13.16
C GLN C 454 61.18 -28.37 -12.79
N TRP C 455 59.95 -28.63 -12.28
CA TRP C 455 58.99 -27.57 -11.95
C TRP C 455 59.55 -26.53 -11.00
N MET C 456 60.06 -26.98 -9.86
CA MET C 456 60.61 -26.09 -8.85
C MET C 456 61.97 -25.54 -9.22
N LYS C 457 62.73 -26.29 -10.05
CA LYS C 457 64.04 -25.86 -10.52
C LYS C 457 63.83 -24.62 -11.40
N LYS C 458 62.89 -24.72 -12.37
CA LYS C 458 62.55 -23.63 -13.27
C LYS C 458 61.86 -22.48 -12.54
N TRP C 459 61.01 -22.78 -11.56
CA TRP C 459 60.31 -21.79 -10.76
C TRP C 459 61.29 -20.81 -10.10
N TRP C 460 62.35 -21.32 -9.45
CA TRP C 460 63.29 -20.43 -8.78
C TRP C 460 64.33 -19.82 -9.72
N GLU C 461 64.60 -20.47 -10.86
CA GLU C 461 65.47 -19.86 -11.87
C GLU C 461 64.73 -18.62 -12.46
N MET C 462 63.41 -18.72 -12.67
CA MET C 462 62.57 -17.64 -13.17
C MET C 462 62.32 -16.57 -12.10
N LYS C 463 62.23 -16.97 -10.83
CA LYS C 463 62.05 -16.02 -9.73
C LYS C 463 63.32 -15.15 -9.66
N ARG C 464 64.49 -15.80 -9.70
CA ARG C 464 65.78 -15.13 -9.69
C ARG C 464 65.98 -14.26 -10.95
N GLU C 465 65.70 -14.80 -12.15
CA GLU C 465 65.89 -14.03 -13.38
C GLU C 465 64.94 -12.86 -13.56
N ILE C 466 63.63 -13.12 -13.49
CA ILE C 466 62.60 -12.12 -13.76
C ILE C 466 62.25 -11.24 -12.56
N VAL C 467 62.05 -11.85 -11.37
CA VAL C 467 61.61 -11.07 -10.22
C VAL C 467 62.78 -10.49 -9.41
N GLY C 468 63.95 -11.12 -9.48
CA GLY C 468 65.10 -10.69 -8.69
C GLY C 468 64.88 -11.07 -7.23
N VAL C 469 64.22 -12.22 -7.01
CA VAL C 469 63.86 -12.77 -5.72
C VAL C 469 64.43 -14.19 -5.64
N VAL C 470 65.14 -14.52 -4.54
CA VAL C 470 65.80 -15.81 -4.36
C VAL C 470 65.21 -16.59 -3.19
N GLU C 471 65.14 -17.94 -3.30
CA GLU C 471 64.59 -18.78 -2.24
C GLU C 471 65.55 -18.81 -1.06
N PRO C 472 65.05 -18.60 0.18
CA PRO C 472 65.97 -18.61 1.33
C PRO C 472 66.46 -20.01 1.72
N VAL C 473 65.70 -21.06 1.34
CA VAL C 473 65.97 -22.46 1.58
C VAL C 473 65.71 -23.27 0.30
N PRO C 474 66.57 -24.27 0.00
CA PRO C 474 66.37 -25.04 -1.23
C PRO C 474 65.14 -25.92 -1.21
N HIS C 475 64.38 -25.88 -2.30
CA HIS C 475 63.15 -26.65 -2.40
C HIS C 475 63.23 -27.66 -3.54
N ASP C 476 63.15 -28.98 -3.21
CA ASP C 476 63.19 -30.07 -4.20
C ASP C 476 61.85 -30.22 -4.94
N GLU C 477 61.66 -31.31 -5.72
CA GLU C 477 60.42 -31.49 -6.49
C GLU C 477 59.25 -32.01 -5.66
N THR C 478 59.41 -32.19 -4.35
CA THR C 478 58.32 -32.56 -3.45
C THR C 478 57.40 -31.32 -3.21
N TYR C 479 57.96 -30.09 -3.33
CA TYR C 479 57.33 -28.80 -3.12
C TYR C 479 56.50 -28.35 -4.31
N CYS C 480 55.58 -27.41 -4.07
CA CYS C 480 54.76 -26.79 -5.12
C CYS C 480 54.46 -25.37 -4.67
N ASP C 481 55.52 -24.57 -4.56
CA ASP C 481 55.45 -23.19 -4.12
C ASP C 481 54.46 -22.36 -4.92
N PRO C 482 54.26 -22.53 -6.26
CA PRO C 482 53.20 -21.75 -6.94
C PRO C 482 51.82 -21.98 -6.30
N ALA C 483 51.45 -23.26 -6.07
CA ALA C 483 50.16 -23.62 -5.47
C ALA C 483 49.94 -23.08 -4.05
N SER C 484 50.99 -22.63 -3.36
CA SER C 484 50.84 -22.01 -2.03
C SER C 484 50.21 -20.59 -2.08
N LEU C 485 49.80 -20.13 -3.25
CA LEU C 485 49.15 -18.84 -3.47
C LEU C 485 47.70 -19.13 -3.91
N PHE C 486 46.74 -18.33 -3.43
CA PHE C 486 45.32 -18.54 -3.71
C PHE C 486 44.98 -18.84 -5.18
N HIS C 487 45.30 -17.94 -6.11
CA HIS C 487 44.93 -18.08 -7.50
C HIS C 487 45.48 -19.33 -8.15
N VAL C 488 46.65 -19.84 -7.70
CA VAL C 488 47.23 -21.02 -8.31
C VAL C 488 46.49 -22.28 -7.90
N SER C 489 46.28 -22.47 -6.60
CA SER C 489 45.56 -23.66 -6.13
C SER C 489 44.03 -23.55 -6.28
N ASN C 490 43.50 -22.34 -6.52
CA ASN C 490 42.06 -22.15 -6.68
C ASN C 490 41.62 -21.94 -8.14
N ASP C 491 42.52 -22.23 -9.11
CA ASP C 491 42.24 -22.25 -10.54
C ASP C 491 41.72 -20.92 -11.13
N TYR C 492 42.50 -19.85 -10.98
CA TYR C 492 42.15 -18.53 -11.52
C TYR C 492 43.30 -18.02 -12.35
N SER C 493 43.03 -17.45 -13.54
CA SER C 493 44.11 -16.86 -14.34
C SER C 493 44.70 -15.65 -13.59
N PHE C 494 46.01 -15.42 -13.73
CA PHE C 494 46.68 -14.34 -13.02
C PHE C 494 47.07 -13.17 -13.88
N ILE C 495 47.09 -13.33 -15.21
CA ILE C 495 47.51 -12.25 -16.11
C ILE C 495 46.53 -11.06 -16.07
N ARG C 496 45.31 -11.26 -15.54
CA ARG C 496 44.31 -10.21 -15.37
C ARG C 496 44.90 -9.06 -14.51
N TYR C 497 45.77 -9.37 -13.54
CA TYR C 497 46.41 -8.39 -12.65
C TYR C 497 47.47 -7.55 -13.36
N TYR C 498 48.09 -8.13 -14.40
CA TYR C 498 49.10 -7.44 -15.19
C TYR C 498 48.36 -6.53 -16.19
N THR C 499 47.39 -7.07 -16.96
CA THR C 499 46.61 -6.30 -17.91
C THR C 499 45.85 -5.17 -17.24
N ARG C 500 45.12 -5.46 -16.15
CA ARG C 500 44.36 -4.44 -15.42
C ARG C 500 45.21 -3.28 -14.99
N THR C 501 46.46 -3.55 -14.59
CA THR C 501 47.38 -2.53 -14.12
C THR C 501 47.68 -1.56 -15.26
N LEU C 502 47.94 -2.11 -16.46
CA LEU C 502 48.21 -1.28 -17.63
C LEU C 502 46.99 -0.50 -18.06
N TYR C 503 45.80 -1.14 -18.04
CA TYR C 503 44.57 -0.47 -18.45
C TYR C 503 44.25 0.67 -17.52
N GLN C 504 44.44 0.48 -16.21
CA GLN C 504 44.07 1.48 -15.22
C GLN C 504 44.70 2.84 -15.46
N PHE C 505 45.97 2.90 -15.87
CA PHE C 505 46.60 4.19 -16.12
C PHE C 505 46.20 4.79 -17.45
N GLN C 506 45.77 3.96 -18.42
CA GLN C 506 45.29 4.48 -19.69
C GLN C 506 43.95 5.15 -19.44
N PHE C 507 43.04 4.47 -18.72
CA PHE C 507 41.74 5.02 -18.36
C PHE C 507 41.91 6.26 -17.52
N GLN C 508 42.80 6.24 -16.50
CA GLN C 508 43.02 7.41 -15.64
C GLN C 508 43.49 8.61 -16.44
N GLU C 509 44.39 8.39 -17.39
CA GLU C 509 44.90 9.45 -18.24
C GLU C 509 43.77 10.06 -19.08
N ALA C 510 42.87 9.22 -19.62
CA ALA C 510 41.78 9.68 -20.46
C ALA C 510 40.69 10.36 -19.65
N LEU C 511 40.40 9.83 -18.47
CA LEU C 511 39.40 10.36 -17.57
C LEU C 511 39.87 11.67 -16.94
N CYS C 512 41.19 11.84 -16.73
CA CYS C 512 41.75 13.08 -16.19
C CYS C 512 41.79 14.18 -17.26
N GLN C 513 41.94 13.80 -18.53
CA GLN C 513 41.90 14.69 -19.68
C GLN C 513 40.47 15.25 -19.81
N ALA C 514 39.46 14.39 -19.60
CA ALA C 514 38.05 14.74 -19.65
C ALA C 514 37.67 15.67 -18.48
N ALA C 515 38.31 15.48 -17.33
CA ALA C 515 38.11 16.30 -16.14
C ALA C 515 39.02 17.56 -16.12
N LYS C 516 39.63 17.92 -17.25
CA LYS C 516 40.51 19.09 -17.39
C LYS C 516 41.56 19.21 -16.29
N HIS C 517 42.20 18.08 -15.93
CA HIS C 517 43.24 18.03 -14.89
C HIS C 517 44.53 18.66 -15.38
N GLU C 518 45.13 19.52 -14.58
CA GLU C 518 46.38 20.17 -14.93
C GLU C 518 47.46 19.70 -13.98
N GLY C 519 48.58 19.25 -14.52
CA GLY C 519 49.68 18.78 -13.71
C GLY C 519 49.88 17.28 -13.76
N PRO C 520 50.68 16.76 -12.82
CA PRO C 520 50.98 15.32 -12.80
C PRO C 520 49.76 14.43 -12.68
N LEU C 521 49.78 13.31 -13.39
CA LEU C 521 48.68 12.36 -13.39
C LEU C 521 48.41 11.82 -11.98
N HIS C 522 49.44 11.70 -11.13
CA HIS C 522 49.28 11.20 -9.76
C HIS C 522 48.56 12.17 -8.82
N LYS C 523 48.42 13.45 -9.21
CA LYS C 523 47.73 14.44 -8.41
C LYS C 523 46.24 14.62 -8.85
N CYS C 524 45.73 13.72 -9.72
CA CYS C 524 44.39 13.78 -10.28
C CYS C 524 43.32 13.09 -9.46
N ASP C 525 42.16 13.75 -9.37
CA ASP C 525 40.93 13.31 -8.70
C ASP C 525 39.79 13.66 -9.67
N ILE C 526 39.10 12.64 -10.20
CA ILE C 526 38.01 12.88 -11.17
C ILE C 526 36.67 13.25 -10.51
N SER C 527 36.67 13.59 -9.22
CA SER C 527 35.45 13.96 -8.52
C SER C 527 34.77 15.16 -9.14
N ASN C 528 33.44 15.19 -9.04
CA ASN C 528 32.61 16.26 -9.55
C ASN C 528 32.74 16.52 -11.04
N SER C 529 33.21 15.52 -11.81
CA SER C 529 33.38 15.68 -13.24
C SER C 529 32.43 14.77 -14.00
N THR C 530 31.26 15.28 -14.40
CA THR C 530 30.28 14.49 -15.15
C THR C 530 30.80 14.14 -16.56
N GLU C 531 31.77 14.90 -17.09
CA GLU C 531 32.40 14.63 -18.37
C GLU C 531 33.17 13.31 -18.25
N ALA C 532 33.94 13.15 -17.16
CA ALA C 532 34.71 11.94 -16.88
C ALA C 532 33.76 10.76 -16.61
N GLY C 533 32.69 11.02 -15.88
CA GLY C 533 31.70 10.01 -15.57
C GLY C 533 30.99 9.51 -16.80
N GLN C 534 30.63 10.42 -17.74
CA GLN C 534 29.96 10.01 -18.97
C GLN C 534 30.88 9.14 -19.80
N LYS C 535 32.13 9.58 -20.01
CA LYS C 535 33.13 8.87 -20.79
C LYS C 535 33.31 7.44 -20.28
N LEU C 536 33.30 7.29 -18.95
CA LEU C 536 33.44 5.99 -18.32
C LEU C 536 32.17 5.15 -18.48
N PHE C 537 31.00 5.74 -18.19
CA PHE C 537 29.72 5.06 -18.26
C PHE C 537 29.42 4.49 -19.64
N ASN C 538 29.77 5.21 -20.70
CA ASN C 538 29.53 4.73 -22.06
C ASN C 538 30.26 3.41 -22.35
N MET C 539 31.36 3.11 -21.63
CA MET C 539 32.10 1.87 -21.77
C MET C 539 31.50 0.81 -20.83
N LEU C 540 31.18 1.21 -19.59
CA LEU C 540 30.62 0.31 -18.60
C LEU C 540 29.31 -0.29 -19.05
N ARG C 541 28.42 0.52 -19.65
CA ARG C 541 27.12 0.01 -20.10
C ARG C 541 27.21 -0.94 -21.29
N LEU C 542 28.35 -0.95 -21.98
CA LEU C 542 28.60 -1.82 -23.12
C LEU C 542 28.86 -3.28 -22.72
N GLY C 543 29.46 -3.50 -21.56
CA GLY C 543 29.79 -4.85 -21.10
C GLY C 543 30.60 -5.67 -22.09
N LYS C 544 30.09 -6.87 -22.43
CA LYS C 544 30.78 -7.74 -23.39
C LYS C 544 30.22 -7.64 -24.83
N SER C 545 29.33 -6.69 -25.09
CA SER C 545 28.71 -6.53 -26.41
C SER C 545 29.69 -6.08 -27.48
N GLU C 546 30.71 -5.34 -27.08
CA GLU C 546 31.73 -4.84 -28.00
C GLU C 546 33.07 -5.44 -27.56
N PRO C 547 33.95 -5.75 -28.54
CA PRO C 547 35.26 -6.34 -28.19
C PRO C 547 36.09 -5.43 -27.31
N TRP C 548 36.85 -6.01 -26.38
CA TRP C 548 37.67 -5.23 -25.46
C TRP C 548 38.56 -4.18 -26.14
N THR C 549 39.08 -4.49 -27.34
CA THR C 549 39.93 -3.60 -28.11
C THR C 549 39.17 -2.32 -28.43
N LEU C 550 37.93 -2.48 -28.96
CA LEU C 550 37.04 -1.37 -29.28
C LEU C 550 36.60 -0.67 -28.00
N ALA C 551 36.23 -1.42 -26.97
CA ALA C 551 35.82 -0.90 -25.66
C ALA C 551 36.88 0.01 -25.06
N LEU C 552 38.16 -0.39 -25.18
CA LEU C 552 39.33 0.34 -24.70
C LEU C 552 39.55 1.60 -25.54
N GLU C 553 39.45 1.47 -26.86
CA GLU C 553 39.62 2.59 -27.80
C GLU C 553 38.57 3.67 -27.60
N ASN C 554 37.34 3.29 -27.28
CA ASN C 554 36.26 4.25 -27.05
C ASN C 554 36.53 5.21 -25.88
N VAL C 555 37.40 4.81 -24.95
CA VAL C 555 37.77 5.62 -23.81
C VAL C 555 39.14 6.29 -24.00
N VAL C 556 40.18 5.51 -24.35
CA VAL C 556 41.53 6.04 -24.40
C VAL C 556 42.03 6.41 -25.80
N GLY C 557 41.37 5.94 -26.84
CA GLY C 557 41.79 6.20 -28.21
C GLY C 557 42.90 5.27 -28.67
N ALA C 558 42.99 4.09 -28.07
CA ALA C 558 44.00 3.10 -28.43
C ALA C 558 43.33 1.74 -28.38
N LYS C 559 43.45 0.95 -29.44
CA LYS C 559 42.83 -0.38 -29.46
C LYS C 559 43.70 -1.46 -28.83
N ASN C 560 44.70 -1.08 -28.02
CA ASN C 560 45.57 -2.04 -27.35
C ASN C 560 46.15 -1.48 -26.03
N MET C 561 46.48 -2.38 -25.13
CA MET C 561 47.13 -2.15 -23.85
C MET C 561 48.47 -1.41 -24.08
N ASN C 562 48.75 -0.36 -23.30
CA ASN C 562 49.92 0.49 -23.47
C ASN C 562 50.59 0.81 -22.13
N VAL C 563 51.92 0.67 -22.07
CA VAL C 563 52.68 0.90 -20.85
C VAL C 563 53.04 2.39 -20.60
N ARG C 564 52.95 3.23 -21.65
CA ARG C 564 53.27 4.65 -21.55
C ARG C 564 52.56 5.40 -20.39
N PRO C 565 51.21 5.33 -20.21
CA PRO C 565 50.59 6.06 -19.09
C PRO C 565 51.06 5.61 -17.70
N LEU C 566 51.36 4.31 -17.52
CA LEU C 566 51.86 3.80 -16.24
C LEU C 566 53.23 4.43 -15.96
N LEU C 567 54.09 4.51 -16.98
CA LEU C 567 55.41 5.07 -16.83
C LEU C 567 55.36 6.58 -16.58
N ASN C 568 54.42 7.29 -17.22
CA ASN C 568 54.27 8.73 -16.97
C ASN C 568 53.79 9.02 -15.54
N TYR C 569 53.02 8.11 -14.95
CA TYR C 569 52.52 8.27 -13.59
C TYR C 569 53.69 8.23 -12.61
N PHE C 570 54.62 7.28 -12.82
CA PHE C 570 55.78 7.10 -11.95
C PHE C 570 57.02 7.84 -12.41
N GLU C 571 56.93 8.74 -13.39
CA GLU C 571 58.09 9.51 -13.86
C GLU C 571 58.82 10.26 -12.77
N PRO C 572 58.17 11.05 -11.88
CA PRO C 572 58.94 11.73 -10.83
C PRO C 572 59.75 10.77 -9.95
N LEU C 573 59.17 9.60 -9.64
CA LEU C 573 59.83 8.60 -8.83
C LEU C 573 60.97 7.93 -9.61
N PHE C 574 60.79 7.64 -10.91
CA PHE C 574 61.84 7.01 -11.72
C PHE C 574 63.09 7.89 -11.77
N THR C 575 62.93 9.22 -11.96
CA THR C 575 64.08 10.11 -11.99
C THR C 575 64.74 10.26 -10.60
N TRP C 576 63.95 10.08 -9.52
CA TRP C 576 64.45 10.15 -8.15
C TRP C 576 65.29 8.92 -7.86
N LEU C 577 64.77 7.73 -8.23
CA LEU C 577 65.41 6.44 -8.05
C LEU C 577 66.73 6.38 -8.80
N LYS C 578 66.75 6.83 -10.08
CA LYS C 578 67.98 6.86 -10.87
C LYS C 578 69.11 7.64 -10.16
N ASP C 579 68.73 8.72 -9.47
CA ASP C 579 69.62 9.61 -8.70
C ASP C 579 70.06 9.00 -7.37
N GLN C 580 69.15 8.31 -6.64
CA GLN C 580 69.52 7.70 -5.37
C GLN C 580 70.45 6.51 -5.60
N ASN C 581 70.12 5.67 -6.60
CA ASN C 581 70.89 4.49 -6.96
C ASN C 581 72.14 4.77 -7.80
N LYS C 582 72.50 6.04 -8.01
CA LYS C 582 73.63 6.39 -8.86
C LYS C 582 74.93 5.73 -8.42
N ASN C 583 75.11 5.60 -7.09
CA ASN C 583 76.28 4.91 -6.56
C ASN C 583 75.93 3.56 -5.91
N SER C 584 74.79 2.99 -6.28
CA SER C 584 74.29 1.69 -5.84
C SER C 584 74.43 0.69 -6.99
N PHE C 585 74.22 -0.61 -6.70
CA PHE C 585 74.21 -1.62 -7.76
C PHE C 585 72.80 -1.69 -8.29
N VAL C 586 72.60 -1.65 -9.63
CA VAL C 586 71.25 -1.79 -10.18
C VAL C 586 71.24 -3.08 -10.97
N GLY C 587 70.31 -3.95 -10.62
CA GLY C 587 70.25 -5.29 -11.18
C GLY C 587 70.67 -6.32 -10.15
N TRP C 588 70.65 -7.60 -10.54
CA TRP C 588 70.94 -8.66 -9.60
C TRP C 588 71.65 -9.86 -10.22
N SER C 589 72.38 -10.57 -9.37
CA SER C 589 73.09 -11.77 -9.72
C SER C 589 72.19 -12.91 -9.33
N THR C 590 71.93 -13.79 -10.28
CA THR C 590 71.11 -14.97 -10.04
C THR C 590 71.88 -16.11 -9.37
N ASP C 591 73.15 -15.90 -8.96
CA ASP C 591 73.95 -16.93 -8.32
C ASP C 591 73.94 -16.84 -6.80
N TRP C 592 73.76 -15.63 -6.25
CA TRP C 592 73.71 -15.47 -4.80
C TRP C 592 72.45 -16.08 -4.25
N SER C 593 72.60 -16.89 -3.18
CA SER C 593 71.50 -17.54 -2.46
C SER C 593 71.80 -17.47 -0.96
N PRO C 594 70.79 -17.23 -0.10
CA PRO C 594 71.06 -17.14 1.35
C PRO C 594 71.55 -18.44 1.99
N TYR C 595 71.24 -19.59 1.37
CA TYR C 595 71.69 -20.89 1.82
C TYR C 595 72.98 -21.35 1.15
N ALA C 596 73.69 -20.47 0.42
CA ALA C 596 74.95 -20.85 -0.24
C ALA C 596 76.05 -21.23 0.76
N ASP C 597 75.91 -20.79 2.04
CA ASP C 597 76.83 -21.03 3.16
C ASP C 597 78.30 -20.87 2.74
N GLN D 3 -12.52 -15.68 48.06
CA GLN D 3 -11.17 -15.27 47.68
C GLN D 3 -10.89 -15.67 46.24
N VAL D 4 -10.51 -14.72 45.39
CA VAL D 4 -10.25 -15.05 43.99
C VAL D 4 -8.98 -15.87 43.83
N GLN D 5 -9.09 -17.06 43.21
CA GLN D 5 -7.95 -17.94 42.99
C GLN D 5 -7.96 -18.45 41.55
N LEU D 6 -6.79 -18.55 40.93
CA LEU D 6 -6.68 -19.03 39.56
C LEU D 6 -5.72 -20.21 39.52
N VAL D 7 -6.16 -21.34 38.94
CA VAL D 7 -5.32 -22.52 38.86
C VAL D 7 -5.18 -23.03 37.42
N GLU D 8 -3.98 -22.89 36.85
CA GLU D 8 -3.68 -23.34 35.50
C GLU D 8 -3.39 -24.84 35.50
N SER D 9 -3.76 -25.52 34.40
CA SER D 9 -3.55 -26.95 34.26
C SER D 9 -3.30 -27.26 32.79
N GLY D 10 -2.37 -28.15 32.50
CA GLY D 10 -2.10 -28.57 31.13
C GLY D 10 -0.72 -28.28 30.58
N GLY D 11 0.19 -27.83 31.43
CA GLY D 11 1.55 -27.55 31.02
C GLY D 11 2.34 -28.83 30.88
N GLY D 12 3.12 -28.94 29.81
CA GLY D 12 3.93 -30.13 29.58
C GLY D 12 4.98 -29.98 28.50
N LEU D 13 5.74 -31.05 28.25
CA LEU D 13 6.76 -31.04 27.22
C LEU D 13 6.18 -31.58 25.91
N VAL D 14 6.24 -30.78 24.85
CA VAL D 14 5.73 -31.13 23.53
C VAL D 14 6.84 -30.98 22.45
N GLN D 15 6.58 -31.42 21.22
CA GLN D 15 7.53 -31.24 20.12
C GLN D 15 7.05 -30.06 19.20
N ALA D 16 7.87 -29.66 18.22
CA ALA D 16 7.53 -28.58 17.30
C ALA D 16 6.40 -28.99 16.36
N GLY D 17 5.38 -28.14 16.27
CA GLY D 17 4.22 -28.37 15.41
C GLY D 17 3.03 -28.94 16.15
N ASP D 18 3.29 -29.62 17.29
CA ASP D 18 2.24 -30.24 18.10
C ASP D 18 1.34 -29.22 18.80
N SER D 19 0.16 -29.66 19.22
CA SER D 19 -0.79 -28.78 19.90
C SER D 19 -0.78 -29.03 21.42
N LEU D 20 -1.25 -28.06 22.21
CA LEU D 20 -1.31 -28.18 23.67
C LEU D 20 -2.35 -27.19 24.19
N ARG D 21 -3.33 -27.67 24.99
CA ARG D 21 -4.36 -26.78 25.52
C ARG D 21 -4.18 -26.52 27.00
N LEU D 22 -4.02 -25.25 27.36
CA LEU D 22 -3.91 -24.88 28.76
C LEU D 22 -5.30 -24.49 29.24
N SER D 23 -5.72 -25.02 30.40
CA SER D 23 -7.00 -24.70 31.04
C SER D 23 -6.73 -23.82 32.27
N CYS D 24 -7.68 -22.97 32.66
CA CYS D 24 -7.52 -22.12 33.83
C CYS D 24 -8.84 -22.00 34.57
N ALA D 25 -8.89 -22.51 35.80
CA ALA D 25 -10.10 -22.44 36.61
C ALA D 25 -10.01 -21.26 37.56
N ALA D 26 -11.05 -20.44 37.59
CA ALA D 26 -11.06 -19.25 38.45
C ALA D 26 -12.29 -19.25 39.34
N SER D 27 -12.10 -18.92 40.61
CA SER D 27 -13.21 -18.86 41.55
C SER D 27 -13.86 -17.46 41.55
N GLY D 28 -15.10 -17.38 42.04
CA GLY D 28 -15.84 -16.13 42.13
C GLY D 28 -17.09 -16.11 41.29
N ARG D 29 -18.18 -15.57 41.85
CA ARG D 29 -19.45 -15.52 41.13
C ARG D 29 -19.58 -14.39 40.10
N THR D 30 -18.50 -13.64 39.83
CA THR D 30 -18.55 -12.58 38.83
C THR D 30 -17.54 -12.81 37.72
N PHE D 31 -17.32 -14.08 37.35
CA PHE D 31 -16.36 -14.46 36.30
C PHE D 31 -16.65 -13.76 34.95
N SER D 32 -17.92 -13.67 34.59
CA SER D 32 -18.38 -13.05 33.35
C SER D 32 -18.18 -11.52 33.31
N SER D 33 -17.85 -10.89 34.44
CA SER D 33 -17.71 -9.43 34.48
C SER D 33 -16.30 -8.94 34.18
N TYR D 34 -15.32 -9.84 34.01
CA TYR D 34 -13.94 -9.44 33.80
C TYR D 34 -13.30 -10.19 32.65
N ALA D 35 -12.36 -9.54 32.00
CA ALA D 35 -11.58 -10.16 30.94
C ALA D 35 -10.60 -11.14 31.56
N MET D 36 -10.26 -12.17 30.80
CA MET D 36 -9.26 -13.15 31.25
C MET D 36 -8.14 -13.13 30.23
N GLY D 37 -6.91 -13.10 30.71
CA GLY D 37 -5.75 -13.05 29.83
C GLY D 37 -4.65 -14.03 30.12
N TRP D 38 -3.86 -14.38 29.10
CA TRP D 38 -2.73 -15.27 29.27
C TRP D 38 -1.44 -14.51 29.02
N PHE D 39 -0.43 -14.76 29.85
CA PHE D 39 0.90 -14.17 29.75
C PHE D 39 1.92 -15.29 29.78
N ARG D 40 3.14 -15.03 29.32
CA ARG D 40 4.20 -16.04 29.34
C ARG D 40 5.53 -15.41 29.73
N GLN D 41 6.40 -16.17 30.38
CA GLN D 41 7.69 -15.65 30.79
C GLN D 41 8.79 -16.66 30.51
N ALA D 42 9.62 -16.37 29.51
CA ALA D 42 10.72 -17.26 29.15
C ALA D 42 11.86 -17.10 30.12
N LEU D 43 12.73 -18.13 30.20
CA LEU D 43 13.88 -18.11 31.10
C LEU D 43 14.80 -16.93 30.79
N GLY D 44 14.88 -16.00 31.73
CA GLY D 44 15.72 -14.82 31.60
C GLY D 44 15.02 -13.62 30.95
N LYS D 45 13.82 -13.83 30.42
CA LYS D 45 13.10 -12.74 29.77
C LYS D 45 11.93 -12.28 30.64
N GLU D 46 11.46 -11.03 30.44
CA GLU D 46 10.35 -10.50 31.23
C GLU D 46 9.02 -11.15 30.84
N ARG D 47 8.02 -11.04 31.73
CA ARG D 47 6.72 -11.60 31.47
C ARG D 47 6.06 -10.75 30.36
N GLU D 48 5.60 -11.42 29.28
CA GLU D 48 4.97 -10.75 28.14
C GLU D 48 3.52 -11.16 27.96
N PHE D 49 2.72 -10.31 27.30
CA PHE D 49 1.31 -10.58 27.04
C PHE D 49 1.15 -11.62 25.92
N VAL D 50 0.13 -12.47 26.00
CA VAL D 50 -0.11 -13.48 24.96
C VAL D 50 -1.49 -13.30 24.29
N ALA D 51 -2.58 -13.33 25.06
CA ALA D 51 -3.95 -13.20 24.55
C ALA D 51 -4.93 -12.69 25.63
N VAL D 52 -6.06 -12.13 25.22
CA VAL D 52 -7.10 -11.67 26.16
C VAL D 52 -8.46 -11.98 25.58
N ILE D 53 -9.42 -12.39 26.42
CA ILE D 53 -10.79 -12.66 25.99
C ILE D 53 -11.76 -11.81 26.85
N SER D 54 -12.71 -11.09 26.25
CA SER D 54 -13.65 -10.26 27.02
C SER D 54 -14.49 -11.09 28.00
N GLY D 55 -15.08 -10.46 29.01
CA GLY D 55 -15.91 -11.14 29.98
C GLY D 55 -17.03 -11.97 29.39
N SER D 56 -17.53 -11.58 28.20
CA SER D 56 -18.62 -12.28 27.53
C SER D 56 -18.14 -13.40 26.59
N GLY D 57 -16.87 -13.37 26.21
CA GLY D 57 -16.29 -14.33 25.28
C GLY D 57 -16.45 -13.94 23.82
N THR D 58 -17.26 -12.92 23.51
CA THR D 58 -17.51 -12.52 22.12
C THR D 58 -16.40 -11.67 21.50
N SER D 59 -15.33 -11.37 22.22
CA SER D 59 -14.25 -10.54 21.68
C SER D 59 -12.88 -11.06 22.17
N THR D 60 -11.89 -11.18 21.26
CA THR D 60 -10.55 -11.69 21.60
C THR D 60 -9.45 -10.80 20.99
N TYR D 61 -8.23 -10.89 21.53
CA TYR D 61 -7.06 -10.18 21.02
C TYR D 61 -5.80 -11.00 21.26
N TYR D 62 -4.92 -11.14 20.25
CA TYR D 62 -3.70 -11.91 20.40
C TYR D 62 -2.47 -11.10 20.02
N THR D 63 -1.34 -11.39 20.69
CA THR D 63 -0.07 -10.75 20.36
C THR D 63 0.42 -11.27 19.00
N ASP D 64 1.17 -10.44 18.26
CA ASP D 64 1.69 -10.78 16.93
C ASP D 64 2.39 -12.14 16.80
N SER D 65 3.11 -12.57 17.83
CA SER D 65 3.83 -13.84 17.78
C SER D 65 2.94 -15.08 17.78
N VAL D 66 1.75 -14.99 18.37
CA VAL D 66 0.83 -16.14 18.46
C VAL D 66 -0.42 -16.02 17.60
N LYS D 67 -0.60 -14.91 16.87
CA LYS D 67 -1.79 -14.69 16.08
C LYS D 67 -1.94 -15.73 14.96
N GLY D 68 -3.04 -16.48 14.98
CA GLY D 68 -3.30 -17.52 14.00
C GLY D 68 -2.77 -18.89 14.34
N ARG D 69 -2.25 -19.04 15.56
CA ARG D 69 -1.73 -20.30 16.07
C ARG D 69 -2.44 -20.62 17.39
N PHE D 70 -2.62 -19.59 18.23
CA PHE D 70 -3.26 -19.73 19.53
C PHE D 70 -4.71 -19.25 19.48
N THR D 71 -5.59 -19.88 20.27
CA THR D 71 -7.01 -19.50 20.34
C THR D 71 -7.50 -19.48 21.80
N ILE D 72 -7.90 -18.29 22.29
CA ILE D 72 -8.39 -18.14 23.66
C ILE D 72 -9.93 -18.26 23.68
N SER D 73 -10.43 -19.14 24.56
CA SER D 73 -11.86 -19.37 24.71
C SER D 73 -12.25 -19.34 26.19
N ARG D 74 -13.55 -19.22 26.49
CA ARG D 74 -14.02 -19.22 27.87
C ARG D 74 -15.40 -19.82 27.99
N ASP D 75 -15.62 -20.53 29.09
CA ASP D 75 -16.90 -21.16 29.39
C ASP D 75 -17.39 -20.51 30.65
N ASN D 76 -18.25 -19.48 30.52
CA ASN D 76 -18.75 -18.77 31.68
C ASN D 76 -19.57 -19.65 32.63
N ALA D 77 -20.17 -20.73 32.12
CA ALA D 77 -20.93 -21.67 32.94
C ALA D 77 -19.99 -22.49 33.86
N LYS D 78 -18.77 -22.79 33.39
CA LYS D 78 -17.80 -23.58 34.17
C LYS D 78 -16.66 -22.74 34.77
N ASN D 79 -16.74 -21.40 34.69
CA ASN D 79 -15.74 -20.49 35.25
C ASN D 79 -14.33 -20.82 34.78
N THR D 80 -14.18 -21.13 33.49
CA THR D 80 -12.88 -21.50 32.93
C THR D 80 -12.49 -20.73 31.66
N VAL D 81 -11.19 -20.53 31.47
CA VAL D 81 -10.63 -19.88 30.30
C VAL D 81 -9.56 -20.82 29.74
N TYR D 82 -9.65 -21.13 28.45
CA TYR D 82 -8.76 -22.06 27.77
C TYR D 82 -7.85 -21.36 26.76
N LEU D 83 -6.69 -21.94 26.49
CA LEU D 83 -5.74 -21.43 25.51
C LEU D 83 -5.24 -22.59 24.66
N GLN D 84 -5.75 -22.71 23.42
CA GLN D 84 -5.31 -23.76 22.54
C GLN D 84 -4.08 -23.25 21.84
N MET D 85 -3.00 -24.02 21.87
CA MET D 85 -1.75 -23.62 21.27
C MET D 85 -1.36 -24.60 20.18
N ASN D 86 -1.79 -24.33 18.96
CA ASN D 86 -1.46 -25.20 17.83
C ASN D 86 -0.15 -24.77 17.19
N SER D 87 0.52 -25.72 16.48
CA SER D 87 1.78 -25.48 15.76
C SER D 87 2.82 -24.78 16.65
N LEU D 88 3.18 -25.42 17.76
CA LEU D 88 4.11 -24.84 18.72
C LEU D 88 5.56 -24.78 18.24
N LYS D 89 6.25 -23.71 18.62
CA LYS D 89 7.64 -23.47 18.23
C LYS D 89 8.56 -23.47 19.48
N PRO D 90 9.89 -23.66 19.33
CA PRO D 90 10.77 -23.58 20.51
C PRO D 90 10.69 -22.21 21.20
N GLU D 91 10.40 -21.14 20.43
CA GLU D 91 10.24 -19.77 20.96
C GLU D 91 9.04 -19.59 21.89
N ASP D 92 8.09 -20.53 21.87
CA ASP D 92 6.94 -20.49 22.73
C ASP D 92 7.24 -21.03 24.15
N THR D 93 8.40 -21.70 24.35
CA THR D 93 8.80 -22.26 25.65
C THR D 93 8.89 -21.18 26.70
N ALA D 94 7.97 -21.19 27.66
CA ALA D 94 7.88 -20.19 28.73
C ALA D 94 6.96 -20.71 29.87
N VAL D 95 6.89 -19.99 31.03
CA VAL D 95 5.94 -20.32 32.11
C VAL D 95 4.68 -19.51 31.78
N TYR D 96 3.52 -20.17 31.63
CA TYR D 96 2.28 -19.49 31.28
C TYR D 96 1.40 -19.14 32.46
N TYR D 97 0.93 -17.91 32.50
CA TYR D 97 0.09 -17.44 33.57
C TYR D 97 -1.25 -17.01 33.06
N CYS D 98 -2.35 -17.44 33.70
CA CYS D 98 -3.67 -16.90 33.39
C CYS D 98 -3.93 -15.82 34.47
N ALA D 99 -4.59 -14.75 34.07
CA ALA D 99 -4.84 -13.65 34.98
C ALA D 99 -6.19 -13.00 34.74
N ARG D 100 -6.75 -12.40 35.78
CA ARG D 100 -8.04 -11.72 35.66
C ARG D 100 -7.83 -10.22 35.58
N ALA D 101 -8.47 -9.60 34.60
CA ALA D 101 -8.35 -8.18 34.38
C ALA D 101 -9.22 -7.36 35.34
N LYS D 102 -8.88 -6.07 35.52
CA LYS D 102 -9.67 -5.14 36.31
C LYS D 102 -11.01 -4.87 35.58
N GLY D 103 -10.96 -4.78 34.25
CA GLY D 103 -12.12 -4.52 33.43
C GLY D 103 -12.62 -5.69 32.61
N PHE D 104 -13.55 -5.41 31.71
CA PHE D 104 -14.27 -6.35 30.87
C PHE D 104 -13.72 -6.54 29.44
N SER D 105 -13.20 -5.48 28.82
CA SER D 105 -12.78 -5.51 27.42
C SER D 105 -11.39 -6.09 27.12
N THR D 106 -11.11 -6.31 25.82
CA THR D 106 -9.83 -6.78 25.30
C THR D 106 -8.94 -5.57 25.01
N ILE D 107 -9.51 -4.48 24.47
CA ILE D 107 -8.79 -3.28 24.06
C ILE D 107 -8.17 -2.48 25.21
N TYR D 108 -8.71 -2.59 26.42
CA TYR D 108 -8.23 -1.82 27.57
C TYR D 108 -7.41 -2.65 28.56
N ASN D 109 -7.52 -3.98 28.50
CA ASN D 109 -6.83 -4.86 29.44
C ASN D 109 -5.79 -5.82 28.81
N GLN D 110 -4.65 -5.29 28.33
CA GLN D 110 -3.64 -6.15 27.72
C GLN D 110 -2.22 -5.87 28.18
N ASP D 111 -2.08 -5.43 29.41
CA ASP D 111 -0.79 -5.19 30.02
C ASP D 111 -0.88 -5.58 31.51
N GLU D 112 0.24 -5.94 32.13
CA GLU D 112 0.27 -6.37 33.53
C GLU D 112 -0.40 -5.41 34.52
N GLY D 113 -0.26 -4.11 34.31
CA GLY D 113 -0.88 -3.11 35.16
C GLY D 113 -2.41 -3.11 35.16
N ARG D 114 -3.03 -3.98 34.34
CA ARG D 114 -4.47 -4.14 34.26
C ARG D 114 -4.95 -5.46 34.87
N TYR D 115 -4.07 -6.27 35.48
CA TYR D 115 -4.45 -7.58 35.99
C TYR D 115 -4.12 -7.70 37.45
N ASP D 116 -5.16 -7.76 38.30
CA ASP D 116 -4.92 -7.80 39.73
C ASP D 116 -4.87 -9.23 40.32
N TYR D 117 -5.33 -10.24 39.57
CA TYR D 117 -5.28 -11.62 40.08
C TYR D 117 -4.49 -12.49 39.13
N TRP D 118 -3.58 -13.32 39.66
CA TRP D 118 -2.68 -14.14 38.85
C TRP D 118 -2.60 -15.59 39.29
N GLY D 119 -2.35 -16.48 38.35
CA GLY D 119 -2.16 -17.89 38.66
C GLY D 119 -0.76 -18.17 39.18
N GLN D 120 -0.51 -19.42 39.64
CA GLN D 120 0.83 -19.78 40.12
C GLN D 120 1.84 -20.13 38.99
N GLY D 121 1.35 -20.23 37.75
CA GLY D 121 2.14 -20.54 36.57
C GLY D 121 2.15 -22.00 36.16
N THR D 122 2.40 -22.26 34.86
CA THR D 122 2.50 -23.61 34.30
C THR D 122 3.56 -23.65 33.18
N GLN D 123 4.65 -24.39 33.40
CA GLN D 123 5.75 -24.46 32.43
C GLN D 123 5.38 -25.24 31.17
N VAL D 124 5.55 -24.61 30.01
CA VAL D 124 5.31 -25.27 28.75
C VAL D 124 6.66 -25.34 28.03
N THR D 125 7.12 -26.55 27.70
CA THR D 125 8.42 -26.72 27.05
C THR D 125 8.26 -27.32 25.63
N VAL D 126 8.92 -26.73 24.62
CA VAL D 126 8.84 -27.19 23.23
C VAL D 126 10.24 -27.57 22.71
N SER D 127 10.40 -28.80 22.18
CA SER D 127 11.68 -29.27 21.64
C SER D 127 11.76 -29.16 20.10
N SER D 128 12.97 -29.29 19.52
CA SER D 128 13.18 -29.26 18.08
C SER D 128 12.45 -30.42 17.34
N VAL E 4 -24.64 -1.97 -45.68
CA VAL E 4 -24.71 -2.78 -44.48
C VAL E 4 -25.70 -3.93 -44.64
N GLN E 5 -25.25 -5.17 -44.42
CA GLN E 5 -26.08 -6.36 -44.54
C GLN E 5 -25.87 -7.28 -43.35
N LEU E 6 -26.96 -7.89 -42.85
CA LEU E 6 -26.88 -8.78 -41.70
C LEU E 6 -27.47 -10.12 -42.07
N VAL E 7 -26.72 -11.21 -41.86
CA VAL E 7 -27.21 -12.55 -42.21
C VAL E 7 -27.15 -13.51 -41.02
N GLU E 8 -28.32 -13.89 -40.49
CA GLU E 8 -28.43 -14.82 -39.37
C GLU E 8 -28.29 -16.25 -39.86
N SER E 9 -27.71 -17.12 -39.03
CA SER E 9 -27.53 -18.53 -39.36
C SER E 9 -27.62 -19.36 -38.09
N GLY E 10 -28.31 -20.50 -38.15
CA GLY E 10 -28.40 -21.39 -37.01
C GLY E 10 -29.78 -21.66 -36.46
N GLY E 11 -30.82 -21.21 -37.16
CA GLY E 11 -32.19 -21.43 -36.73
C GLY E 11 -32.62 -22.85 -37.04
N GLY E 12 -33.31 -23.49 -36.10
CA GLY E 12 -33.77 -24.86 -36.29
C GLY E 12 -34.75 -25.34 -35.24
N LEU E 13 -35.19 -26.59 -35.37
CA LEU E 13 -36.12 -27.19 -34.42
C LEU E 13 -35.35 -27.92 -33.34
N VAL E 14 -35.58 -27.54 -32.08
CA VAL E 14 -34.94 -28.16 -30.91
C VAL E 14 -36.01 -28.65 -29.90
N GLN E 15 -35.60 -29.38 -28.86
CA GLN E 15 -36.51 -29.80 -27.81
C GLN E 15 -36.32 -28.90 -26.55
N ALA E 16 -37.18 -29.06 -25.53
CA ALA E 16 -37.10 -28.27 -24.31
C ALA E 16 -35.86 -28.65 -23.48
N GLY E 17 -35.09 -27.64 -23.10
CA GLY E 17 -33.87 -27.84 -22.31
C GLY E 17 -32.61 -27.81 -23.15
N ASP E 18 -32.72 -28.12 -24.44
CA ASP E 18 -31.59 -28.16 -25.36
C ASP E 18 -31.03 -26.77 -25.67
N SER E 19 -29.78 -26.72 -26.16
CA SER E 19 -29.14 -25.46 -26.50
C SER E 19 -29.13 -25.22 -28.02
N LEU E 20 -28.97 -23.96 -28.43
CA LEU E 20 -28.94 -23.59 -29.85
C LEU E 20 -28.22 -22.26 -29.99
N ARG E 21 -27.18 -22.18 -30.85
CA ARG E 21 -26.45 -20.92 -31.02
C ARG E 21 -26.77 -20.23 -32.34
N LEU E 22 -27.20 -18.97 -32.28
CA LEU E 22 -27.50 -18.19 -33.47
C LEU E 22 -26.36 -17.25 -33.82
N SER E 23 -25.77 -17.43 -34.99
CA SER E 23 -24.66 -16.59 -35.45
C SER E 23 -25.22 -15.47 -36.33
N CYS E 24 -24.54 -14.32 -36.37
CA CYS E 24 -24.98 -13.21 -37.23
C CYS E 24 -23.78 -12.51 -37.83
N ALA E 25 -23.65 -12.55 -39.15
CA ALA E 25 -22.54 -11.91 -39.83
C ALA E 25 -22.99 -10.56 -40.35
N ALA E 26 -22.20 -9.52 -40.08
CA ALA E 26 -22.55 -8.16 -40.52
C ALA E 26 -21.41 -7.55 -41.31
N SER E 27 -21.72 -6.89 -42.42
CA SER E 27 -20.71 -6.24 -43.24
C SER E 27 -20.47 -4.79 -42.78
N GLY E 28 -19.32 -4.23 -43.16
CA GLY E 28 -18.95 -2.87 -42.80
C GLY E 28 -17.69 -2.77 -41.96
N ARG E 29 -16.82 -1.81 -42.26
CA ARG E 29 -15.57 -1.65 -41.51
C ARG E 29 -15.71 -0.95 -40.15
N THR E 30 -16.95 -0.64 -39.72
CA THR E 30 -17.14 0.03 -38.42
C THR E 30 -18.02 -0.82 -37.50
N PHE E 31 -17.88 -2.14 -37.56
CA PHE E 31 -18.66 -3.07 -36.74
C PHE E 31 -18.52 -2.79 -35.24
N SER E 32 -17.31 -2.48 -34.79
CA SER E 32 -17.00 -2.18 -33.40
C SER E 32 -17.60 -0.86 -32.90
N SER E 33 -18.12 -0.01 -33.79
CA SER E 33 -18.69 1.29 -33.38
C SER E 33 -20.16 1.25 -33.01
N TYR E 34 -20.85 0.15 -33.34
CA TYR E 34 -22.28 0.04 -33.07
C TYR E 34 -22.60 -1.21 -32.26
N ALA E 35 -23.58 -1.09 -31.35
CA ALA E 35 -24.07 -2.19 -30.52
C ALA E 35 -24.87 -3.15 -31.39
N MET E 36 -24.86 -4.42 -31.05
CA MET E 36 -25.59 -5.43 -31.81
C MET E 36 -26.64 -6.03 -30.90
N GLY E 37 -27.85 -6.15 -31.40
CA GLY E 37 -28.93 -6.70 -30.61
C GLY E 37 -29.74 -7.80 -31.26
N TRP E 38 -30.36 -8.65 -30.44
CA TRP E 38 -31.21 -9.72 -30.93
C TRP E 38 -32.64 -9.43 -30.52
N PHE E 39 -33.55 -9.66 -31.44
CA PHE E 39 -34.98 -9.49 -31.23
C PHE E 39 -35.69 -10.80 -31.62
N ARG E 40 -36.95 -10.97 -31.19
CA ARG E 40 -37.71 -12.16 -31.56
C ARG E 40 -39.17 -11.81 -31.77
N GLN E 41 -39.84 -12.52 -32.69
CA GLN E 41 -41.24 -12.25 -32.97
C GLN E 41 -42.04 -13.54 -33.07
N ALA E 42 -42.87 -13.83 -32.07
CA ALA E 42 -43.68 -15.03 -32.06
C ALA E 42 -44.88 -14.90 -33.01
N LEU E 43 -45.44 -16.03 -33.44
CA LEU E 43 -46.57 -16.04 -34.36
C LEU E 43 -47.76 -15.25 -33.83
N GLY E 44 -48.04 -14.10 -34.44
CA GLY E 44 -49.15 -13.24 -34.05
C GLY E 44 -48.81 -12.21 -32.97
N LYS E 45 -47.61 -12.29 -32.41
CA LYS E 45 -47.19 -11.35 -31.36
C LYS E 45 -46.20 -10.33 -31.93
N GLU E 46 -46.07 -9.17 -31.30
CA GLU E 46 -45.17 -8.11 -31.78
C GLU E 46 -43.70 -8.50 -31.60
N ARG E 47 -42.81 -7.85 -32.36
CA ARG E 47 -41.39 -8.10 -32.25
C ARG E 47 -40.91 -7.51 -30.90
N GLU E 48 -40.25 -8.33 -30.07
CA GLU E 48 -39.77 -7.93 -28.75
C GLU E 48 -38.23 -7.99 -28.66
N PHE E 49 -37.67 -7.21 -27.72
CA PHE E 49 -36.23 -7.19 -27.51
C PHE E 49 -35.76 -8.45 -26.76
N VAL E 50 -34.56 -8.94 -27.06
CA VAL E 50 -34.02 -10.12 -26.39
C VAL E 50 -32.71 -9.82 -25.63
N ALA E 51 -31.68 -9.31 -26.34
CA ALA E 51 -30.38 -9.02 -25.75
C ALA E 51 -29.62 -7.95 -26.55
N VAL E 52 -28.67 -7.27 -25.92
CA VAL E 52 -27.84 -6.26 -26.58
C VAL E 52 -26.39 -6.37 -26.09
N ILE E 53 -25.42 -6.24 -27.00
CA ILE E 53 -24.01 -6.25 -26.62
C ILE E 53 -23.34 -4.96 -27.12
N SER E 54 -22.59 -4.26 -26.26
CA SER E 54 -21.91 -3.02 -26.61
C SER E 54 -20.87 -3.25 -27.71
N GLY E 55 -20.53 -2.21 -28.47
CA GLY E 55 -19.58 -2.27 -29.57
C GLY E 55 -18.27 -2.99 -29.28
N SER E 56 -17.75 -2.80 -28.07
CA SER E 56 -16.52 -3.43 -27.63
C SER E 56 -16.69 -4.87 -27.10
N GLY E 57 -17.92 -5.29 -26.86
CA GLY E 57 -18.20 -6.58 -26.28
C GLY E 57 -18.08 -6.61 -24.76
N THR E 58 -17.57 -5.53 -24.15
CA THR E 58 -17.37 -5.46 -22.71
C THR E 58 -18.65 -5.20 -21.88
N SER E 59 -19.80 -5.04 -22.53
CA SER E 59 -21.03 -4.75 -21.80
C SER E 59 -22.23 -5.48 -22.43
N THR E 60 -23.09 -6.14 -21.63
CA THR E 60 -24.27 -6.85 -22.15
C THR E 60 -25.53 -6.53 -21.33
N TYR E 61 -26.72 -6.75 -21.93
CA TYR E 61 -28.01 -6.58 -21.27
C TYR E 61 -29.01 -7.58 -21.83
N TYR E 62 -29.77 -8.25 -20.96
CA TYR E 62 -30.77 -9.23 -21.41
C TYR E 62 -32.15 -8.92 -20.85
N THR E 63 -33.18 -9.25 -21.62
CA THR E 63 -34.56 -9.11 -21.17
C THR E 63 -34.84 -10.15 -20.07
N ASP E 64 -35.74 -9.82 -19.13
CA ASP E 64 -36.08 -10.69 -18.00
C ASP E 64 -36.40 -12.15 -18.34
N SER E 65 -37.04 -12.40 -19.49
CA SER E 65 -37.42 -13.76 -19.87
C SER E 65 -36.23 -14.65 -20.24
N VAL E 66 -35.13 -14.07 -20.72
CA VAL E 66 -33.97 -14.85 -21.14
C VAL E 66 -32.74 -14.68 -20.23
N LYS E 67 -32.82 -13.86 -19.18
CA LYS E 67 -31.69 -13.61 -18.30
C LYS E 67 -31.24 -14.88 -17.58
N GLY E 68 -29.99 -15.26 -17.80
CA GLY E 68 -29.45 -16.47 -17.17
C GLY E 68 -29.61 -17.74 -17.96
N ARG E 69 -30.11 -17.62 -19.19
CA ARG E 69 -30.32 -18.73 -20.11
C ARG E 69 -29.60 -18.42 -21.42
N PHE E 70 -29.73 -17.17 -21.89
CA PHE E 70 -29.12 -16.72 -23.13
C PHE E 70 -27.84 -15.93 -22.83
N THR E 71 -26.86 -16.02 -23.74
CA THR E 71 -25.59 -15.29 -23.63
C THR E 71 -25.18 -14.67 -24.97
N ILE E 72 -25.14 -13.33 -25.04
CA ILE E 72 -24.75 -12.63 -26.26
C ILE E 72 -23.24 -12.33 -26.26
N SER E 73 -22.56 -12.70 -27.34
CA SER E 73 -21.13 -12.47 -27.49
C SER E 73 -20.82 -11.87 -28.87
N ARG E 74 -19.63 -11.30 -29.06
CA ARG E 74 -19.24 -10.74 -30.35
C ARG E 74 -17.76 -10.86 -30.60
N ASP E 75 -17.40 -11.10 -31.85
CA ASP E 75 -16.02 -11.23 -32.28
C ASP E 75 -15.76 -10.09 -33.25
N ASN E 76 -15.23 -8.97 -32.75
CA ASN E 76 -14.98 -7.81 -33.61
C ASN E 76 -14.00 -8.10 -34.75
N ALA E 77 -13.11 -9.09 -34.58
CA ALA E 77 -12.16 -9.48 -35.60
C ALA E 77 -12.86 -10.17 -36.78
N LYS E 78 -13.95 -10.93 -36.49
CA LYS E 78 -14.71 -11.65 -37.52
C LYS E 78 -16.05 -11.00 -37.88
N ASN E 79 -16.33 -9.78 -37.39
CA ASN E 79 -17.57 -9.05 -37.66
C ASN E 79 -18.82 -9.88 -37.39
N THR E 80 -18.83 -10.62 -36.27
CA THR E 80 -19.96 -11.48 -35.92
C THR E 80 -20.47 -11.29 -34.50
N VAL E 81 -21.78 -11.52 -34.32
CA VAL E 81 -22.44 -11.47 -33.02
C VAL E 81 -23.20 -12.79 -32.84
N TYR E 82 -22.96 -13.45 -31.71
CA TYR E 82 -23.55 -14.76 -31.41
C TYR E 82 -24.56 -14.68 -30.27
N LEU E 83 -25.51 -15.62 -30.25
CA LEU E 83 -26.51 -15.72 -29.19
C LEU E 83 -26.61 -17.17 -28.76
N GLN E 84 -26.01 -17.52 -27.60
CA GLN E 84 -26.05 -18.88 -27.08
C GLN E 84 -27.28 -19.10 -26.20
N MET E 85 -28.32 -19.72 -26.78
CA MET E 85 -29.60 -19.96 -26.14
C MET E 85 -29.66 -21.34 -25.47
N ASN E 86 -29.33 -21.42 -24.16
CA ASN E 86 -29.36 -22.66 -23.39
C ASN E 86 -30.71 -22.84 -22.67
N SER E 87 -31.06 -24.10 -22.33
CA SER E 87 -32.31 -24.45 -21.63
C SER E 87 -33.54 -23.80 -22.28
N LEU E 88 -33.76 -24.13 -23.55
CA LEU E 88 -34.86 -23.53 -24.32
C LEU E 88 -36.25 -24.00 -23.89
N LYS E 89 -37.22 -23.10 -23.96
CA LYS E 89 -38.60 -23.37 -23.57
C LYS E 89 -39.54 -23.21 -24.79
N PRO E 90 -40.76 -23.79 -24.76
CA PRO E 90 -41.69 -23.57 -25.90
C PRO E 90 -42.01 -22.08 -26.13
N GLU E 91 -41.99 -21.27 -25.05
CA GLU E 91 -42.23 -19.81 -25.10
C GLU E 91 -41.15 -19.04 -25.87
N ASP E 92 -39.99 -19.65 -26.10
CA ASP E 92 -38.91 -19.04 -26.86
C ASP E 92 -39.12 -19.16 -28.38
N THR E 93 -40.07 -20.01 -28.84
CA THR E 93 -40.36 -20.21 -30.27
C THR E 93 -40.79 -18.91 -30.93
N ALA E 94 -39.93 -18.36 -31.79
CA ALA E 94 -40.15 -17.10 -32.49
C ALA E 94 -39.16 -16.95 -33.69
N VAL E 95 -39.32 -15.91 -34.54
CA VAL E 95 -38.39 -15.62 -35.62
C VAL E 95 -37.37 -14.66 -35.02
N TYR E 96 -36.08 -15.00 -35.03
CA TYR E 96 -35.04 -14.17 -34.41
C TYR E 96 -34.32 -13.25 -35.40
N TYR E 97 -34.24 -11.97 -35.07
CA TYR E 97 -33.59 -10.97 -35.92
C TYR E 97 -32.42 -10.29 -35.24
N CYS E 98 -31.20 -10.38 -35.81
CA CYS E 98 -30.08 -9.62 -35.30
C CYS E 98 -30.14 -8.24 -35.97
N ALA E 99 -29.77 -7.20 -35.23
CA ALA E 99 -29.87 -5.85 -35.72
C ALA E 99 -28.74 -4.97 -35.22
N ARG E 100 -28.41 -3.95 -36.00
CA ARG E 100 -27.35 -3.03 -35.61
C ARG E 100 -27.93 -1.76 -35.05
N ALA E 101 -27.46 -1.35 -33.88
CA ALA E 101 -27.97 -0.17 -33.21
C ALA E 101 -27.39 1.12 -33.77
N LYS E 102 -28.11 2.25 -33.59
CA LYS E 102 -27.62 3.58 -33.96
C LYS E 102 -26.39 3.94 -33.11
N GLY E 103 -26.39 3.51 -31.85
CA GLY E 103 -25.31 3.79 -30.93
C GLY E 103 -24.46 2.60 -30.55
N PHE E 104 -23.59 2.83 -29.58
CA PHE E 104 -22.57 1.93 -29.08
C PHE E 104 -22.95 1.15 -27.80
N SER E 105 -23.70 1.77 -26.88
CA SER E 105 -24.02 1.18 -25.58
C SER E 105 -25.20 0.18 -25.53
N THR E 106 -25.33 -0.51 -24.39
CA THR E 106 -26.43 -1.44 -24.12
C THR E 106 -27.61 -0.67 -23.53
N ILE E 107 -27.33 0.29 -22.63
CA ILE E 107 -28.32 1.06 -21.90
C ILE E 107 -29.17 2.01 -22.75
N TYR E 108 -28.68 2.44 -23.91
CA TYR E 108 -29.42 3.38 -24.76
C TYR E 108 -30.04 2.73 -26.01
N ASN E 109 -29.60 1.51 -26.35
CA ASN E 109 -30.06 0.84 -27.54
C ASN E 109 -30.77 -0.48 -27.24
N GLN E 110 -32.00 -0.42 -26.73
CA GLN E 110 -32.75 -1.66 -26.46
C GLN E 110 -34.21 -1.59 -26.86
N ASP E 111 -34.51 -0.83 -27.89
CA ASP E 111 -35.86 -0.75 -28.45
C ASP E 111 -35.77 -0.63 -29.98
N GLU E 112 -36.79 -1.08 -30.72
CA GLU E 112 -36.74 -1.05 -32.19
C GLU E 112 -36.38 0.30 -32.82
N GLY E 113 -36.85 1.39 -32.23
CA GLY E 113 -36.55 2.74 -32.71
C GLY E 113 -35.08 3.12 -32.63
N ARG E 114 -34.28 2.30 -31.96
CA ARG E 114 -32.84 2.51 -31.81
C ARG E 114 -31.99 1.64 -32.76
N TYR E 115 -32.62 0.92 -33.70
CA TYR E 115 -31.94 0.00 -34.62
C TYR E 115 -32.30 0.34 -36.08
N ASP E 116 -31.28 0.64 -36.91
CA ASP E 116 -31.56 1.01 -38.29
C ASP E 116 -31.26 -0.10 -39.30
N TYR E 117 -30.51 -1.14 -38.93
CA TYR E 117 -30.23 -2.24 -39.86
C TYR E 117 -30.72 -3.55 -39.29
N TRP E 118 -31.41 -4.36 -40.10
CA TRP E 118 -32.01 -5.61 -39.64
C TRP E 118 -31.72 -6.81 -40.53
N GLY E 119 -31.68 -7.99 -39.92
CA GLY E 119 -31.49 -9.22 -40.67
C GLY E 119 -32.78 -9.69 -41.32
N GLN E 120 -32.69 -10.73 -42.16
CA GLN E 120 -33.89 -11.28 -42.81
C GLN E 120 -34.72 -12.24 -41.93
N GLY E 121 -34.19 -12.57 -40.75
CA GLY E 121 -34.83 -13.44 -39.77
C GLY E 121 -34.43 -14.89 -39.83
N THR E 122 -34.56 -15.60 -38.68
CA THR E 122 -34.26 -17.03 -38.59
C THR E 122 -35.24 -17.70 -37.60
N GLN E 123 -36.12 -18.59 -38.10
CA GLN E 123 -37.11 -19.23 -37.24
C GLN E 123 -36.51 -20.26 -36.29
N VAL E 124 -36.78 -20.10 -35.00
CA VAL E 124 -36.32 -21.04 -34.00
C VAL E 124 -37.57 -21.68 -33.40
N THR E 125 -37.68 -23.01 -33.49
CA THR E 125 -38.86 -23.72 -32.98
C THR E 125 -38.48 -24.68 -31.82
N VAL E 126 -39.23 -24.63 -30.71
CA VAL E 126 -38.97 -25.47 -29.54
C VAL E 126 -40.19 -26.34 -29.23
N SER E 127 -40.00 -27.69 -29.13
CA SER E 127 -41.09 -28.61 -28.83
C SER E 127 -41.14 -29.00 -27.34
N VAL F 4 66.92 0.73 23.10
CA VAL F 4 65.73 0.09 23.64
C VAL F 4 65.88 -0.14 25.14
N GLN F 5 64.90 0.32 25.93
CA GLN F 5 64.91 0.17 27.38
C GLN F 5 63.55 -0.30 27.87
N LEU F 6 63.53 -1.21 28.85
CA LEU F 6 62.28 -1.72 29.40
C LEU F 6 62.26 -1.49 30.90
N VAL F 7 61.21 -0.85 31.42
CA VAL F 7 61.12 -0.58 32.86
C VAL F 7 59.83 -1.12 33.45
N GLU F 8 59.94 -2.16 34.29
CA GLU F 8 58.80 -2.77 34.97
C GLU F 8 58.41 -1.95 36.19
N SER F 9 57.12 -1.91 36.51
CA SER F 9 56.60 -1.18 37.67
C SER F 9 55.39 -1.91 38.23
N GLY F 10 55.29 -2.00 39.55
CA GLY F 10 54.12 -2.62 40.16
C GLY F 10 54.38 -3.86 41.00
N GLY F 11 55.65 -4.18 41.25
CA GLY F 11 56.00 -5.33 42.06
C GLY F 11 55.82 -5.01 43.54
N GLY F 12 55.24 -5.94 44.29
CA GLY F 12 55.01 -5.73 45.71
C GLY F 12 54.60 -6.98 46.45
N LEU F 13 54.35 -6.84 47.76
CA LEU F 13 53.94 -7.97 48.58
C LEU F 13 52.42 -8.00 48.63
N VAL F 14 51.83 -9.13 48.23
CA VAL F 14 50.39 -9.35 48.25
C VAL F 14 50.04 -10.64 49.06
N GLN F 15 48.75 -10.88 49.32
CA GLN F 15 48.33 -12.10 50.01
C GLN F 15 47.73 -13.09 48.96
N ALA F 16 47.43 -14.33 49.39
CA ALA F 16 46.87 -15.35 48.49
C ALA F 16 45.44 -14.99 48.07
N GLY F 17 45.20 -15.03 46.76
CA GLY F 17 43.90 -14.72 46.20
C GLY F 17 43.78 -13.32 45.66
N ASP F 18 44.61 -12.40 46.18
CA ASP F 18 44.62 -11.00 45.76
C ASP F 18 45.15 -10.80 44.34
N SER F 19 44.84 -9.64 43.75
CA SER F 19 45.29 -9.32 42.40
C SER F 19 46.48 -8.33 42.42
N LEU F 20 47.26 -8.29 41.32
CA LEU F 20 48.41 -7.39 41.20
C LEU F 20 48.71 -7.18 39.73
N ARG F 21 48.78 -5.93 39.27
CA ARG F 21 49.07 -5.66 37.85
C ARG F 21 50.48 -5.12 37.64
N LEU F 22 51.27 -5.82 36.83
CA LEU F 22 52.64 -5.40 36.51
C LEU F 22 52.67 -4.64 35.17
N SER F 23 53.07 -3.37 35.18
CA SER F 23 53.17 -2.56 33.97
C SER F 23 54.60 -2.59 33.43
N CYS F 24 54.78 -2.43 32.12
CA CYS F 24 56.10 -2.41 31.53
C CYS F 24 56.18 -1.38 30.42
N ALA F 25 57.01 -0.35 30.60
CA ALA F 25 57.16 0.69 29.59
C ALA F 25 58.38 0.41 28.76
N ALA F 26 58.23 0.46 27.43
CA ALA F 26 59.32 0.18 26.52
C ALA F 26 59.52 1.33 25.54
N SER F 27 60.78 1.72 25.32
CA SER F 27 61.09 2.79 24.38
C SER F 27 61.28 2.25 22.96
N GLY F 28 61.14 3.11 21.96
CA GLY F 28 61.30 2.71 20.57
C GLY F 28 60.06 2.94 19.74
N ARG F 29 60.21 3.46 18.53
CA ARG F 29 59.06 3.76 17.67
C ARG F 29 58.50 2.54 16.91
N THR F 30 59.01 1.34 17.18
CA THR F 30 58.51 0.13 16.52
C THR F 30 57.96 -0.87 17.52
N PHE F 31 57.33 -0.39 18.59
CA PHE F 31 56.76 -1.22 19.64
C PHE F 31 55.74 -2.24 19.11
N SER F 32 54.90 -1.81 18.17
CA SER F 32 53.88 -2.64 17.54
C SER F 32 54.44 -3.75 16.63
N SER F 33 55.75 -3.73 16.32
CA SER F 33 56.34 -4.72 15.43
C SER F 33 56.87 -5.97 16.14
N TYR F 34 56.88 -5.99 17.47
CA TYR F 34 57.44 -7.11 18.22
C TYR F 34 56.51 -7.59 19.31
N ALA F 35 56.56 -8.89 19.58
CA ALA F 35 55.83 -9.51 20.67
C ALA F 35 56.49 -9.14 22.00
N MET F 36 55.69 -8.99 23.05
CA MET F 36 56.19 -8.67 24.38
C MET F 36 55.85 -9.84 25.28
N GLY F 37 56.82 -10.26 26.08
CA GLY F 37 56.61 -11.39 26.97
C GLY F 37 57.01 -11.19 28.42
N TRP F 38 56.40 -11.95 29.32
CA TRP F 38 56.74 -11.90 30.73
C TRP F 38 57.36 -13.21 31.16
N PHE F 39 58.41 -13.10 31.98
CA PHE F 39 59.14 -14.23 32.53
C PHE F 39 59.24 -14.07 34.05
N ARG F 40 59.46 -15.18 34.78
CA ARG F 40 59.62 -15.10 36.23
C ARG F 40 60.72 -16.02 36.71
N GLN F 41 61.40 -15.65 37.80
CA GLN F 41 62.49 -16.46 38.33
C GLN F 41 62.42 -16.55 39.84
N ALA F 42 62.03 -17.72 40.35
CA ALA F 42 61.92 -17.91 41.79
C ALA F 42 63.31 -18.11 42.43
N LEU F 43 63.41 -17.87 43.74
CA LEU F 43 64.67 -18.01 44.46
C LEU F 43 65.24 -19.42 44.34
N GLY F 44 66.36 -19.57 43.64
CA GLY F 44 66.99 -20.86 43.45
C GLY F 44 66.53 -21.62 42.23
N LYS F 45 65.48 -21.13 41.55
CA LYS F 45 64.95 -21.81 40.36
C LYS F 45 65.31 -21.02 39.09
N GLU F 46 65.31 -21.68 37.94
CA GLU F 46 65.63 -21.05 36.66
C GLU F 46 64.54 -20.07 36.20
N ARG F 47 64.90 -19.14 35.30
CA ARG F 47 63.94 -18.20 34.77
C ARG F 47 62.99 -18.98 33.84
N GLU F 48 61.68 -18.88 34.07
CA GLU F 48 60.67 -19.59 33.27
C GLU F 48 59.75 -18.63 32.53
N PHE F 49 59.14 -19.11 31.44
CA PHE F 49 58.21 -18.32 30.64
C PHE F 49 56.86 -18.18 31.36
N VAL F 50 56.19 -17.02 31.21
CA VAL F 50 54.89 -16.81 31.84
C VAL F 50 53.78 -16.55 30.79
N ALA F 51 53.94 -15.51 29.95
CA ALA F 51 52.96 -15.14 28.94
C ALA F 51 53.58 -14.36 27.78
N VAL F 52 52.93 -14.37 26.62
CA VAL F 52 53.40 -13.62 25.45
C VAL F 52 52.20 -12.95 24.73
N ILE F 53 52.37 -11.71 24.25
CA ILE F 53 51.32 -11.04 23.49
C ILE F 53 51.90 -10.60 22.14
N SER F 54 51.22 -10.93 21.03
CA SER F 54 51.69 -10.58 19.68
C SER F 54 51.84 -9.05 19.53
N GLY F 55 52.57 -8.61 18.52
CA GLY F 55 52.82 -7.18 18.30
C GLY F 55 51.58 -6.33 18.19
N SER F 56 50.53 -6.90 17.62
CA SER F 56 49.26 -6.23 17.42
C SER F 56 48.32 -6.29 18.63
N GLY F 57 48.58 -7.20 19.56
CA GLY F 57 47.74 -7.41 20.72
C GLY F 57 46.60 -8.39 20.49
N THR F 58 46.35 -8.78 19.23
CA THR F 58 45.24 -9.68 18.91
C THR F 58 45.52 -11.17 19.18
N SER F 59 46.70 -11.50 19.69
CA SER F 59 47.05 -12.90 19.95
C SER F 59 47.83 -13.04 21.26
N THR F 60 47.45 -13.98 22.13
CA THR F 60 48.11 -14.21 23.43
C THR F 60 48.36 -15.69 23.68
N TYR F 61 49.32 -15.99 24.58
CA TYR F 61 49.64 -17.36 24.98
C TYR F 61 50.12 -17.36 26.43
N TYR F 62 49.63 -18.30 27.25
CA TYR F 62 50.04 -18.38 28.66
C TYR F 62 50.54 -19.77 29.02
N THR F 63 51.49 -19.83 29.95
CA THR F 63 52.00 -21.09 30.47
C THR F 63 50.90 -21.74 31.32
N ASP F 64 50.89 -23.08 31.37
CA ASP F 64 49.88 -23.87 32.08
C ASP F 64 49.62 -23.47 33.54
N SER F 65 50.66 -23.02 34.25
CA SER F 65 50.50 -22.62 35.66
C SER F 65 49.71 -21.33 35.88
N VAL F 66 49.72 -20.42 34.90
CA VAL F 66 49.01 -19.15 35.02
C VAL F 66 47.79 -19.01 34.12
N LYS F 67 47.47 -20.02 33.30
CA LYS F 67 46.34 -19.94 32.38
C LYS F 67 45.02 -19.81 33.11
N GLY F 68 44.29 -18.74 32.84
CA GLY F 68 43.00 -18.49 33.49
C GLY F 68 43.08 -17.69 34.78
N ARG F 69 44.27 -17.20 35.11
CA ARG F 69 44.50 -16.38 36.30
C ARG F 69 45.18 -15.08 35.87
N PHE F 70 46.16 -15.19 34.95
CA PHE F 70 46.91 -14.04 34.43
C PHE F 70 46.38 -13.63 33.06
N THR F 71 46.43 -12.32 32.76
CA THR F 71 45.99 -11.76 31.48
C THR F 71 46.99 -10.72 30.96
N ILE F 72 47.63 -11.00 29.82
CA ILE F 72 48.58 -10.08 29.22
C ILE F 72 47.89 -9.16 28.20
N SER F 73 48.11 -7.85 28.35
CA SER F 73 47.52 -6.85 27.47
C SER F 73 48.58 -5.85 27.02
N ARG F 74 48.29 -5.07 25.98
CA ARG F 74 49.23 -4.06 25.50
C ARG F 74 48.51 -2.86 24.91
N ASP F 75 49.09 -1.68 25.13
CA ASP F 75 48.54 -0.43 24.63
C ASP F 75 49.60 0.11 23.68
N ASN F 76 49.45 -0.16 22.38
CA ASN F 76 50.42 0.28 21.40
C ASN F 76 50.55 1.81 21.32
N ALA F 77 49.49 2.54 21.70
CA ALA F 77 49.52 4.00 21.72
C ALA F 77 50.42 4.53 22.83
N LYS F 78 50.48 3.82 23.97
CA LYS F 78 51.29 4.21 25.12
C LYS F 78 52.59 3.41 25.29
N ASN F 79 52.95 2.55 24.31
CA ASN F 79 54.15 1.72 24.35
C ASN F 79 54.29 0.91 25.64
N THR F 80 53.18 0.32 26.10
CA THR F 80 53.18 -0.44 27.35
C THR F 80 52.56 -1.83 27.23
N VAL F 81 53.06 -2.77 28.04
CA VAL F 81 52.55 -4.13 28.13
C VAL F 81 52.25 -4.42 29.61
N TYR F 82 51.03 -4.88 29.88
CA TYR F 82 50.55 -5.12 31.24
C TYR F 82 50.34 -6.62 31.50
N LEU F 83 50.43 -7.00 32.78
CA LEU F 83 50.19 -8.38 33.20
C LEU F 83 49.30 -8.37 34.44
N GLN F 84 48.02 -8.73 34.27
CA GLN F 84 47.07 -8.74 35.38
C GLN F 84 47.11 -10.09 36.09
N MET F 85 47.66 -10.12 37.29
CA MET F 85 47.79 -11.38 38.04
C MET F 85 46.70 -11.55 39.09
N ASN F 86 45.57 -12.17 38.72
CA ASN F 86 44.48 -12.41 39.67
C ASN F 86 44.65 -13.74 40.39
N SER F 87 44.04 -13.88 41.59
CA SER F 87 44.07 -15.09 42.42
C SER F 87 45.51 -15.62 42.59
N LEU F 88 46.38 -14.80 43.17
CA LEU F 88 47.79 -15.15 43.33
C LEU F 88 48.05 -16.23 44.37
N LYS F 89 49.03 -17.07 44.10
CA LYS F 89 49.41 -18.19 44.97
C LYS F 89 50.84 -18.02 45.49
N PRO F 90 51.24 -18.69 46.59
CA PRO F 90 52.64 -18.57 47.05
C PRO F 90 53.65 -19.03 45.98
N GLU F 91 53.25 -19.98 45.11
CA GLU F 91 54.08 -20.49 44.01
C GLU F 91 54.36 -19.46 42.92
N ASP F 92 53.62 -18.36 42.89
CA ASP F 92 53.84 -17.29 41.95
C ASP F 92 54.98 -16.33 42.39
N THR F 93 55.44 -16.42 43.67
CA THR F 93 56.50 -15.57 44.19
C THR F 93 57.79 -15.74 43.42
N ALA F 94 58.17 -14.71 42.65
CA ALA F 94 59.36 -14.72 41.80
C ALA F 94 59.74 -13.27 41.36
N VAL F 95 60.90 -13.07 40.69
CA VAL F 95 61.28 -11.78 40.13
C VAL F 95 60.73 -11.78 38.70
N TYR F 96 59.87 -10.82 38.34
CA TYR F 96 59.25 -10.78 37.02
C TYR F 96 59.97 -9.87 36.03
N TYR F 97 60.26 -10.39 34.83
CA TYR F 97 60.95 -9.64 33.79
C TYR F 97 60.13 -9.51 32.51
N CYS F 98 59.85 -8.28 32.06
CA CYS F 98 59.20 -8.08 30.75
C CYS F 98 60.34 -8.04 29.72
N ALA F 99 60.07 -8.58 28.53
CA ALA F 99 61.08 -8.66 27.50
C ALA F 99 60.50 -8.49 26.12
N ARG F 100 61.32 -7.99 25.18
CA ARG F 100 60.90 -7.80 23.81
C ARG F 100 61.42 -8.92 22.93
N ALA F 101 60.54 -9.54 22.18
CA ALA F 101 60.91 -10.67 21.33
C ALA F 101 61.59 -10.21 20.04
N LYS F 102 62.30 -11.13 19.38
CA LYS F 102 62.89 -10.85 18.09
C LYS F 102 61.76 -10.71 17.04
N GLY F 103 60.70 -11.51 17.17
CA GLY F 103 59.57 -11.50 16.26
C GLY F 103 58.28 -10.90 16.79
N PHE F 104 57.23 -11.06 16.01
CA PHE F 104 55.89 -10.52 16.18
C PHE F 104 54.87 -11.48 16.82
N SER F 105 54.95 -12.79 16.52
CA SER F 105 53.97 -13.77 16.97
C SER F 105 54.15 -14.33 18.40
N THR F 106 53.15 -15.08 18.86
CA THR F 106 53.18 -15.76 20.13
C THR F 106 53.78 -17.15 19.95
N ILE F 107 53.36 -17.86 18.90
CA ILE F 107 53.77 -19.22 18.61
C ILE F 107 55.29 -19.41 18.41
N TYR F 108 56.00 -18.36 17.98
CA TYR F 108 57.44 -18.47 17.71
C TYR F 108 58.32 -17.82 18.79
N ASN F 109 57.74 -16.95 19.62
CA ASN F 109 58.49 -16.23 20.64
C ASN F 109 58.03 -16.55 22.07
N GLN F 110 58.39 -17.74 22.59
CA GLN F 110 58.04 -18.10 23.97
C GLN F 110 59.16 -18.80 24.72
N ASP F 111 60.39 -18.47 24.39
CA ASP F 111 61.56 -19.00 25.08
C ASP F 111 62.64 -17.92 25.16
N GLU F 112 63.52 -17.96 26.17
CA GLU F 112 64.56 -16.95 26.37
C GLU F 112 65.43 -16.65 25.14
N GLY F 113 65.77 -17.67 24.35
CA GLY F 113 66.55 -17.50 23.14
C GLY F 113 65.87 -16.67 22.06
N ARG F 114 64.58 -16.39 22.23
CA ARG F 114 63.78 -15.60 21.29
C ARG F 114 63.58 -14.14 21.74
N TYR F 115 64.24 -13.70 22.82
CA TYR F 115 64.11 -12.35 23.32
C TYR F 115 65.48 -11.70 23.40
N ASP F 116 65.65 -10.48 22.87
CA ASP F 116 66.95 -9.81 22.91
C ASP F 116 66.99 -8.62 23.88
N TYR F 117 65.83 -8.09 24.33
CA TYR F 117 65.82 -6.96 25.26
C TYR F 117 65.09 -7.35 26.53
N TRP F 118 65.67 -7.03 27.70
CA TRP F 118 65.11 -7.42 28.99
C TRP F 118 65.03 -6.27 29.98
N GLY F 119 64.05 -6.35 30.88
CA GLY F 119 63.92 -5.37 31.94
C GLY F 119 64.86 -5.64 33.09
N GLN F 120 64.93 -4.73 34.06
CA GLN F 120 65.81 -4.91 35.23
C GLN F 120 65.21 -5.83 36.33
N GLY F 121 63.95 -6.23 36.18
CA GLY F 121 63.23 -7.11 37.09
C GLY F 121 62.39 -6.41 38.14
N THR F 122 61.35 -7.10 38.64
CA THR F 122 60.48 -6.59 39.70
C THR F 122 60.02 -7.74 40.61
N GLN F 123 60.44 -7.73 41.88
CA GLN F 123 60.10 -8.82 42.80
C GLN F 123 58.63 -8.80 43.23
N VAL F 124 57.94 -9.92 43.03
CA VAL F 124 56.56 -10.06 43.43
C VAL F 124 56.52 -11.13 44.51
N THR F 125 56.04 -10.78 45.71
CA THR F 125 56.00 -11.73 46.82
C THR F 125 54.56 -12.02 47.27
N VAL F 126 54.20 -13.32 47.43
CA VAL F 126 52.85 -13.72 47.85
C VAL F 126 52.91 -14.51 49.16
N GLU G 3 -36.82 -2.60 -24.04
CA GLU G 3 -37.02 -2.37 -22.61
C GLU G 3 -37.53 -0.95 -22.39
N VAL G 4 -38.74 -0.75 -22.87
CA VAL G 4 -39.55 0.45 -22.83
C VAL G 4 -40.91 -0.14 -22.58
N GLN G 5 -41.53 0.23 -21.47
CA GLN G 5 -42.83 -0.33 -21.14
C GLN G 5 -43.90 0.75 -20.92
N LEU G 6 -45.13 0.30 -20.63
CA LEU G 6 -46.32 1.09 -20.36
C LEU G 6 -46.80 1.84 -21.59
N GLN G 7 -46.98 1.10 -22.69
CA GLN G 7 -47.45 1.64 -23.94
C GLN G 7 -48.84 1.11 -24.23
N ALA G 8 -49.79 2.03 -24.30
CA ALA G 8 -51.20 1.72 -24.56
C ALA G 8 -51.47 1.43 -26.04
N SER G 9 -52.34 0.44 -26.31
CA SER G 9 -52.69 0.02 -27.66
C SER G 9 -54.09 -0.60 -27.70
N GLY G 10 -54.66 -0.70 -28.89
CA GLY G 10 -55.98 -1.31 -29.06
C GLY G 10 -57.13 -0.37 -29.37
N GLY G 11 -56.86 0.92 -29.35
CA GLY G 11 -57.88 1.91 -29.62
C GLY G 11 -58.13 2.12 -31.08
N GLY G 12 -59.40 2.37 -31.41
CA GLY G 12 -59.81 2.63 -32.78
C GLY G 12 -61.19 3.26 -32.87
N LEU G 13 -61.84 3.15 -34.05
CA LEU G 13 -63.18 3.69 -34.24
C LEU G 13 -64.21 2.69 -33.74
N VAL G 14 -65.18 3.15 -32.92
CA VAL G 14 -66.20 2.26 -32.37
C VAL G 14 -67.57 2.93 -32.35
N GLN G 15 -68.64 2.17 -32.65
CA GLN G 15 -70.00 2.70 -32.64
C GLN G 15 -70.49 2.99 -31.21
N ALA G 16 -71.53 3.83 -31.07
CA ALA G 16 -72.08 4.16 -29.76
C ALA G 16 -72.67 2.91 -29.10
N GLY G 17 -72.48 2.81 -27.80
CA GLY G 17 -72.91 1.66 -27.03
C GLY G 17 -72.10 0.39 -27.31
N GLY G 18 -70.98 0.55 -27.99
CA GLY G 18 -70.09 -0.54 -28.36
C GLY G 18 -69.09 -0.91 -27.28
N SER G 19 -68.14 -1.76 -27.63
CA SER G 19 -67.15 -2.26 -26.70
C SER G 19 -65.75 -2.27 -27.35
N LEU G 20 -64.72 -2.03 -26.53
CA LEU G 20 -63.34 -2.03 -26.99
C LEU G 20 -62.42 -2.42 -25.83
N ARG G 21 -61.31 -3.11 -26.14
CA ARG G 21 -60.36 -3.50 -25.10
C ARG G 21 -58.92 -3.00 -25.34
N LEU G 22 -58.44 -2.14 -24.45
CA LEU G 22 -57.07 -1.63 -24.54
C LEU G 22 -56.09 -2.53 -23.78
N SER G 23 -54.86 -2.62 -24.27
CA SER G 23 -53.83 -3.43 -23.63
C SER G 23 -52.62 -2.56 -23.24
N CYS G 24 -52.03 -2.87 -22.09
CA CYS G 24 -50.90 -2.13 -21.53
C CYS G 24 -49.76 -3.08 -21.26
N ALA G 25 -48.78 -3.11 -22.15
CA ALA G 25 -47.63 -3.99 -21.98
C ALA G 25 -46.64 -3.39 -20.96
N ALA G 26 -46.43 -4.10 -19.85
CA ALA G 26 -45.50 -3.65 -18.82
C ALA G 26 -44.41 -4.70 -18.60
N SER G 27 -43.23 -4.29 -18.12
CA SER G 27 -42.15 -5.24 -17.83
C SER G 27 -42.50 -6.02 -16.57
N ARG G 28 -42.01 -7.26 -16.43
CA ARG G 28 -42.32 -8.09 -15.26
C ARG G 28 -41.99 -7.40 -13.93
N SER G 29 -40.86 -6.68 -13.87
CA SER G 29 -40.45 -5.95 -12.68
C SER G 29 -41.43 -4.84 -12.29
N THR G 30 -41.97 -4.12 -13.28
CA THR G 30 -42.92 -3.04 -13.02
C THR G 30 -44.32 -3.58 -12.73
N PHE G 31 -44.71 -4.63 -13.44
CA PHE G 31 -46.00 -5.26 -13.29
C PHE G 31 -46.18 -5.82 -11.88
N SER G 32 -45.15 -6.50 -11.39
CA SER G 32 -45.18 -7.15 -10.10
C SER G 32 -45.09 -6.22 -8.89
N THR G 33 -44.53 -5.01 -9.07
CA THR G 33 -44.30 -4.13 -7.94
C THR G 33 -45.03 -2.78 -7.98
N ASN G 34 -45.68 -2.44 -9.11
CA ASN G 34 -46.34 -1.15 -9.24
C ASN G 34 -47.83 -1.21 -9.41
N THR G 35 -48.53 -0.16 -8.96
CA THR G 35 -49.95 0.03 -9.22
C THR G 35 -50.03 0.52 -10.70
N ILE G 36 -50.96 -0.01 -11.50
CA ILE G 36 -51.09 0.44 -12.89
C ILE G 36 -52.44 1.11 -13.11
N GLY G 37 -52.40 2.31 -13.62
CA GLY G 37 -53.62 3.06 -13.90
C GLY G 37 -53.82 3.41 -15.37
N TRP G 38 -55.07 3.64 -15.75
CA TRP G 38 -55.44 4.02 -17.10
C TRP G 38 -55.95 5.45 -17.02
N TYR G 39 -55.42 6.31 -17.86
CA TYR G 39 -55.81 7.71 -17.93
C TYR G 39 -56.33 8.06 -19.34
N ARG G 40 -57.04 9.18 -19.48
CA ARG G 40 -57.53 9.64 -20.78
C ARG G 40 -57.52 11.16 -20.88
N GLN G 41 -57.35 11.67 -22.10
CA GLN G 41 -57.31 13.10 -22.30
C GLN G 41 -58.04 13.51 -23.55
N ALA G 42 -59.09 14.32 -23.40
CA ALA G 42 -59.81 14.85 -24.55
C ALA G 42 -58.99 16.04 -25.07
N PRO G 43 -58.88 16.22 -26.39
CA PRO G 43 -58.09 17.33 -26.92
C PRO G 43 -58.64 18.68 -26.47
N GLY G 44 -57.97 19.29 -25.50
CA GLY G 44 -58.39 20.56 -24.92
C GLY G 44 -58.70 20.42 -23.43
N LYS G 45 -59.27 19.27 -23.05
CA LYS G 45 -59.60 18.99 -21.66
C LYS G 45 -58.40 18.40 -20.89
N GLN G 46 -58.53 18.22 -19.57
CA GLN G 46 -57.46 17.68 -18.75
C GLN G 46 -57.45 16.15 -18.69
N ARG G 47 -56.34 15.58 -18.18
CA ARG G 47 -56.18 14.16 -18.03
C ARG G 47 -57.10 13.65 -16.91
N GLU G 48 -57.60 12.42 -17.04
CA GLU G 48 -58.54 11.87 -16.08
C GLU G 48 -58.24 10.39 -15.85
N LEU G 49 -58.06 9.98 -14.58
CA LEU G 49 -57.84 8.56 -14.28
C LEU G 49 -59.18 7.84 -14.44
N VAL G 50 -59.22 6.81 -15.29
CA VAL G 50 -60.44 6.04 -15.60
C VAL G 50 -60.52 4.68 -14.90
N ALA G 51 -59.38 4.11 -14.48
CA ALA G 51 -59.30 2.82 -13.80
C ALA G 51 -57.91 2.60 -13.22
N SER G 52 -57.80 1.92 -12.09
CA SER G 52 -56.50 1.67 -11.46
C SER G 52 -56.48 0.33 -10.79
N ILE G 53 -55.37 -0.41 -10.86
CA ILE G 53 -55.30 -1.75 -10.28
C ILE G 53 -53.98 -1.98 -9.54
N SER G 54 -54.09 -2.34 -8.27
CA SER G 54 -52.93 -2.58 -7.42
C SER G 54 -52.33 -3.96 -7.71
N THR G 55 -51.15 -4.27 -7.13
CA THR G 55 -50.55 -5.58 -7.28
C THR G 55 -51.42 -6.67 -6.66
N SER G 56 -52.17 -6.34 -5.59
CA SER G 56 -53.07 -7.31 -4.95
C SER G 56 -54.39 -7.53 -5.72
N GLY G 57 -54.64 -6.75 -6.77
CA GLY G 57 -55.87 -6.87 -7.53
C GLY G 57 -56.97 -5.89 -7.14
N ASN G 58 -56.71 -5.02 -6.14
CA ASN G 58 -57.67 -4.01 -5.69
C ASN G 58 -57.85 -3.00 -6.79
N THR G 59 -59.11 -2.65 -7.10
CA THR G 59 -59.39 -1.74 -8.21
C THR G 59 -60.06 -0.42 -7.82
N TYR G 60 -59.81 0.62 -8.61
CA TYR G 60 -60.44 1.93 -8.38
C TYR G 60 -61.01 2.46 -9.70
N TYR G 61 -62.27 2.95 -9.68
CA TYR G 61 -62.88 3.56 -10.86
C TYR G 61 -63.69 4.76 -10.43
N PRO G 62 -63.66 5.86 -11.20
CA PRO G 62 -64.54 6.99 -10.88
C PRO G 62 -66.01 6.71 -11.25
N ASP G 63 -66.95 7.52 -10.73
CA ASP G 63 -68.37 7.35 -11.05
C ASP G 63 -68.68 7.48 -12.54
N SER G 64 -67.85 8.26 -13.28
CA SER G 64 -68.03 8.50 -14.71
C SER G 64 -67.94 7.25 -15.55
N VAL G 65 -67.20 6.23 -15.10
CA VAL G 65 -67.06 4.99 -15.86
C VAL G 65 -67.40 3.73 -15.05
N LYS G 66 -67.91 3.89 -13.81
CA LYS G 66 -68.28 2.75 -12.95
C LYS G 66 -69.38 1.93 -13.60
N GLY G 67 -69.19 0.62 -13.62
CA GLY G 67 -70.14 -0.29 -14.24
C GLY G 67 -69.99 -0.43 -15.75
N ARG G 68 -69.03 0.28 -16.37
CA ARG G 68 -68.84 0.21 -17.80
C ARG G 68 -67.45 -0.25 -18.17
N PHE G 69 -66.43 0.20 -17.43
CA PHE G 69 -65.03 -0.14 -17.67
C PHE G 69 -64.54 -1.20 -16.68
N ALA G 70 -63.52 -1.97 -17.08
CA ALA G 70 -62.95 -3.03 -16.23
C ALA G 70 -61.44 -3.14 -16.39
N ILE G 71 -60.70 -2.93 -15.28
CA ILE G 71 -59.24 -3.02 -15.28
C ILE G 71 -58.80 -4.40 -14.79
N SER G 72 -57.95 -5.05 -15.58
CA SER G 72 -57.54 -6.41 -15.31
C SER G 72 -56.05 -6.58 -15.42
N ARG G 73 -55.54 -7.64 -14.80
CA ARG G 73 -54.14 -7.97 -14.79
C ARG G 73 -54.01 -9.41 -15.23
N ASP G 74 -53.17 -9.64 -16.22
CA ASP G 74 -52.86 -10.96 -16.77
C ASP G 74 -51.40 -11.25 -16.42
N ASN G 75 -51.18 -12.08 -15.39
CA ASN G 75 -49.83 -12.42 -14.92
C ASN G 75 -49.03 -13.21 -15.94
N ALA G 76 -49.69 -13.96 -16.81
CA ALA G 76 -49.01 -14.76 -17.82
C ALA G 76 -48.32 -13.86 -18.85
N GLU G 77 -48.98 -12.77 -19.24
CA GLU G 77 -48.42 -11.87 -20.24
C GLU G 77 -48.05 -10.49 -19.69
N ASN G 78 -47.96 -10.33 -18.35
CA ASN G 78 -47.65 -9.06 -17.67
C ASN G 78 -48.37 -7.85 -18.28
N THR G 79 -49.66 -8.02 -18.63
CA THR G 79 -50.43 -6.98 -19.31
C THR G 79 -51.61 -6.50 -18.47
N VAL G 80 -51.87 -5.19 -18.49
CA VAL G 80 -53.03 -4.62 -17.83
C VAL G 80 -54.01 -4.24 -18.92
N TYR G 81 -55.22 -4.81 -18.86
CA TYR G 81 -56.23 -4.56 -19.87
C TYR G 81 -57.32 -3.64 -19.35
N LEU G 82 -57.85 -2.80 -20.25
CA LEU G 82 -58.99 -1.95 -19.91
C LEU G 82 -60.12 -2.35 -20.83
N GLN G 83 -61.13 -3.01 -20.29
CA GLN G 83 -62.27 -3.45 -21.06
C GLN G 83 -63.31 -2.37 -20.92
N MET G 84 -63.62 -1.68 -22.02
CA MET G 84 -64.60 -0.62 -21.99
C MET G 84 -65.87 -1.07 -22.69
N ASN G 85 -66.97 -1.22 -21.95
CA ASN G 85 -68.26 -1.61 -22.52
C ASN G 85 -69.23 -0.43 -22.52
N SER G 86 -70.23 -0.44 -23.42
CA SER G 86 -71.25 0.60 -23.55
C SER G 86 -70.60 1.98 -23.69
N LEU G 87 -69.74 2.14 -24.70
CA LEU G 87 -69.01 3.37 -24.95
C LEU G 87 -69.90 4.51 -25.44
N LYS G 88 -69.49 5.75 -25.17
CA LYS G 88 -70.26 6.94 -25.56
C LYS G 88 -69.31 7.95 -26.25
N PRO G 89 -69.83 8.94 -27.00
CA PRO G 89 -68.94 9.96 -27.58
C PRO G 89 -68.16 10.75 -26.53
N GLU G 90 -68.64 10.80 -25.27
CA GLU G 90 -67.94 11.46 -24.16
C GLU G 90 -66.68 10.71 -23.73
N ASP G 91 -66.57 9.43 -24.08
CA ASP G 91 -65.36 8.64 -23.80
C ASP G 91 -64.30 8.80 -24.91
N THR G 92 -64.58 9.58 -25.97
CA THR G 92 -63.63 9.81 -27.05
C THR G 92 -62.46 10.62 -26.53
N ALA G 93 -61.33 9.97 -26.35
CA ALA G 93 -60.12 10.60 -25.85
C ALA G 93 -58.89 9.72 -26.22
N VAL G 94 -57.66 10.21 -25.99
CA VAL G 94 -56.49 9.38 -26.20
C VAL G 94 -56.16 8.75 -24.86
N TYR G 95 -55.99 7.45 -24.83
CA TYR G 95 -55.78 6.71 -23.60
C TYR G 95 -54.33 6.35 -23.32
N TYR G 96 -53.87 6.55 -22.09
CA TYR G 96 -52.50 6.21 -21.70
C TYR G 96 -52.52 5.35 -20.44
N CYS G 97 -51.56 4.41 -20.30
CA CYS G 97 -51.45 3.65 -19.05
C CYS G 97 -50.18 4.06 -18.33
N ASN G 98 -50.26 4.25 -17.00
CA ASN G 98 -49.10 4.68 -16.23
C ASN G 98 -49.12 4.27 -14.75
N THR G 99 -47.93 4.26 -14.12
CA THR G 99 -47.77 4.01 -12.70
C THR G 99 -47.83 5.36 -11.97
N PRO G 100 -48.26 5.39 -10.71
CA PRO G 100 -48.32 6.66 -9.99
C PRO G 100 -46.98 7.40 -9.92
N SER G 101 -45.85 6.67 -9.78
CA SER G 101 -44.54 7.29 -9.73
C SER G 101 -44.15 7.91 -11.09
N ARG G 102 -44.44 7.22 -12.21
CA ARG G 102 -44.16 7.76 -13.54
C ARG G 102 -45.07 9.00 -13.79
N ARG G 103 -46.31 8.98 -13.26
CA ARG G 103 -47.22 10.12 -13.37
C ARG G 103 -46.58 11.37 -12.71
N ILE G 104 -46.06 11.24 -11.46
CA ILE G 104 -45.41 12.30 -10.69
C ILE G 104 -44.17 12.83 -11.41
N SER G 105 -43.34 11.92 -11.93
CA SER G 105 -42.13 12.32 -12.64
C SER G 105 -42.38 12.68 -14.11
N ASN G 106 -43.66 12.68 -14.56
CA ASN G 106 -44.13 13.05 -15.90
C ASN G 106 -43.55 12.19 -17.04
N PHE G 107 -43.32 10.89 -16.80
CA PHE G 107 -42.85 9.98 -17.84
C PHE G 107 -44.05 9.33 -18.44
N TRP G 108 -44.47 9.77 -19.62
CA TRP G 108 -45.65 9.22 -20.27
C TRP G 108 -45.29 8.48 -21.54
N GLY G 109 -45.82 7.27 -21.67
CA GLY G 109 -45.57 6.42 -22.82
C GLY G 109 -46.40 6.78 -24.03
N GLN G 110 -46.71 5.77 -24.85
CA GLN G 110 -47.49 5.93 -26.06
C GLN G 110 -48.97 5.80 -25.74
N GLY G 111 -49.77 6.70 -26.30
CA GLY G 111 -51.22 6.71 -26.10
C GLY G 111 -51.97 6.10 -27.27
N THR G 112 -53.20 5.63 -27.03
CA THR G 112 -54.02 5.01 -28.07
C THR G 112 -55.30 5.84 -28.25
N GLN G 113 -55.59 6.32 -29.48
CA GLN G 113 -56.78 7.16 -29.70
C GLN G 113 -58.04 6.32 -29.80
N VAL G 114 -59.02 6.57 -28.93
CA VAL G 114 -60.29 5.87 -28.97
C VAL G 114 -61.35 6.87 -29.44
N THR G 115 -61.95 6.64 -30.61
CA THR G 115 -62.97 7.54 -31.14
C THR G 115 -64.32 6.83 -31.11
N VAL G 116 -65.34 7.43 -30.48
CA VAL G 116 -66.67 6.81 -30.41
C VAL G 116 -67.65 7.60 -31.26
N SER G 117 -68.14 6.98 -32.35
CA SER G 117 -69.09 7.64 -33.24
C SER G 117 -70.51 7.65 -32.68
N SER G 118 -71.26 8.69 -33.01
CA SER G 118 -72.62 8.91 -32.55
C SER G 118 -73.63 7.88 -33.07
N ALA G 119 -74.58 7.46 -32.22
CA ALA G 119 -75.63 6.48 -32.58
C ALA G 119 -76.70 7.04 -33.55
N ALA G 120 -77.47 6.15 -34.19
CA ALA G 120 -78.55 6.48 -35.12
C ALA G 120 -79.87 6.91 -34.38
N ALA G 121 -80.93 7.39 -35.13
CA ALA G 121 -82.20 7.84 -34.53
C ALA G 121 -82.85 6.80 -33.61
N GLU H 3 -1.37 -2.68 24.40
CA GLU H 3 -0.35 -3.71 24.58
C GLU H 3 0.98 -3.03 24.72
N VAL H 4 1.74 -3.43 25.72
CA VAL H 4 3.05 -2.86 25.98
C VAL H 4 4.01 -3.09 24.81
N GLN H 5 4.73 -2.03 24.43
CA GLN H 5 5.73 -2.08 23.37
C GLN H 5 6.67 -0.87 23.47
N LEU H 6 7.96 -1.04 23.09
CA LEU H 6 8.97 0.01 23.13
C LEU H 6 9.34 0.40 24.56
N GLN H 7 9.70 -0.61 25.34
CA GLN H 7 10.10 -0.43 26.72
C GLN H 7 11.58 -0.71 26.88
N ALA H 8 12.32 0.27 27.39
CA ALA H 8 13.75 0.11 27.62
C ALA H 8 14.02 -0.78 28.81
N SER H 9 15.17 -1.45 28.82
CA SER H 9 15.67 -2.31 29.91
C SER H 9 17.18 -2.54 29.76
N GLY H 10 17.87 -2.73 30.87
CA GLY H 10 19.31 -3.00 30.82
C GLY H 10 20.22 -1.97 31.47
N GLY H 11 19.64 -0.86 31.90
CA GLY H 11 20.42 0.20 32.54
C GLY H 11 20.69 -0.07 34.00
N GLY H 12 21.89 0.31 34.45
CA GLY H 12 22.30 0.14 35.85
C GLY H 12 23.51 0.99 36.20
N LEU H 13 24.21 0.62 37.29
CA LEU H 13 25.39 1.36 37.73
C LEU H 13 26.61 0.86 36.95
N VAL H 14 27.41 1.78 36.41
CA VAL H 14 28.59 1.39 35.63
C VAL H 14 29.77 2.33 35.91
N GLN H 15 31.00 1.78 35.97
CA GLN H 15 32.20 2.58 36.19
C GLN H 15 32.55 3.44 34.96
N ALA H 16 33.36 4.48 35.16
CA ALA H 16 33.78 5.36 34.06
C ALA H 16 34.60 4.59 33.04
N GLY H 17 34.38 4.90 31.78
CA GLY H 17 35.03 4.22 30.67
C GLY H 17 34.53 2.79 30.46
N GLY H 18 33.42 2.44 31.12
CA GLY H 18 32.83 1.12 31.05
C GLY H 18 31.91 0.92 29.87
N SER H 19 31.20 -0.20 29.87
CA SER H 19 30.30 -0.56 28.79
C SER H 19 28.95 -1.09 29.30
N LEU H 20 27.87 -0.84 28.57
CA LEU H 20 26.53 -1.30 28.94
C LEU H 20 25.69 -1.45 27.68
N ARG H 21 24.80 -2.46 27.62
CA ARG H 21 23.96 -2.65 26.43
C ARG H 21 22.47 -2.64 26.77
N LEU H 22 21.74 -1.66 26.24
CA LEU H 22 20.32 -1.54 26.49
C LEU H 22 19.51 -2.37 25.49
N SER H 23 18.29 -2.77 25.87
CA SER H 23 17.43 -3.51 24.97
C SER H 23 16.07 -2.85 24.85
N CYS H 24 15.52 -2.85 23.64
CA CYS H 24 14.23 -2.24 23.33
C CYS H 24 13.32 -3.29 22.70
N ALA H 25 12.40 -3.84 23.49
CA ALA H 25 11.48 -4.84 22.98
C ALA H 25 10.35 -4.19 22.19
N ALA H 26 10.26 -4.50 20.90
CA ALA H 26 9.22 -3.95 20.05
C ALA H 26 8.40 -5.06 19.42
N SER H 27 7.15 -4.76 19.06
CA SER H 27 6.30 -5.76 18.41
C SER H 27 6.76 -5.95 16.95
N ARG H 28 6.53 -7.14 16.37
CA ARG H 28 6.90 -7.48 15.00
C ARG H 28 6.43 -6.44 13.97
N SER H 29 5.20 -5.94 14.15
CA SER H 29 4.59 -4.95 13.26
C SER H 29 5.29 -3.60 13.33
N THR H 30 5.67 -3.16 14.53
CA THR H 30 6.35 -1.88 14.71
C THR H 30 7.80 -1.96 14.31
N PHE H 31 8.46 -3.06 14.63
CA PHE H 31 9.86 -3.29 14.33
C PHE H 31 10.13 -3.26 12.82
N SER H 32 9.31 -3.96 12.06
CA SER H 32 9.47 -4.08 10.61
C SER H 32 9.06 -2.84 9.81
N THR H 33 8.24 -1.94 10.38
CA THR H 33 7.76 -0.78 9.62
C THR H 33 8.16 0.59 10.16
N ASN H 34 8.75 0.65 11.37
CA ASN H 34 9.10 1.93 11.97
C ASN H 34 10.58 2.16 12.19
N THR H 35 10.99 3.43 12.18
CA THR H 35 12.35 3.80 12.52
C THR H 35 12.37 3.83 14.06
N ILE H 36 13.36 3.21 14.71
CA ILE H 36 13.41 3.19 16.17
C ILE H 36 14.62 3.93 16.70
N GLY H 37 14.39 4.90 17.58
CA GLY H 37 15.45 5.72 18.16
C GLY H 37 15.60 5.60 19.66
N TRP H 38 16.78 5.98 20.16
CA TRP H 38 17.11 5.96 21.58
C TRP H 38 17.27 7.40 22.02
N TYR H 39 16.58 7.78 23.07
CA TYR H 39 16.65 9.13 23.62
C TYR H 39 17.11 9.08 25.09
N ARG H 40 17.55 10.21 25.64
CA ARG H 40 17.98 10.29 27.04
C ARG H 40 17.62 11.63 27.66
N GLN H 41 17.35 11.64 28.98
CA GLN H 41 17.01 12.89 29.65
C GLN H 41 17.64 13.01 31.01
N ALA H 42 18.59 13.93 31.15
CA ALA H 42 19.22 14.19 32.44
C ALA H 42 18.21 14.95 33.32
N PRO H 43 18.17 14.65 34.62
CA PRO H 43 17.19 15.35 35.48
C PRO H 43 17.45 16.86 35.52
N GLY H 44 16.63 17.61 34.81
CA GLY H 44 16.77 19.05 34.68
C GLY H 44 16.99 19.46 33.23
N LYS H 45 17.75 18.64 32.48
CA LYS H 45 18.04 18.89 31.08
C LYS H 45 16.92 18.36 30.16
N GLN H 46 16.97 18.68 28.85
CA GLN H 46 15.95 18.25 27.90
C GLN H 46 16.23 16.86 27.30
N ARG H 47 15.25 16.32 26.53
CA ARG H 47 15.36 15.04 25.84
C ARG H 47 16.36 15.16 24.68
N GLU H 48 17.22 14.15 24.47
CA GLU H 48 18.25 14.18 23.45
C GLU H 48 18.31 12.85 22.70
N LEU H 49 18.19 12.86 21.36
CA LEU H 49 18.28 11.63 20.58
C LEU H 49 19.75 11.25 20.51
N VAL H 50 20.09 10.02 20.92
CA VAL H 50 21.48 9.57 20.91
C VAL H 50 21.77 8.62 19.73
N ALA H 51 20.79 7.82 19.32
CA ALA H 51 20.98 6.87 18.22
C ALA H 51 19.66 6.55 17.54
N SER H 52 19.68 6.32 16.22
CA SER H 52 18.45 6.00 15.49
C SER H 52 18.74 5.00 14.38
N ILE H 53 17.82 4.07 14.12
CA ILE H 53 18.02 3.06 13.08
C ILE H 53 16.76 2.84 12.25
N SER H 54 16.86 3.03 10.94
CA SER H 54 15.73 2.84 10.02
C SER H 54 15.50 1.33 9.74
N THR H 55 14.40 0.98 9.07
CA THR H 55 14.14 -0.41 8.72
C THR H 55 15.21 -0.94 7.76
N SER H 56 15.79 -0.08 6.91
CA SER H 56 16.85 -0.51 5.99
C SER H 56 18.23 -0.66 6.67
N GLY H 57 18.34 -0.25 7.92
CA GLY H 57 19.60 -0.34 8.63
C GLY H 57 20.41 0.94 8.66
N ASN H 58 19.89 2.03 8.05
CA ASN H 58 20.57 3.32 8.06
C ASN H 58 20.58 3.85 9.48
N THR H 59 21.75 4.31 9.95
CA THR H 59 21.89 4.77 11.32
C THR H 59 22.24 6.24 11.48
N TYR H 60 21.77 6.85 12.57
CA TYR H 60 22.06 8.25 12.86
C TYR H 60 22.54 8.40 14.31
N TYR H 61 23.63 9.14 14.53
CA TYR H 61 24.15 9.42 15.86
C TYR H 61 24.65 10.84 15.91
N PRO H 62 24.40 11.59 17.00
CA PRO H 62 24.99 12.93 17.12
C PRO H 62 26.51 12.87 17.45
N ASP H 63 27.22 14.00 17.31
CA ASP H 63 28.65 14.04 17.61
C ASP H 63 28.97 13.70 19.08
N SER H 64 28.02 13.96 19.99
CA SER H 64 28.18 13.70 21.42
C SER H 64 28.41 12.24 21.76
N VAL H 65 27.90 11.32 20.93
CA VAL H 65 28.05 9.89 21.19
C VAL H 65 28.66 9.10 20.01
N LYS H 66 29.05 9.80 18.94
CA LYS H 66 29.62 9.15 17.75
C LYS H 66 30.88 8.39 18.09
N GLY H 67 30.97 7.16 17.62
CA GLY H 67 32.12 6.31 17.85
C GLY H 67 32.14 5.62 19.20
N ARG H 68 31.06 5.75 19.99
CA ARG H 68 30.99 5.09 21.31
C ARG H 68 29.74 4.25 21.39
N PHE H 69 28.62 4.79 20.92
CA PHE H 69 27.34 4.09 20.98
C PHE H 69 27.07 3.37 19.67
N ALA H 70 26.28 2.29 19.73
CA ALA H 70 25.93 1.50 18.54
C ALA H 70 24.49 0.99 18.62
N ILE H 71 23.63 1.42 17.67
CA ILE H 71 22.25 0.96 17.66
C ILE H 71 22.13 -0.23 16.71
N SER H 72 21.69 -1.35 17.25
CA SER H 72 21.65 -2.61 16.52
C SER H 72 20.22 -3.01 16.15
N ARG H 73 20.10 -3.93 15.18
CA ARG H 73 18.80 -4.40 14.72
C ARG H 73 18.77 -5.93 14.77
N ASP H 74 18.11 -6.51 15.79
CA ASP H 74 18.04 -7.97 15.89
C ASP H 74 16.69 -8.46 15.39
N ASN H 75 16.64 -8.87 14.13
CA ASN H 75 15.41 -9.34 13.48
C ASN H 75 14.87 -10.62 14.08
N ALA H 76 15.76 -11.45 14.64
CA ALA H 76 15.35 -12.72 15.26
C ALA H 76 14.50 -12.46 16.50
N GLU H 77 14.87 -11.46 17.31
CA GLU H 77 14.15 -11.17 18.53
C GLU H 77 13.41 -9.84 18.52
N ASN H 78 13.22 -9.21 17.34
CA ASN H 78 12.57 -7.89 17.14
C ASN H 78 12.98 -6.87 18.20
N THR H 79 14.29 -6.90 18.56
CA THR H 79 14.86 -6.05 19.60
C THR H 79 15.84 -5.05 19.01
N VAL H 80 15.78 -3.83 19.50
CA VAL H 80 16.70 -2.79 19.09
C VAL H 80 17.68 -2.59 20.23
N TYR H 81 18.94 -2.95 20.02
CA TYR H 81 19.97 -2.86 21.04
C TYR H 81 20.72 -1.54 21.02
N LEU H 82 21.25 -1.12 22.18
CA LEU H 82 22.07 0.06 22.25
C LEU H 82 23.34 -0.25 23.03
N GLN H 83 24.42 -0.58 22.32
CA GLN H 83 25.68 -0.88 22.97
C GLN H 83 26.45 0.40 23.18
N MET H 84 26.53 0.83 24.43
CA MET H 84 27.25 2.03 24.83
C MET H 84 28.62 1.65 25.37
N ASN H 85 29.69 2.02 24.67
CA ASN H 85 31.05 1.74 25.13
C ASN H 85 31.72 3.04 25.58
N SER H 86 32.72 2.95 26.46
CA SER H 86 33.47 4.09 26.98
C SER H 86 32.54 5.16 27.56
N LEU H 87 31.72 4.74 28.53
CA LEU H 87 30.75 5.62 29.17
C LEU H 87 31.37 6.69 30.05
N LYS H 88 30.68 7.81 30.22
CA LYS H 88 31.17 8.95 31.02
C LYS H 88 30.06 9.42 31.98
N PRO H 89 30.38 10.18 33.05
CA PRO H 89 29.31 10.70 33.93
C PRO H 89 28.31 11.61 33.19
N GLU H 90 28.73 12.21 32.05
CA GLU H 90 27.85 13.04 31.22
C GLU H 90 26.76 12.23 30.51
N ASP H 91 26.95 10.91 30.37
CA ASP H 91 25.94 10.03 29.80
C ASP H 91 24.93 9.54 30.86
N THR H 92 25.08 9.96 32.14
CA THR H 92 24.14 9.57 33.20
C THR H 92 22.81 10.24 32.98
N ALA H 93 21.84 9.46 32.51
CA ALA H 93 20.50 9.93 32.21
C ALA H 93 19.52 8.73 32.20
N VAL H 94 18.20 8.98 32.09
CA VAL H 94 17.24 7.88 31.95
C VAL H 94 17.01 7.72 30.45
N TYR H 95 17.18 6.50 29.96
CA TYR H 95 17.09 6.21 28.53
C TYR H 95 15.74 5.63 28.08
N TYR H 96 15.14 6.21 27.03
CA TYR H 96 13.87 5.72 26.48
C TYR H 96 14.05 5.37 25.01
N CYS H 97 13.39 4.31 24.54
CA CYS H 97 13.43 3.96 23.11
C CYS H 97 12.05 4.23 22.49
N ASN H 98 12.02 4.81 21.27
CA ASN H 98 10.75 5.18 20.64
C ASN H 98 10.80 5.42 19.13
N THR H 99 9.63 5.36 18.47
CA THR H 99 9.49 5.66 17.05
C THR H 99 9.22 7.15 16.88
N PRO H 100 9.58 7.75 15.72
CA PRO H 100 9.34 9.18 15.52
C PRO H 100 7.88 9.60 15.63
N SER H 101 6.95 8.75 15.16
CA SER H 101 5.53 9.05 15.24
C SER H 101 5.04 9.08 16.70
N ARG H 102 5.59 8.21 17.55
CA ARG H 102 5.27 8.21 18.98
C ARG H 102 5.88 9.42 19.70
N ARG H 103 7.01 9.93 19.21
CA ARG H 103 7.65 11.12 19.76
C ARG H 103 6.77 12.35 19.49
N ILE H 104 6.17 12.42 18.31
CA ILE H 104 5.28 13.51 17.92
C ILE H 104 3.98 13.46 18.73
N SER H 105 3.38 12.27 18.84
CA SER H 105 2.13 12.13 19.58
C SER H 105 2.32 11.99 21.10
N ASN H 106 3.58 12.11 21.60
CA ASN H 106 3.98 12.07 23.01
C ASN H 106 3.66 10.74 23.72
N PHE H 107 3.74 9.62 23.00
CA PHE H 107 3.52 8.30 23.60
C PHE H 107 4.88 7.76 23.97
N TRP H 108 5.21 7.80 25.26
CA TRP H 108 6.51 7.32 25.72
C TRP H 108 6.35 6.13 26.63
N GLY H 109 7.17 5.10 26.39
CA GLY H 109 7.12 3.88 27.18
C GLY H 109 7.90 3.98 28.47
N GLN H 110 8.44 2.85 28.92
CA GLN H 110 9.22 2.77 30.16
C GLN H 110 10.68 3.09 29.90
N GLY H 111 11.29 3.79 30.84
CA GLY H 111 12.70 4.12 30.72
C GLY H 111 13.57 3.19 31.53
N THR H 112 14.90 3.40 31.45
CA THR H 112 15.90 2.64 32.18
C THR H 112 17.00 3.62 32.61
N GLN H 113 17.21 3.75 33.92
CA GLN H 113 18.19 4.71 34.44
C GLN H 113 19.61 4.18 34.28
N VAL H 114 20.47 4.94 33.61
CA VAL H 114 21.88 4.56 33.46
C VAL H 114 22.70 5.54 34.28
N THR H 115 23.38 5.04 35.32
CA THR H 115 24.20 5.89 36.18
C THR H 115 25.68 5.56 35.96
N VAL H 116 26.51 6.56 35.61
CA VAL H 116 27.92 6.32 35.39
C VAL H 116 28.74 6.97 36.50
N SER H 117 29.40 6.15 37.32
CA SER H 117 30.21 6.65 38.43
C SER H 117 31.55 7.19 37.95
N SER H 118 32.08 8.19 38.65
CA SER H 118 33.33 8.86 38.33
C SER H 118 34.53 7.93 38.48
N GLN I 5 3.41 -33.34 -6.65
CA GLN I 5 3.47 -31.94 -7.05
C GLN I 5 3.76 -31.78 -8.55
N LEU I 6 3.47 -30.58 -9.09
CA LEU I 6 3.54 -30.24 -10.53
C LEU I 6 2.68 -31.21 -11.34
N GLN I 7 1.43 -31.37 -10.92
CA GLN I 7 0.47 -32.25 -11.57
C GLN I 7 -0.61 -31.42 -12.22
N ALA I 8 -0.69 -31.51 -13.54
CA ALA I 8 -1.69 -30.78 -14.30
C ALA I 8 -3.08 -31.39 -14.10
N SER I 9 -4.11 -30.58 -14.30
CA SER I 9 -5.51 -30.99 -14.18
C SER I 9 -6.44 -29.95 -14.82
N GLY I 10 -7.66 -30.36 -15.17
CA GLY I 10 -8.64 -29.46 -15.76
C GLY I 10 -8.95 -29.66 -17.24
N GLY I 11 -8.23 -30.57 -17.89
CA GLY I 11 -8.43 -30.84 -19.30
C GLY I 11 -9.59 -31.77 -19.56
N GLY I 12 -10.31 -31.52 -20.64
CA GLY I 12 -11.46 -32.33 -21.04
C GLY I 12 -11.88 -32.10 -22.48
N LEU I 13 -13.13 -32.45 -22.82
CA LEU I 13 -13.65 -32.26 -24.17
C LEU I 13 -14.16 -30.84 -24.33
N VAL I 14 -13.77 -30.14 -25.40
CA VAL I 14 -14.19 -28.76 -25.61
C VAL I 14 -14.51 -28.51 -27.10
N GLN I 15 -15.56 -27.71 -27.38
CA GLN I 15 -15.93 -27.38 -28.76
C GLN I 15 -14.91 -26.40 -29.39
N ALA I 16 -14.92 -26.31 -30.73
CA ALA I 16 -14.01 -25.41 -31.45
C ALA I 16 -14.30 -23.96 -31.09
N GLY I 17 -13.24 -23.18 -30.94
CA GLY I 17 -13.35 -21.79 -30.54
C GLY I 17 -13.75 -21.59 -29.08
N GLY I 18 -13.69 -22.67 -28.31
CA GLY I 18 -14.07 -22.67 -26.90
C GLY I 18 -12.95 -22.23 -25.97
N SER I 19 -13.19 -22.39 -24.67
CA SER I 19 -12.23 -21.98 -23.65
C SER I 19 -12.09 -23.05 -22.56
N LEU I 20 -10.90 -23.16 -21.98
CA LEU I 20 -10.62 -24.13 -20.92
C LEU I 20 -9.46 -23.62 -20.04
N ARG I 21 -9.51 -23.86 -18.72
CA ARG I 21 -8.43 -23.40 -17.82
C ARG I 21 -7.76 -24.54 -17.05
N LEU I 22 -6.45 -24.72 -17.24
CA LEU I 22 -5.69 -25.79 -16.58
C LEU I 22 -5.05 -25.32 -15.29
N SER I 23 -4.94 -26.21 -14.30
CA SER I 23 -4.33 -25.84 -13.03
C SER I 23 -3.11 -26.71 -12.73
N CYS I 24 -2.07 -26.09 -12.17
CA CYS I 24 -0.82 -26.75 -11.85
C CYS I 24 -0.53 -26.56 -10.36
N ALA I 25 -0.80 -27.58 -9.55
CA ALA I 25 -0.54 -27.50 -8.11
C ALA I 25 0.94 -27.71 -7.81
N ALA I 26 1.59 -26.69 -7.26
CA ALA I 26 3.00 -26.78 -6.92
C ALA I 26 3.20 -26.52 -5.43
N SER I 27 4.28 -27.04 -4.86
CA SER I 27 4.58 -26.80 -3.45
C SER I 27 5.08 -25.35 -3.28
N ARG I 28 4.85 -24.73 -2.12
CA ARG I 28 5.27 -23.35 -1.88
C ARG I 28 6.77 -23.12 -2.16
N SER I 29 7.62 -24.09 -1.78
CA SER I 29 9.06 -24.01 -2.01
C SER I 29 9.41 -23.96 -3.49
N THR I 30 8.73 -24.77 -4.31
CA THR I 30 8.98 -24.81 -5.75
C THR I 30 8.36 -23.62 -6.47
N PHE I 31 7.16 -23.22 -6.04
CA PHE I 31 6.42 -22.11 -6.62
C PHE I 31 7.21 -20.80 -6.48
N SER I 32 7.72 -20.52 -5.28
CA SER I 32 8.43 -19.28 -5.01
C SER I 32 9.85 -19.19 -5.57
N THR I 33 10.48 -20.32 -5.93
CA THR I 33 11.86 -20.30 -6.40
C THR I 33 12.08 -20.80 -7.84
N ASN I 34 11.06 -21.39 -8.46
CA ASN I 34 11.23 -21.95 -9.80
C ASN I 34 10.37 -21.30 -10.88
N THR I 35 10.87 -21.34 -12.12
CA THR I 35 10.12 -20.89 -13.28
C THR I 35 9.22 -22.07 -13.63
N ILE I 36 7.92 -21.83 -13.85
CA ILE I 36 7.00 -22.95 -14.18
C ILE I 36 6.42 -22.80 -15.58
N GLY I 37 6.60 -23.83 -16.39
CA GLY I 37 6.12 -23.85 -17.77
C GLY I 37 5.07 -24.89 -18.08
N TRP I 38 4.32 -24.67 -19.15
CA TRP I 38 3.29 -25.57 -19.63
C TRP I 38 3.74 -26.13 -20.95
N TYR I 39 3.72 -27.45 -21.09
CA TYR I 39 4.13 -28.14 -22.29
C TYR I 39 2.96 -29.00 -22.84
N ARG I 40 3.03 -29.41 -24.11
CA ARG I 40 1.99 -30.26 -24.70
C ARG I 40 2.59 -31.25 -25.70
N GLN I 41 1.98 -32.44 -25.83
CA GLN I 41 2.50 -33.45 -26.74
C GLN I 41 1.40 -34.19 -27.48
N ALA I 42 1.31 -33.96 -28.79
CA ALA I 42 0.35 -34.65 -29.63
C ALA I 42 0.82 -36.10 -29.79
N PRO I 43 -0.11 -37.06 -29.81
CA PRO I 43 0.30 -38.47 -29.96
C PRO I 43 1.05 -38.72 -31.26
N GLY I 44 2.37 -38.83 -31.16
CA GLY I 44 3.25 -39.04 -32.30
C GLY I 44 4.21 -37.88 -32.48
N LYS I 45 3.74 -36.65 -32.19
CA LYS I 45 4.56 -35.45 -32.30
C LYS I 45 5.43 -35.23 -31.04
N GLN I 46 6.34 -34.24 -31.08
CA GLN I 46 7.23 -33.95 -29.96
C GLN I 46 6.60 -32.99 -28.92
N ARG I 47 7.28 -32.82 -27.77
CA ARG I 47 6.90 -31.94 -26.68
C ARG I 47 7.08 -30.47 -27.12
N GLU I 48 6.14 -29.58 -26.78
CA GLU I 48 6.19 -28.18 -27.18
C GLU I 48 5.84 -27.27 -26.01
N LEU I 49 6.72 -26.31 -25.66
CA LEU I 49 6.43 -25.37 -24.57
C LEU I 49 5.43 -24.36 -25.11
N VAL I 50 4.28 -24.18 -24.45
CA VAL I 50 3.27 -23.25 -24.90
C VAL I 50 3.22 -21.98 -24.04
N ALA I 51 3.61 -22.06 -22.77
CA ALA I 51 3.59 -20.88 -21.89
C ALA I 51 4.57 -21.06 -20.73
N SER I 52 5.21 -19.98 -20.28
CA SER I 52 6.16 -20.08 -19.17
C SER I 52 6.11 -18.82 -18.33
N ILE I 53 6.23 -18.95 -17.00
CA ILE I 53 6.17 -17.79 -16.11
C ILE I 53 7.25 -17.85 -15.01
N SER I 54 8.08 -16.81 -14.95
CA SER I 54 9.15 -16.72 -13.97
C SER I 54 8.60 -16.30 -12.59
N THR I 55 9.42 -16.36 -11.54
CA THR I 55 9.00 -15.92 -10.21
C THR I 55 8.66 -14.42 -10.20
N SER I 56 9.34 -13.62 -11.05
CA SER I 56 9.06 -12.19 -11.15
C SER I 56 7.80 -11.86 -11.95
N GLY I 57 7.19 -12.85 -12.59
CA GLY I 57 5.99 -12.63 -13.39
C GLY I 57 6.25 -12.47 -14.88
N ASN I 58 7.51 -12.56 -15.32
CA ASN I 58 7.85 -12.45 -16.74
C ASN I 58 7.30 -13.66 -17.45
N THR I 59 6.61 -13.44 -18.59
CA THR I 59 5.96 -14.53 -19.32
C THR I 59 6.52 -14.77 -20.71
N TYR I 60 6.46 -16.03 -21.16
CA TYR I 60 6.92 -16.40 -22.50
C TYR I 60 5.87 -17.27 -23.19
N TYR I 61 5.54 -16.94 -24.46
CA TYR I 61 4.61 -17.75 -25.25
C TYR I 61 5.11 -17.80 -26.68
N PRO I 62 5.02 -18.97 -27.34
CA PRO I 62 5.38 -19.02 -28.78
C PRO I 62 4.30 -18.37 -29.68
N ASP I 63 4.63 -18.09 -30.94
CA ASP I 63 3.66 -17.48 -31.87
C ASP I 63 2.42 -18.35 -32.08
N SER I 64 2.56 -19.69 -31.94
CA SER I 64 1.48 -20.65 -32.14
C SER I 64 0.31 -20.45 -31.19
N VAL I 65 0.55 -19.91 -29.99
CA VAL I 65 -0.51 -19.69 -29.01
C VAL I 65 -0.59 -18.25 -28.48
N LYS I 66 0.22 -17.33 -29.03
CA LYS I 66 0.24 -15.94 -28.60
C LYS I 66 -1.12 -15.29 -28.81
N GLY I 67 -1.61 -14.60 -27.78
CA GLY I 67 -2.91 -13.95 -27.85
C GLY I 67 -4.09 -14.87 -27.59
N ARG I 68 -3.85 -16.16 -27.34
CA ARG I 68 -4.94 -17.11 -27.09
C ARG I 68 -4.81 -17.73 -25.70
N PHE I 69 -3.56 -18.05 -25.28
CA PHE I 69 -3.29 -18.69 -24.01
C PHE I 69 -2.76 -17.67 -22.98
N ALA I 70 -2.97 -17.95 -21.68
CA ALA I 70 -2.54 -17.05 -20.62
C ALA I 70 -2.05 -17.82 -19.39
N ILE I 71 -0.75 -17.69 -19.08
CA ILE I 71 -0.19 -18.35 -17.91
C ILE I 71 -0.26 -17.40 -16.71
N SER I 72 -0.89 -17.86 -15.62
CA SER I 72 -1.15 -17.04 -14.45
C SER I 72 -0.34 -17.48 -13.22
N ARG I 73 -0.23 -16.60 -12.22
CA ARG I 73 0.51 -16.88 -11.00
C ARG I 73 -0.37 -16.59 -9.79
N ASP I 74 -0.93 -17.63 -9.16
CA ASP I 74 -1.77 -17.42 -7.98
C ASP I 74 -0.99 -17.72 -6.71
N ASN I 75 -0.42 -16.66 -6.09
CA ASN I 75 0.39 -16.78 -4.88
C ASN I 75 -0.39 -17.28 -3.67
N ALA I 76 -1.69 -17.01 -3.63
CA ALA I 76 -2.54 -17.44 -2.52
C ALA I 76 -2.66 -18.95 -2.49
N GLU I 77 -2.78 -19.58 -3.65
CA GLU I 77 -2.94 -21.03 -3.72
C GLU I 77 -1.76 -21.76 -4.37
N ASN I 78 -0.60 -21.08 -4.51
CA ASN I 78 0.62 -21.63 -5.13
C ASN I 78 0.34 -22.44 -6.41
N THR I 79 -0.62 -21.95 -7.21
CA THR I 79 -1.09 -22.60 -8.41
C THR I 79 -0.72 -21.81 -9.66
N VAL I 80 -0.29 -22.51 -10.70
CA VAL I 80 0.02 -21.89 -11.96
C VAL I 80 -1.10 -22.24 -12.92
N TYR I 81 -1.89 -21.24 -13.33
CA TYR I 81 -3.03 -21.47 -14.21
C TYR I 81 -2.69 -21.29 -15.69
N LEU I 82 -3.50 -21.89 -16.58
CA LEU I 82 -3.35 -21.73 -18.03
C LEU I 82 -4.73 -21.52 -18.69
N GLN I 83 -5.09 -20.26 -18.95
CA GLN I 83 -6.37 -19.89 -19.55
C GLN I 83 -6.31 -19.96 -21.08
N MET I 84 -6.72 -21.10 -21.67
CA MET I 84 -6.68 -21.28 -23.12
C MET I 84 -8.00 -20.81 -23.74
N ASN I 85 -7.97 -19.73 -24.51
CA ASN I 85 -9.17 -19.22 -25.18
C ASN I 85 -9.09 -19.46 -26.68
N SER I 86 -10.25 -19.55 -27.35
CA SER I 86 -10.34 -19.76 -28.81
C SER I 86 -9.56 -21.00 -29.23
N LEU I 87 -9.89 -22.14 -28.63
CA LEU I 87 -9.21 -23.41 -28.89
C LEU I 87 -9.48 -23.96 -30.29
N LYS I 88 -8.55 -24.76 -30.80
CA LYS I 88 -8.65 -25.35 -32.14
C LYS I 88 -8.31 -26.85 -32.07
N PRO I 89 -8.70 -27.66 -33.08
CA PRO I 89 -8.30 -29.09 -33.06
C PRO I 89 -6.79 -29.29 -33.05
N GLU I 90 -6.00 -28.31 -33.53
CA GLU I 90 -4.54 -28.35 -33.51
C GLU I 90 -3.96 -28.26 -32.09
N ASP I 91 -4.74 -27.75 -31.13
CA ASP I 91 -4.33 -27.68 -29.74
C ASP I 91 -4.64 -29.00 -28.98
N THR I 92 -5.26 -30.01 -29.65
CA THR I 92 -5.57 -31.29 -29.03
C THR I 92 -4.28 -32.03 -28.73
N ALA I 93 -3.91 -32.07 -27.46
CA ALA I 93 -2.70 -32.72 -26.99
C ALA I 93 -2.83 -33.01 -25.45
N VAL I 94 -1.88 -33.77 -24.86
CA VAL I 94 -1.88 -33.98 -23.43
C VAL I 94 -0.96 -32.92 -22.82
N TYR I 95 -1.46 -32.12 -21.88
CA TYR I 95 -0.73 -30.99 -21.31
C TYR I 95 -0.07 -31.27 -19.97
N TYR I 96 1.26 -31.02 -19.85
CA TYR I 96 2.02 -31.23 -18.61
C TYR I 96 2.60 -29.91 -18.12
N CYS I 97 2.67 -29.70 -16.80
CA CYS I 97 3.29 -28.49 -16.24
C CYS I 97 4.59 -28.88 -15.52
N ASN I 98 5.66 -28.09 -15.68
CA ASN I 98 6.95 -28.45 -15.08
C ASN I 98 7.98 -27.31 -15.01
N THR I 99 8.99 -27.46 -14.15
CA THR I 99 10.08 -26.50 -14.03
C THR I 99 11.20 -26.86 -15.01
N PRO I 100 12.02 -25.90 -15.45
CA PRO I 100 13.10 -26.22 -16.40
C PRO I 100 14.10 -27.25 -15.89
N SER I 101 14.40 -27.25 -14.59
CA SER I 101 15.33 -28.21 -14.00
C SER I 101 14.76 -29.63 -14.06
N ARG I 102 13.45 -29.77 -13.86
CA ARG I 102 12.82 -31.07 -13.96
C ARG I 102 12.77 -31.55 -15.41
N ARG I 103 12.63 -30.63 -16.39
CA ARG I 103 12.63 -30.93 -17.82
C ARG I 103 13.99 -31.53 -18.23
N ILE I 104 15.08 -30.98 -17.67
CA ILE I 104 16.43 -31.46 -17.93
C ILE I 104 16.65 -32.84 -17.30
N SER I 105 16.24 -33.01 -16.05
CA SER I 105 16.41 -34.28 -15.35
C SER I 105 15.31 -35.31 -15.69
N ASN I 106 14.38 -34.99 -16.63
CA ASN I 106 13.30 -35.84 -17.12
C ASN I 106 12.28 -36.27 -16.06
N PHE I 107 12.01 -35.41 -15.06
CA PHE I 107 11.02 -35.72 -14.03
C PHE I 107 9.72 -35.09 -14.48
N TRP I 108 8.80 -35.90 -14.99
CA TRP I 108 7.52 -35.38 -15.46
C TRP I 108 6.37 -35.89 -14.63
N GLY I 109 5.48 -34.98 -14.25
CA GLY I 109 4.33 -35.32 -13.43
C GLY I 109 3.17 -35.89 -14.21
N GLN I 110 1.96 -35.66 -13.71
CA GLN I 110 0.71 -36.14 -14.32
C GLN I 110 0.23 -35.13 -15.35
N GLY I 111 -0.33 -35.63 -16.44
CA GLY I 111 -0.84 -34.77 -17.50
C GLY I 111 -2.28 -34.99 -17.88
N THR I 112 -3.01 -33.90 -18.08
CA THR I 112 -4.40 -33.97 -18.46
C THR I 112 -4.56 -33.82 -19.97
N GLN I 113 -5.43 -34.64 -20.56
CA GLN I 113 -5.71 -34.66 -21.99
C GLN I 113 -6.72 -33.59 -22.36
N VAL I 114 -6.37 -32.72 -23.31
CA VAL I 114 -7.29 -31.70 -23.80
C VAL I 114 -7.69 -32.08 -25.22
N THR I 115 -8.97 -32.37 -25.44
CA THR I 115 -9.46 -32.76 -26.77
C THR I 115 -10.37 -31.65 -27.30
N VAL I 116 -10.05 -31.12 -28.50
CA VAL I 116 -10.88 -30.06 -29.08
C VAL I 116 -11.63 -30.59 -30.29
N SER I 117 -12.95 -30.69 -30.20
CA SER I 117 -13.78 -31.19 -31.28
C SER I 117 -13.98 -30.16 -32.38
N SER I 118 -14.11 -30.64 -33.62
CA SER I 118 -14.27 -29.81 -34.81
C SER I 118 -15.59 -29.03 -34.82
C1 NAG J . -28.43 -9.42 0.87
C2 NAG J . -27.89 -9.58 -0.56
C3 NAG J . -28.42 -10.82 -1.27
C4 NAG J . -28.27 -12.03 -0.35
C5 NAG J . -29.12 -11.83 0.90
C6 NAG J . -28.51 -12.42 2.16
C7 NAG J . -27.19 -7.65 -1.94
C8 NAG J . -25.78 -8.14 -1.84
N2 NAG J . -28.14 -8.39 -1.36
O3 NAG J . -27.65 -11.02 -2.45
O4 NAG J . -28.68 -13.20 -1.04
O5 NAG J . -29.43 -10.45 1.16
O6 NAG J . -28.36 -13.83 2.05
O7 NAG J . -27.46 -6.59 -2.51
C1 NAG K . -53.19 -19.35 32.69
C2 NAG K . -53.24 -20.72 31.99
C3 NAG K . -52.04 -21.61 32.36
C4 NAG K . -50.74 -20.81 32.39
C5 NAG K . -50.80 -19.63 33.35
C6 NAG K . -50.16 -18.36 32.83
C7 NAG K . -55.16 -22.12 31.40
C8 NAG K . -56.47 -22.68 31.87
N2 NAG K . -54.49 -21.39 32.29
O3 NAG K . -51.96 -22.65 31.40
O4 NAG K . -49.66 -21.65 32.80
O5 NAG K . -52.18 -19.32 33.73
O6 NAG K . -50.02 -17.35 33.82
O7 NAG K . -54.72 -22.33 30.27
C1 NAG L . -67.13 8.73 7.33
C2 NAG L . -68.31 7.91 7.88
C3 NAG L . -67.94 6.42 7.86
C4 NAG L . -67.36 5.98 6.51
C5 NAG L . -66.30 6.94 5.98
C6 NAG L . -65.93 6.67 4.55
C7 NAG L . -69.81 8.80 9.65
C8 NAG L . -70.94 8.74 8.67
N2 NAG L . -68.62 8.33 9.23
O3 NAG L . -69.09 5.64 8.18
O4 NAG L . -66.73 4.70 6.66
O5 NAG L . -66.82 8.29 6.01
O6 NAG L . -67.06 6.76 3.71
O7 NAG L . -69.95 9.30 10.77
C1 NAG M . -48.30 23.85 4.20
C2 NAG M . -49.47 24.77 3.85
C3 NAG M . -49.93 25.56 5.08
C4 NAG M . -50.09 24.69 6.32
C5 NAG M . -48.85 23.81 6.52
C6 NAG M . -48.99 22.84 7.68
C7 NAG M . -49.74 25.91 1.64
C8 NAG M . -51.10 25.28 1.51
N2 NAG M . -49.06 25.67 2.79
O3 NAG M . -51.18 26.18 4.76
O4 NAG M . -50.26 25.52 7.47
O5 NAG M . -48.64 23.04 5.33
O6 NAG M . -47.76 22.18 7.96
O7 NAG M . -49.24 26.57 0.73
CL CL N . -49.57 25.67 13.57
CL CL O . -23.91 12.88 28.03
C1 NAG P . -6.64 -7.00 -1.15
C2 NAG P . -5.57 -8.09 -1.03
C3 NAG P . -6.00 -9.13 0.00
C4 NAG P . -6.26 -8.43 1.33
C5 NAG P . -7.31 -7.33 1.17
C6 NAG P . -7.50 -6.53 2.44
C7 NAG P . -4.16 -8.58 -3.02
C8 NAG P . -3.08 -7.72 -2.41
N2 NAG P . -5.31 -8.71 -2.32
O3 NAG P . -4.97 -10.10 0.13
O4 NAG P . -6.68 -9.36 2.32
O5 NAG P . -6.89 -6.42 0.14
O6 NAG P . -8.30 -5.36 2.24
O7 NAG P . -3.99 -9.14 -4.09
C1 NAG Q . 26.44 22.43 0.87
C2 NAG Q . 27.67 22.39 -0.02
C3 NAG Q . 27.74 21.03 -0.73
C4 NAG Q . 27.64 19.88 0.28
C5 NAG Q . 26.46 20.07 1.23
C6 NAG Q . 26.45 19.07 2.37
C7 NAG Q . 28.38 24.60 -0.90
C8 NAG Q . 29.40 24.66 0.21
N2 NAG Q . 27.66 23.47 -0.99
O3 NAG Q . 28.94 20.94 -1.49
O4 NAG Q . 27.48 18.65 -0.41
O5 NAG Q . 26.51 21.38 1.83
O6 NAG Q . 27.55 19.28 3.25
O7 NAG Q . 28.20 25.55 -1.65
C1 NAG R . 4.70 29.02 8.50
C2 NAG R . 5.01 30.42 7.96
C3 NAG R . 6.01 31.11 8.87
C4 NAG R . 5.51 31.11 10.31
C5 NAG R . 5.11 29.70 10.76
C6 NAG R . 4.43 29.67 12.11
C7 NAG R . 4.64 30.52 5.52
C8 NAG R . 5.29 30.47 4.17
N2 NAG R . 5.47 30.39 6.58
O3 NAG R . 6.23 32.45 8.42
O4 NAG R . 6.51 31.61 11.19
O5 NAG R . 4.18 29.14 9.82
O6 NAG R . 3.93 28.37 12.41
O7 NAG R . 3.44 30.68 5.66
C1 NAG S . 16.60 -4.46 -20.11
C2 NAG S . 17.46 -4.17 -21.34
C3 NAG S . 17.78 -5.48 -22.08
C4 NAG S . 18.32 -6.55 -21.14
C5 NAG S . 17.36 -6.72 -19.98
C6 NAG S . 17.78 -7.74 -18.95
C7 NAG S . 15.96 -3.45 -23.24
C8 NAG S . 14.90 -4.48 -22.99
N2 NAG S . 16.84 -3.20 -22.24
O3 NAG S . 18.63 -5.23 -23.21
O4 NAG S . 18.44 -7.78 -21.85
O5 NAG S . 17.24 -5.46 -19.29
O6 NAG S . 17.12 -7.55 -17.69
O7 NAG S . 16.11 -2.95 -24.34
CL CL T . -9.70 15.88 -46.90
CL CL U . -18.23 20.76 -19.38
C1 NAG V . 22.53 9.22 -3.48
C2 NAG V . 22.81 10.68 -3.11
C3 NAG V . 22.35 11.03 -1.70
C4 NAG V . 20.88 10.67 -1.53
C5 NAG V . 20.75 9.16 -1.74
C6 NAG V . 19.31 8.68 -1.69
C7 NAG V . 25.21 11.25 -2.44
C8 NAG V . 25.28 10.32 -1.27
N2 NAG V . 24.21 11.07 -3.33
O3 NAG V . 22.53 12.43 -1.49
O4 NAG V . 20.46 11.01 -0.22
O5 NAG V . 21.20 8.86 -3.06
O6 NAG V . 19.12 7.47 -2.41
O7 NAG V . 25.98 12.19 -2.55
C1 NAG W . 22.78 -18.97 9.07
C2 NAG W . 21.37 -18.38 9.12
C3 NAG W . 20.41 -19.39 9.76
C4 NAG W . 20.51 -20.77 9.11
C5 NAG W . 21.97 -21.23 9.09
C6 NAG W . 22.18 -22.53 8.35
C7 NAG W . 21.47 -15.93 9.26
C8 NAG W . 21.42 -14.75 10.17
N2 NAG W . 21.34 -17.13 9.85
O3 NAG W . 19.08 -18.89 9.63
O4 NAG W . 19.74 -21.70 9.83
O5 NAG W . 22.76 -20.24 8.42
O6 NAG W . 22.20 -23.63 9.25
O7 NAG W . 21.64 -15.82 8.05
C1 NAG X . 30.24 17.89 -6.13
C2 NAG X . 29.63 19.28 -5.95
C3 NAG X . 28.80 19.33 -4.67
C4 NAG X . 27.75 18.21 -4.69
C5 NAG X . 28.39 16.85 -4.96
C6 NAG X . 27.35 15.76 -5.19
C7 NAG X . 31.64 20.55 -5.12
C8 NAG X . 32.53 21.72 -5.43
N2 NAG X . 30.63 20.35 -6.01
O3 NAG X . 28.17 20.60 -4.52
O4 NAG X . 27.03 18.15 -3.46
O5 NAG X . 29.20 16.90 -6.16
O6 NAG X . 27.92 14.48 -5.34
O7 NAG X . 31.80 19.85 -4.13
C1 NAG Y . 19.31 -7.78 -33.96
C2 NAG Y . 18.26 -6.99 -34.75
C3 NAG Y . 17.59 -5.96 -33.85
C4 NAG Y . 17.05 -6.62 -32.57
C5 NAG Y . 18.12 -7.47 -31.89
C6 NAG Y . 17.56 -8.31 -30.76
C7 NAG Y . 18.33 -6.44 -37.14
C8 NAG Y . 19.09 -5.74 -38.24
N2 NAG Y . 18.86 -6.36 -35.92
O3 NAG Y . 16.52 -5.34 -34.57
O4 NAG Y . 16.62 -5.61 -31.66
O5 NAG Y . 18.68 -8.40 -32.84
O6 NAG Y . 16.48 -9.13 -31.21
O7 NAG Y . 17.28 -7.05 -37.37
C1 NAG Z . 62.67 19.19 -3.67
C2 NAG Z . 63.85 18.27 -4.01
C3 NAG Z . 65.13 18.82 -3.40
C4 NAG Z . 65.34 20.29 -3.75
C5 NAG Z . 64.09 21.11 -3.43
C6 NAG Z . 64.16 22.57 -3.86
C7 NAG Z . 63.07 15.94 -4.28
C8 NAG Z . 62.91 14.61 -3.60
N2 NAG Z . 63.60 16.92 -3.54
O3 NAG Z . 66.26 18.05 -3.81
O4 NAG Z . 66.46 20.82 -3.03
O5 NAG Z . 62.95 20.53 -4.08
O6 NAG Z . 63.99 22.75 -5.26
O7 NAG Z . 62.71 16.12 -5.44
#